data_3DIH
# 
_entry.id   3DIH 
# 
_audit_conform.dict_name       mmcif_pdbx.dic 
_audit_conform.dict_version    5.397 
_audit_conform.dict_location   http://mmcif.pdb.org/dictionaries/ascii/mmcif_pdbx.dic 
# 
loop_
_database_2.database_id 
_database_2.database_code 
_database_2.pdbx_database_accession 
_database_2.pdbx_DOI 
PDB   3DIH         pdb_00003dih 10.2210/pdb3dih/pdb 
RCSB  RCSB048078   ?            ?                   
WWPDB D_1000048078 ?            ?                   
# 
loop_
_pdbx_audit_revision_history.ordinal 
_pdbx_audit_revision_history.data_content_type 
_pdbx_audit_revision_history.major_revision 
_pdbx_audit_revision_history.minor_revision 
_pdbx_audit_revision_history.revision_date 
1 'Structure model' 1 0 2008-08-05 
2 'Structure model' 1 1 2011-07-13 
3 'Structure model' 1 2 2024-10-16 
# 
_pdbx_audit_revision_details.ordinal             1 
_pdbx_audit_revision_details.revision_ordinal    1 
_pdbx_audit_revision_details.data_content_type   'Structure model' 
_pdbx_audit_revision_details.provider            repository 
_pdbx_audit_revision_details.type                'Initial release' 
_pdbx_audit_revision_details.description         ? 
_pdbx_audit_revision_details.details             ? 
# 
loop_
_pdbx_audit_revision_group.ordinal 
_pdbx_audit_revision_group.revision_ordinal 
_pdbx_audit_revision_group.data_content_type 
_pdbx_audit_revision_group.group 
1 2 'Structure model' 'Version format compliance' 
2 3 'Structure model' 'Data collection'           
3 3 'Structure model' 'Database references'       
4 3 'Structure model' 'Structure summary'         
# 
loop_
_pdbx_audit_revision_category.ordinal 
_pdbx_audit_revision_category.revision_ordinal 
_pdbx_audit_revision_category.data_content_type 
_pdbx_audit_revision_category.category 
1 3 'Structure model' chem_comp_atom            
2 3 'Structure model' chem_comp_bond            
3 3 'Structure model' database_2                
4 3 'Structure model' pdbx_entry_details        
5 3 'Structure model' pdbx_modification_feature 
# 
loop_
_pdbx_audit_revision_item.ordinal 
_pdbx_audit_revision_item.revision_ordinal 
_pdbx_audit_revision_item.data_content_type 
_pdbx_audit_revision_item.item 
1 3 'Structure model' '_database_2.pdbx_DOI'                         
2 3 'Structure model' '_database_2.pdbx_database_accession'          
3 3 'Structure model' '_pdbx_entry_details.has_protein_modification' 
# 
_pdbx_database_status.status_code                     REL 
_pdbx_database_status.entry_id                        3DIH 
_pdbx_database_status.recvd_initial_deposition_date   2008-06-20 
_pdbx_database_status.deposit_site                    RCSB 
_pdbx_database_status.process_site                    PDBJ 
_pdbx_database_status.status_code_sf                  REL 
_pdbx_database_status.status_code_mr                  ? 
_pdbx_database_status.SG_entry                        ? 
_pdbx_database_status.pdb_format_compatible           Y 
_pdbx_database_status.status_code_cs                  ? 
_pdbx_database_status.status_code_nmr_data            ? 
_pdbx_database_status.methods_development_category    ? 
# 
loop_
_audit_author.name 
_audit_author.pdbx_ordinal 
'Turk, D.'   1 
'Guncar, G.' 2 
'Krizaj, I.' 3 
# 
_citation.id                        primary 
_citation.title                     'Crystal structure of ammodytin L' 
_citation.journal_abbrev            'To be Published' 
_citation.journal_volume            ? 
_citation.page_first                ? 
_citation.page_last                 ? 
_citation.year                      ? 
_citation.journal_id_ASTM           ? 
_citation.country                   ? 
_citation.journal_id_ISSN           ? 
_citation.journal_id_CSD            0353 
_citation.book_publisher            ? 
_citation.pdbx_database_id_PubMed   ? 
_citation.pdbx_database_id_DOI      ? 
# 
loop_
_citation_author.citation_id 
_citation_author.name 
_citation_author.ordinal 
_citation_author.identifier_ORCID 
primary 'Turk, D.'   1 ? 
primary 'Guncar, G.' 2 ? 
primary 'Krizaj, I.' 3 ? 
# 
loop_
_entity.id 
_entity.type 
_entity.src_method 
_entity.pdbx_description 
_entity.formula_weight 
_entity.pdbx_number_of_molecules 
_entity.pdbx_ec 
_entity.pdbx_mutation 
_entity.pdbx_fragment 
_entity.details 
1 polymer nat 'Phospholipase A2 homolog, ammodytin L' 13897.074 1   ? ? ? ? 
2 water   nat water                                   18.015    104 ? ? ? ? 
# 
_entity_poly.entity_id                      1 
_entity_poly.type                           'polypeptide(L)' 
_entity_poly.nstd_linkage                   no 
_entity_poly.nstd_monomer                   no 
_entity_poly.pdbx_seq_one_letter_code       
;SVIEFGKMIQEETDKNPLTSYSFYGCHCGLGNKGKPKDATDRCCFVHSCCYAKLSDCSPKTNRYEYHRENGAIVCGSSTP
CKKQICECDRAAAICFRENLKTYNKKYKVYLRFKCKGVSEKC
;
_entity_poly.pdbx_seq_one_letter_code_can   
;SVIEFGKMIQEETDKNPLTSYSFYGCHCGLGNKGKPKDATDRCCFVHSCCYAKLSDCSPKTNRYEYHRENGAIVCGSSTP
CKKQICECDRAAAICFRENLKTYNKKYKVYLRFKCKGVSEKC
;
_entity_poly.pdbx_strand_id                 A 
_entity_poly.pdbx_target_identifier         ? 
# 
_pdbx_entity_nonpoly.entity_id   2 
_pdbx_entity_nonpoly.name        water 
_pdbx_entity_nonpoly.comp_id     HOH 
# 
loop_
_entity_poly_seq.entity_id 
_entity_poly_seq.num 
_entity_poly_seq.mon_id 
_entity_poly_seq.hetero 
1 1   SER n 
1 2   VAL n 
1 3   ILE n 
1 4   GLU n 
1 5   PHE n 
1 6   GLY n 
1 7   LYS n 
1 8   MET n 
1 9   ILE n 
1 10  GLN n 
1 11  GLU n 
1 12  GLU n 
1 13  THR n 
1 14  ASP n 
1 15  LYS n 
1 16  ASN n 
1 17  PRO n 
1 18  LEU n 
1 19  THR n 
1 20  SER n 
1 21  TYR n 
1 22  SER n 
1 23  PHE n 
1 24  TYR n 
1 25  GLY n 
1 26  CYS n 
1 27  HIS n 
1 28  CYS n 
1 29  GLY n 
1 30  LEU n 
1 31  GLY n 
1 32  ASN n 
1 33  LYS n 
1 34  GLY n 
1 35  LYS n 
1 36  PRO n 
1 37  LYS n 
1 38  ASP n 
1 39  ALA n 
1 40  THR n 
1 41  ASP n 
1 42  ARG n 
1 43  CYS n 
1 44  CYS n 
1 45  PHE n 
1 46  VAL n 
1 47  HIS n 
1 48  SER n 
1 49  CYS n 
1 50  CYS n 
1 51  TYR n 
1 52  ALA n 
1 53  LYS n 
1 54  LEU n 
1 55  SER n 
1 56  ASP n 
1 57  CYS n 
1 58  SER n 
1 59  PRO n 
1 60  LYS n 
1 61  THR n 
1 62  ASN n 
1 63  ARG n 
1 64  TYR n 
1 65  GLU n 
1 66  TYR n 
1 67  HIS n 
1 68  ARG n 
1 69  GLU n 
1 70  ASN n 
1 71  GLY n 
1 72  ALA n 
1 73  ILE n 
1 74  VAL n 
1 75  CYS n 
1 76  GLY n 
1 77  SER n 
1 78  SER n 
1 79  THR n 
1 80  PRO n 
1 81  CYS n 
1 82  LYS n 
1 83  LYS n 
1 84  GLN n 
1 85  ILE n 
1 86  CYS n 
1 87  GLU n 
1 88  CYS n 
1 89  ASP n 
1 90  ARG n 
1 91  ALA n 
1 92  ALA n 
1 93  ALA n 
1 94  ILE n 
1 95  CYS n 
1 96  PHE n 
1 97  ARG n 
1 98  GLU n 
1 99  ASN n 
1 100 LEU n 
1 101 LYS n 
1 102 THR n 
1 103 TYR n 
1 104 ASN n 
1 105 LYS n 
1 106 LYS n 
1 107 TYR n 
1 108 LYS n 
1 109 VAL n 
1 110 TYR n 
1 111 LEU n 
1 112 ARG n 
1 113 PHE n 
1 114 LYS n 
1 115 CYS n 
1 116 LYS n 
1 117 GLY n 
1 118 VAL n 
1 119 SER n 
1 120 GLU n 
1 121 LYS n 
1 122 CYS n 
# 
_entity_src_nat.entity_id                  1 
_entity_src_nat.pdbx_src_id                1 
_entity_src_nat.pdbx_alt_source_flag       sample 
_entity_src_nat.pdbx_beg_seq_num           ? 
_entity_src_nat.pdbx_end_seq_num           ? 
_entity_src_nat.common_name                'Western sand viper' 
_entity_src_nat.pdbx_organism_scientific   'Vipera ammodytes ammodytes' 
_entity_src_nat.pdbx_ncbi_taxonomy_id      8705 
_entity_src_nat.genus                      ? 
_entity_src_nat.species                    ? 
_entity_src_nat.strain                     ? 
_entity_src_nat.tissue                     ? 
_entity_src_nat.tissue_fraction            ? 
_entity_src_nat.pdbx_secretion             ? 
_entity_src_nat.pdbx_fragment              ? 
_entity_src_nat.pdbx_variant               ? 
_entity_src_nat.pdbx_cell_line             ? 
_entity_src_nat.pdbx_atcc                  ? 
_entity_src_nat.pdbx_cellular_location     ? 
_entity_src_nat.pdbx_organ                 ? 
_entity_src_nat.pdbx_organelle             ? 
_entity_src_nat.pdbx_cell                  ? 
_entity_src_nat.pdbx_plasmid_name          ? 
_entity_src_nat.pdbx_plasmid_details       ? 
_entity_src_nat.details                    ? 
# 
loop_
_chem_comp.id 
_chem_comp.type 
_chem_comp.mon_nstd_flag 
_chem_comp.name 
_chem_comp.pdbx_synonyms 
_chem_comp.formula 
_chem_comp.formula_weight 
ALA 'L-peptide linking' y ALANINE         ? 'C3 H7 N O2'     89.093  
ARG 'L-peptide linking' y ARGININE        ? 'C6 H15 N4 O2 1' 175.209 
ASN 'L-peptide linking' y ASPARAGINE      ? 'C4 H8 N2 O3'    132.118 
ASP 'L-peptide linking' y 'ASPARTIC ACID' ? 'C4 H7 N O4'     133.103 
CYS 'L-peptide linking' y CYSTEINE        ? 'C3 H7 N O2 S'   121.158 
GLN 'L-peptide linking' y GLUTAMINE       ? 'C5 H10 N2 O3'   146.144 
GLU 'L-peptide linking' y 'GLUTAMIC ACID' ? 'C5 H9 N O4'     147.129 
GLY 'peptide linking'   y GLYCINE         ? 'C2 H5 N O2'     75.067  
HIS 'L-peptide linking' y HISTIDINE       ? 'C6 H10 N3 O2 1' 156.162 
HOH non-polymer         . WATER           ? 'H2 O'           18.015  
ILE 'L-peptide linking' y ISOLEUCINE      ? 'C6 H13 N O2'    131.173 
LEU 'L-peptide linking' y LEUCINE         ? 'C6 H13 N O2'    131.173 
LYS 'L-peptide linking' y LYSINE          ? 'C6 H15 N2 O2 1' 147.195 
MET 'L-peptide linking' y METHIONINE      ? 'C5 H11 N O2 S'  149.211 
PHE 'L-peptide linking' y PHENYLALANINE   ? 'C9 H11 N O2'    165.189 
PRO 'L-peptide linking' y PROLINE         ? 'C5 H9 N O2'     115.130 
SER 'L-peptide linking' y SERINE          ? 'C3 H7 N O3'     105.093 
THR 'L-peptide linking' y THREONINE       ? 'C4 H9 N O3'     119.119 
TYR 'L-peptide linking' y TYROSINE        ? 'C9 H11 N O3'    181.189 
VAL 'L-peptide linking' y VALINE          ? 'C5 H11 N O2'    117.146 
# 
loop_
_pdbx_poly_seq_scheme.asym_id 
_pdbx_poly_seq_scheme.entity_id 
_pdbx_poly_seq_scheme.seq_id 
_pdbx_poly_seq_scheme.mon_id 
_pdbx_poly_seq_scheme.ndb_seq_num 
_pdbx_poly_seq_scheme.pdb_seq_num 
_pdbx_poly_seq_scheme.auth_seq_num 
_pdbx_poly_seq_scheme.pdb_mon_id 
_pdbx_poly_seq_scheme.auth_mon_id 
_pdbx_poly_seq_scheme.pdb_strand_id 
_pdbx_poly_seq_scheme.pdb_ins_code 
_pdbx_poly_seq_scheme.hetero 
A 1 1   SER 1   1   1   SER SER A . n 
A 1 2   VAL 2   2   2   VAL VAL A . n 
A 1 3   ILE 3   3   3   ILE ILE A . n 
A 1 4   GLU 4   4   4   GLU GLU A . n 
A 1 5   PHE 5   5   5   PHE PHE A . n 
A 1 6   GLY 6   6   6   GLY GLY A . n 
A 1 7   LYS 7   7   7   LYS LYS A . n 
A 1 8   MET 8   8   8   MET MET A . n 
A 1 9   ILE 9   9   9   ILE ILE A . n 
A 1 10  GLN 10  10  10  GLN GLN A . n 
A 1 11  GLU 11  11  11  GLU GLU A . n 
A 1 12  GLU 12  12  12  GLU GLU A . n 
A 1 13  THR 13  13  13  THR THR A . n 
A 1 14  ASP 14  14  14  ASP ASP A . n 
A 1 15  LYS 15  15  15  LYS LYS A . n 
A 1 16  ASN 16  16  16  ASN ASN A . n 
A 1 17  PRO 17  17  17  PRO PRO A . n 
A 1 18  LEU 18  18  18  LEU LEU A . n 
A 1 19  THR 19  19  19  THR THR A . n 
A 1 20  SER 20  20  20  SER SER A . n 
A 1 21  TYR 21  21  21  TYR TYR A . n 
A 1 22  SER 22  22  22  SER SER A . n 
A 1 23  PHE 23  23  23  PHE PHE A . n 
A 1 24  TYR 24  24  24  TYR TYR A . n 
A 1 25  GLY 25  25  25  GLY GLY A . n 
A 1 26  CYS 26  26  26  CYS CYS A . n 
A 1 27  HIS 27  27  27  HIS HIS A . n 
A 1 28  CYS 28  28  28  CYS CYS A . n 
A 1 29  GLY 29  29  29  GLY GLY A . n 
A 1 30  LEU 30  30  30  LEU LEU A . n 
A 1 31  GLY 31  31  31  GLY GLY A . n 
A 1 32  ASN 32  32  32  ASN ASN A . n 
A 1 33  LYS 33  33  33  LYS LYS A . n 
A 1 34  GLY 34  34  34  GLY GLY A . n 
A 1 35  LYS 35  35  35  LYS LYS A . n 
A 1 36  PRO 36  36  36  PRO PRO A . n 
A 1 37  LYS 37  37  37  LYS LYS A . n 
A 1 38  ASP 38  38  38  ASP ASP A . n 
A 1 39  ALA 39  39  39  ALA ALA A . n 
A 1 40  THR 40  40  40  THR THR A . n 
A 1 41  ASP 41  41  41  ASP ASP A . n 
A 1 42  ARG 42  42  42  ARG ARG A . n 
A 1 43  CYS 43  43  43  CYS CYS A . n 
A 1 44  CYS 44  44  44  CYS CYS A . n 
A 1 45  PHE 45  45  45  PHE PHE A . n 
A 1 46  VAL 46  46  46  VAL VAL A . n 
A 1 47  HIS 47  47  47  HIS HIS A . n 
A 1 48  SER 48  48  48  SER SER A . n 
A 1 49  CYS 49  49  49  CYS CYS A . n 
A 1 50  CYS 50  50  50  CYS CYS A . n 
A 1 51  TYR 51  51  51  TYR TYR A . n 
A 1 52  ALA 52  52  52  ALA ALA A . n 
A 1 53  LYS 53  53  53  LYS LYS A . n 
A 1 54  LEU 54  54  54  LEU LEU A . n 
A 1 55  SER 55  55  55  SER SER A . n 
A 1 56  ASP 56  56  56  ASP ASP A . n 
A 1 57  CYS 57  57  57  CYS CYS A . n 
A 1 58  SER 58  58  58  SER SER A . n 
A 1 59  PRO 59  59  59  PRO PRO A . n 
A 1 60  LYS 60  60  60  LYS LYS A . n 
A 1 61  THR 61  61  61  THR THR A . n 
A 1 62  ASN 62  62  62  ASN ASN A . n 
A 1 63  ARG 63  63  63  ARG ARG A . n 
A 1 64  TYR 64  64  64  TYR TYR A . n 
A 1 65  GLU 65  65  65  GLU GLU A . n 
A 1 66  TYR 66  66  66  TYR TYR A . n 
A 1 67  HIS 67  67  67  HIS HIS A . n 
A 1 68  ARG 68  68  68  ARG ARG A . n 
A 1 69  GLU 69  69  69  GLU GLU A . n 
A 1 70  ASN 70  70  70  ASN ASN A . n 
A 1 71  GLY 71  71  71  GLY GLY A . n 
A 1 72  ALA 72  72  72  ALA ALA A . n 
A 1 73  ILE 73  73  73  ILE ILE A . n 
A 1 74  VAL 74  74  74  VAL VAL A . n 
A 1 75  CYS 75  75  75  CYS CYS A . n 
A 1 76  GLY 76  76  76  GLY GLY A . n 
A 1 77  SER 77  77  77  SER SER A . n 
A 1 78  SER 78  78  78  SER SER A . n 
A 1 79  THR 79  79  79  THR THR A . n 
A 1 80  PRO 80  80  80  PRO PRO A . n 
A 1 81  CYS 81  81  81  CYS CYS A . n 
A 1 82  LYS 82  82  82  LYS LYS A . n 
A 1 83  LYS 83  83  83  LYS LYS A . n 
A 1 84  GLN 84  84  84  GLN GLN A . n 
A 1 85  ILE 85  85  85  ILE ILE A . n 
A 1 86  CYS 86  86  86  CYS CYS A . n 
A 1 87  GLU 87  87  87  GLU GLU A . n 
A 1 88  CYS 88  88  88  CYS CYS A . n 
A 1 89  ASP 89  89  89  ASP ASP A . n 
A 1 90  ARG 90  90  90  ARG ARG A . n 
A 1 91  ALA 91  91  91  ALA ALA A . n 
A 1 92  ALA 92  92  92  ALA ALA A . n 
A 1 93  ALA 93  93  93  ALA ALA A . n 
A 1 94  ILE 94  94  94  ILE ILE A . n 
A 1 95  CYS 95  95  95  CYS CYS A . n 
A 1 96  PHE 96  96  96  PHE PHE A . n 
A 1 97  ARG 97  97  97  ARG ARG A . n 
A 1 98  GLU 98  98  98  GLU GLU A . n 
A 1 99  ASN 99  99  99  ASN ASN A . n 
A 1 100 LEU 100 100 100 LEU LEU A . n 
A 1 101 LYS 101 101 101 LYS LYS A . n 
A 1 102 THR 102 102 102 THR THR A . n 
A 1 103 TYR 103 103 103 TYR TYR A . n 
A 1 104 ASN 104 104 104 ASN ASN A . n 
A 1 105 LYS 105 105 105 LYS LYS A . n 
A 1 106 LYS 106 106 106 LYS LYS A . n 
A 1 107 TYR 107 107 107 TYR TYR A . n 
A 1 108 LYS 108 108 108 LYS LYS A . n 
A 1 109 VAL 109 109 109 VAL VAL A . n 
A 1 110 TYR 110 110 110 TYR TYR A . n 
A 1 111 LEU 111 111 111 LEU LEU A . n 
A 1 112 ARG 112 112 112 ARG ARG A . n 
A 1 113 PHE 113 113 113 PHE PHE A . n 
A 1 114 LYS 114 114 114 LYS LYS A . n 
A 1 115 CYS 115 115 115 CYS CYS A . n 
A 1 116 LYS 116 116 116 LYS LYS A . n 
A 1 117 GLY 117 117 117 GLY GLY A . n 
A 1 118 VAL 118 118 118 VAL VAL A . n 
A 1 119 SER 119 119 119 SER SER A . n 
A 1 120 GLU 120 120 120 GLU GLU A . n 
A 1 121 LYS 121 121 121 LYS LYS A . n 
A 1 122 CYS 122 122 122 CYS CYS A . n 
# 
loop_
_pdbx_nonpoly_scheme.asym_id 
_pdbx_nonpoly_scheme.entity_id 
_pdbx_nonpoly_scheme.mon_id 
_pdbx_nonpoly_scheme.ndb_seq_num 
_pdbx_nonpoly_scheme.pdb_seq_num 
_pdbx_nonpoly_scheme.auth_seq_num 
_pdbx_nonpoly_scheme.pdb_mon_id 
_pdbx_nonpoly_scheme.auth_mon_id 
_pdbx_nonpoly_scheme.pdb_strand_id 
_pdbx_nonpoly_scheme.pdb_ins_code 
B 2 HOH 1   123 1   HOH HOH A . 
B 2 HOH 2   124 2   HOH HOH A . 
B 2 HOH 3   125 3   HOH HOH A . 
B 2 HOH 4   126 4   HOH HOH A . 
B 2 HOH 5   127 5   HOH HOH A . 
B 2 HOH 6   128 6   HOH HOH A . 
B 2 HOH 7   129 7   HOH HOH A . 
B 2 HOH 8   130 8   HOH HOH A . 
B 2 HOH 9   131 9   HOH HOH A . 
B 2 HOH 10  132 10  HOH HOH A . 
B 2 HOH 11  133 11  HOH HOH A . 
B 2 HOH 12  134 12  HOH HOH A . 
B 2 HOH 13  135 13  HOH HOH A . 
B 2 HOH 14  136 14  HOH HOH A . 
B 2 HOH 15  137 15  HOH HOH A . 
B 2 HOH 16  138 16  HOH HOH A . 
B 2 HOH 17  139 17  HOH HOH A . 
B 2 HOH 18  140 18  HOH HOH A . 
B 2 HOH 19  141 19  HOH HOH A . 
B 2 HOH 20  142 20  HOH HOH A . 
B 2 HOH 21  143 21  HOH HOH A . 
B 2 HOH 22  144 22  HOH HOH A . 
B 2 HOH 23  145 23  HOH HOH A . 
B 2 HOH 24  146 24  HOH HOH A . 
B 2 HOH 25  147 25  HOH HOH A . 
B 2 HOH 26  148 26  HOH HOH A . 
B 2 HOH 27  149 27  HOH HOH A . 
B 2 HOH 28  150 28  HOH HOH A . 
B 2 HOH 29  151 29  HOH HOH A . 
B 2 HOH 30  152 30  HOH HOH A . 
B 2 HOH 31  153 31  HOH HOH A . 
B 2 HOH 32  154 32  HOH HOH A . 
B 2 HOH 33  155 33  HOH HOH A . 
B 2 HOH 34  156 34  HOH HOH A . 
B 2 HOH 35  157 35  HOH HOH A . 
B 2 HOH 36  158 36  HOH HOH A . 
B 2 HOH 37  159 37  HOH HOH A . 
B 2 HOH 38  160 38  HOH HOH A . 
B 2 HOH 39  161 39  HOH HOH A . 
B 2 HOH 40  162 40  HOH HOH A . 
B 2 HOH 41  163 41  HOH HOH A . 
B 2 HOH 42  164 42  HOH HOH A . 
B 2 HOH 43  165 43  HOH HOH A . 
B 2 HOH 44  166 44  HOH HOH A . 
B 2 HOH 45  167 45  HOH HOH A . 
B 2 HOH 46  168 46  HOH HOH A . 
B 2 HOH 47  169 47  HOH HOH A . 
B 2 HOH 48  170 48  HOH HOH A . 
B 2 HOH 49  171 49  HOH HOH A . 
B 2 HOH 50  172 50  HOH HOH A . 
B 2 HOH 51  173 51  HOH HOH A . 
B 2 HOH 52  174 52  HOH HOH A . 
B 2 HOH 53  175 53  HOH HOH A . 
B 2 HOH 54  176 54  HOH HOH A . 
B 2 HOH 55  177 55  HOH HOH A . 
B 2 HOH 56  178 56  HOH HOH A . 
B 2 HOH 57  179 57  HOH HOH A . 
B 2 HOH 58  180 58  HOH HOH A . 
B 2 HOH 59  181 59  HOH HOH A . 
B 2 HOH 60  182 60  HOH HOH A . 
B 2 HOH 61  183 61  HOH HOH A . 
B 2 HOH 62  184 62  HOH HOH A . 
B 2 HOH 63  185 63  HOH HOH A . 
B 2 HOH 64  186 64  HOH HOH A . 
B 2 HOH 65  187 65  HOH HOH A . 
B 2 HOH 66  188 66  HOH HOH A . 
B 2 HOH 67  189 67  HOH HOH A . 
B 2 HOH 68  190 68  HOH HOH A . 
B 2 HOH 69  191 69  HOH HOH A . 
B 2 HOH 70  192 70  HOH HOH A . 
B 2 HOH 71  193 71  HOH HOH A . 
B 2 HOH 72  194 72  HOH HOH A . 
B 2 HOH 73  195 73  HOH HOH A . 
B 2 HOH 74  196 74  HOH HOH A . 
B 2 HOH 75  197 75  HOH HOH A . 
B 2 HOH 76  198 76  HOH HOH A . 
B 2 HOH 77  199 77  HOH HOH A . 
B 2 HOH 78  200 78  HOH HOH A . 
B 2 HOH 79  201 79  HOH HOH A . 
B 2 HOH 80  202 80  HOH HOH A . 
B 2 HOH 81  203 81  HOH HOH A . 
B 2 HOH 82  204 82  HOH HOH A . 
B 2 HOH 83  205 83  HOH HOH A . 
B 2 HOH 84  206 84  HOH HOH A . 
B 2 HOH 85  207 85  HOH HOH A . 
B 2 HOH 86  208 86  HOH HOH A . 
B 2 HOH 87  209 87  HOH HOH A . 
B 2 HOH 88  210 88  HOH HOH A . 
B 2 HOH 89  211 89  HOH HOH A . 
B 2 HOH 90  212 90  HOH HOH A . 
B 2 HOH 91  213 91  HOH HOH A . 
B 2 HOH 92  214 92  HOH HOH A . 
B 2 HOH 93  215 93  HOH HOH A . 
B 2 HOH 94  216 94  HOH HOH A . 
B 2 HOH 95  217 95  HOH HOH A . 
B 2 HOH 96  218 96  HOH HOH A . 
B 2 HOH 97  219 97  HOH HOH A . 
B 2 HOH 98  220 98  HOH HOH A . 
B 2 HOH 99  221 99  HOH HOH A . 
B 2 HOH 100 222 100 HOH HOH A . 
B 2 HOH 101 223 101 HOH HOH A . 
B 2 HOH 102 224 102 HOH HOH A . 
B 2 HOH 103 225 103 HOH HOH A . 
B 2 HOH 104 226 105 HOH HOH A . 
# 
loop_
_pdbx_unobs_or_zero_occ_atoms.id 
_pdbx_unobs_or_zero_occ_atoms.PDB_model_num 
_pdbx_unobs_or_zero_occ_atoms.polymer_flag 
_pdbx_unobs_or_zero_occ_atoms.occupancy_flag 
_pdbx_unobs_or_zero_occ_atoms.auth_asym_id 
_pdbx_unobs_or_zero_occ_atoms.auth_comp_id 
_pdbx_unobs_or_zero_occ_atoms.auth_seq_id 
_pdbx_unobs_or_zero_occ_atoms.PDB_ins_code 
_pdbx_unobs_or_zero_occ_atoms.auth_atom_id 
_pdbx_unobs_or_zero_occ_atoms.label_alt_id 
_pdbx_unobs_or_zero_occ_atoms.label_asym_id 
_pdbx_unobs_or_zero_occ_atoms.label_comp_id 
_pdbx_unobs_or_zero_occ_atoms.label_seq_id 
_pdbx_unobs_or_zero_occ_atoms.label_atom_id 
1  1 Y 0 A LYS 33  ? CD ? A LYS 33  CD 
2  1 Y 0 A LYS 33  ? CE ? A LYS 33  CE 
3  1 Y 0 A LYS 33  ? NZ ? A LYS 33  NZ 
4  1 Y 0 A LYS 35  ? CE ? A LYS 35  CE 
5  1 Y 0 A LYS 35  ? NZ ? A LYS 35  NZ 
6  1 Y 0 A LYS 53  ? CE ? A LYS 53  CE 
7  1 Y 0 A LYS 53  ? NZ ? A LYS 53  NZ 
8  1 Y 0 A LYS 105 ? CD ? A LYS 105 CD 
9  1 Y 0 A LYS 105 ? CE ? A LYS 105 CE 
10 1 Y 0 A LYS 105 ? NZ ? A LYS 105 NZ 
11 1 Y 0 A LYS 106 ? CD ? A LYS 106 CD 
12 1 Y 0 A LYS 106 ? CE ? A LYS 106 CE 
13 1 Y 0 A LYS 106 ? NZ ? A LYS 106 NZ 
14 1 Y 0 A LYS 121 ? CE ? A LYS 121 CE 
15 1 Y 0 A LYS 121 ? NZ ? A LYS 121 NZ 
# 
loop_
_software.name 
_software.classification 
_software.version 
_software.citation_id 
_software.pdbx_ordinal 
AMoRE             phasing          . ? 1 
MAIN              refinement       . ? 2 
MOSFLM            'data reduction' . ? 3 
rotavata/agrovata 'data scaling'   . ? 4 
# 
_cell.entry_id           3DIH 
_cell.length_a           120.500 
_cell.length_b           120.500 
_cell.length_c           63.150 
_cell.angle_alpha        90.00 
_cell.angle_beta         90.00 
_cell.angle_gamma        120.00 
_cell.Z_PDB              18 
_cell.pdbx_unique_axis   ? 
_cell.length_a_esd       ? 
_cell.length_b_esd       ? 
_cell.length_c_esd       ? 
_cell.angle_alpha_esd    ? 
_cell.angle_beta_esd     ? 
_cell.angle_gamma_esd    ? 
# 
_symmetry.entry_id                         3DIH 
_symmetry.space_group_name_H-M             'H 3 2' 
_symmetry.pdbx_full_space_group_name_H-M   ? 
_symmetry.cell_setting                     ? 
_symmetry.Int_Tables_number                155 
_symmetry.space_group_name_Hall            ? 
# 
_exptl.entry_id          3DIH 
_exptl.method            'X-RAY DIFFRACTION' 
_exptl.crystals_number   1 
# 
_exptl_crystal.id                    1 
_exptl_crystal.density_meas          ? 
_exptl_crystal.density_Matthews      3.17 
_exptl_crystal.density_percent_sol   61.25 
_exptl_crystal.description           ? 
_exptl_crystal.F_000                 ? 
_exptl_crystal.preparation           ? 
# 
_exptl_crystal_grow.crystal_id      1 
_exptl_crystal_grow.method          'VAPOR DIFFUSION, SITTING DROP' 
_exptl_crystal_grow.temp            293 
_exptl_crystal_grow.temp_details    ? 
_exptl_crystal_grow.pH              9 
_exptl_crystal_grow.pdbx_details    '0.2M glycine, pH 9, 1M NaCl, VAPOR DIFFUSION, SITTING DROP, temperature 293K' 
_exptl_crystal_grow.pdbx_pH_range   . 
# 
_diffrn.id                     1 
_diffrn.ambient_temp           298 
_diffrn.ambient_temp_details   ? 
_diffrn.crystal_id             1 
# 
_diffrn_detector.diffrn_id              1 
_diffrn_detector.detector               'AREA DETECTOR' 
_diffrn_detector.type                   'ENRAF-NONIUS FAST' 
_diffrn_detector.pdbx_collection_date   1994-08-17 
_diffrn_detector.details                ? 
# 
_diffrn_radiation.diffrn_id                        1 
_diffrn_radiation.wavelength_id                    1 
_diffrn_radiation.pdbx_monochromatic_or_laue_m_l   M 
_diffrn_radiation.monochromator                    graphite 
_diffrn_radiation.pdbx_diffrn_protocol             'SINGLE WAVELENGTH' 
_diffrn_radiation.pdbx_scattering_type             x-ray 
# 
_diffrn_radiation_wavelength.id           1 
_diffrn_radiation_wavelength.wavelength   1.5418 
_diffrn_radiation_wavelength.wt           1.0 
# 
_diffrn_source.diffrn_id                   1 
_diffrn_source.source                      'ROTATING ANODE' 
_diffrn_source.type                        'RIGAKU RU200' 
_diffrn_source.pdbx_synchrotron_site       ? 
_diffrn_source.pdbx_synchrotron_beamline   ? 
_diffrn_source.pdbx_wavelength             ? 
_diffrn_source.pdbx_wavelength_list        1.5418 
# 
_reflns.entry_id                     3DIH 
_reflns.observed_criterion_sigma_F   0 
_reflns.observed_criterion_sigma_I   0 
_reflns.d_resolution_high            2.6 
_reflns.d_resolution_low             22.8 
_reflns.number_all                   5349 
_reflns.number_obs                   5349 
_reflns.percent_possible_obs         96.9 
_reflns.pdbx_Rmerge_I_obs            ? 
_reflns.pdbx_Rsym_value              0.09 
_reflns.pdbx_netI_over_sigmaI        7.7 
_reflns.B_iso_Wilson_estimate        38 
_reflns.pdbx_redundancy              5.8 
_reflns.R_free_details               ? 
_reflns.limit_h_max                  ? 
_reflns.limit_h_min                  ? 
_reflns.limit_k_max                  ? 
_reflns.limit_k_min                  ? 
_reflns.limit_l_max                  ? 
_reflns.limit_l_min                  ? 
_reflns.observed_criterion_F_max     ? 
_reflns.observed_criterion_F_min     ? 
_reflns.pdbx_chi_squared             ? 
_reflns.pdbx_scaling_rejects         ? 
_reflns.pdbx_diffrn_id               1 
_reflns.pdbx_ordinal                 1 
# 
_reflns_shell.d_res_high             2.6 
_reflns_shell.d_res_low              2.69 
_reflns_shell.percent_possible_all   94.4 
_reflns_shell.Rmerge_I_obs           ? 
_reflns_shell.pdbx_Rsym_value        0.268 
_reflns_shell.meanI_over_sigI_obs    2.8 
_reflns_shell.pdbx_redundancy        5.9 
_reflns_shell.percent_possible_obs   ? 
_reflns_shell.number_unique_all      498 
_reflns_shell.number_measured_all    ? 
_reflns_shell.number_measured_obs    ? 
_reflns_shell.number_unique_obs      ? 
_reflns_shell.pdbx_chi_squared       ? 
_reflns_shell.pdbx_diffrn_id         ? 
_reflns_shell.pdbx_ordinal           1 
# 
_refine.entry_id                                 3DIH 
_refine.ls_d_res_high                            2.6 
_refine.ls_d_res_low                             21.34 
_refine.pdbx_ls_sigma_F                          0 
_refine.pdbx_ls_sigma_I                          0 
_refine.ls_number_reflns_all                     5349 
_refine.ls_number_reflns_obs                     5323 
_refine.ls_number_reflns_R_free                  256 
_refine.ls_percent_reflns_obs                    ? 
_refine.ls_R_factor_all                          0.159 
_refine.ls_R_factor_obs                          0.159 
_refine.ls_R_factor_R_work                       0.156 
_refine.ls_R_factor_R_free                       0.226 
_refine.ls_redundancy_reflns_obs                 ? 
_refine.pdbx_data_cutoff_high_absF               ? 
_refine.pdbx_data_cutoff_low_absF                ? 
_refine.ls_number_parameters                     ? 
_refine.ls_number_restraints                     ? 
_refine.ls_percent_reflns_R_free                 ? 
_refine.ls_R_factor_R_free_error                 ? 
_refine.ls_R_factor_R_free_error_details         ? 
_refine.pdbx_method_to_determine_struct          'MOLECULAR REPLACEMENT' 
_refine.pdbx_starting_model                      ? 
_refine.pdbx_ls_cross_valid_method               THROUGHOUT 
_refine.pdbx_R_Free_selection_details            random 
_refine.pdbx_stereochem_target_val_spec_case     ? 
_refine.pdbx_stereochemistry_target_values       'Engh & Huber' 
_refine.solvent_model_details                    ? 
_refine.solvent_model_param_bsol                 ? 
_refine.solvent_model_param_ksol                 ? 
_refine.occupancy_max                            ? 
_refine.occupancy_min                            ? 
_refine.pdbx_isotropic_thermal_model             ? 
_refine.B_iso_mean                               27.3 
_refine.aniso_B[1][1]                            -0.31 
_refine.aniso_B[1][2]                            0.26 
_refine.aniso_B[1][3]                            0 
_refine.aniso_B[2][2]                            -0.31 
_refine.aniso_B[2][3]                            0 
_refine.aniso_B[3][3]                            0.62 
_refine.details                                  ? 
_refine.B_iso_min                                ? 
_refine.B_iso_max                                ? 
_refine.correlation_coeff_Fo_to_Fc               ? 
_refine.correlation_coeff_Fo_to_Fc_free          ? 
_refine.pdbx_solvent_vdw_probe_radii             ? 
_refine.pdbx_solvent_ion_probe_radii             ? 
_refine.pdbx_solvent_shrinkage_radii             ? 
_refine.overall_SU_R_Cruickshank_DPI             ? 
_refine.overall_SU_R_free                        ? 
_refine.overall_SU_ML                            ? 
_refine.overall_SU_B                             ? 
_refine.pdbx_overall_ESU_R_Free                  ? 
_refine.pdbx_data_cutoff_high_rms_absF           ? 
_refine.pdbx_overall_ESU_R                       ? 
_refine.ls_wR_factor_R_free                      ? 
_refine.ls_wR_factor_R_work                      ? 
_refine.overall_FOM_free_R_set                   ? 
_refine.overall_FOM_work_R_set                   ? 
_refine.pdbx_overall_phase_error                 ? 
_refine.pdbx_refine_id                           'X-RAY DIFFRACTION' 
_refine.pdbx_diffrn_id                           1 
_refine.pdbx_TLS_residual_ADP_flag               ? 
_refine.pdbx_overall_SU_R_free_Cruickshank_DPI   ? 
_refine.pdbx_overall_SU_R_Blow_DPI               ? 
_refine.pdbx_overall_SU_R_free_Blow_DPI          ? 
# 
_refine_hist.pdbx_refine_id                   'X-RAY DIFFRACTION' 
_refine_hist.cycle_id                         LAST 
_refine_hist.pdbx_number_atoms_protein        963 
_refine_hist.pdbx_number_atoms_nucleic_acid   0 
_refine_hist.pdbx_number_atoms_ligand         0 
_refine_hist.number_atoms_solvent             104 
_refine_hist.number_atoms_total               1067 
_refine_hist.d_res_high                       2.6 
_refine_hist.d_res_low                        21.34 
# 
loop_
_refine_ls_restr.type 
_refine_ls_restr.dev_ideal 
_refine_ls_restr.dev_ideal_target 
_refine_ls_restr.weight 
_refine_ls_restr.number 
_refine_ls_restr.pdbx_refine_id 
_refine_ls_restr.pdbx_restraint_function 
o_bond_d                0.19 ? ? ? 'X-RAY DIFFRACTION' ? 
o_bond_d_na             ?    ? ? ? 'X-RAY DIFFRACTION' ? 
o_bond_d_prot           ?    ? ? ? 'X-RAY DIFFRACTION' ? 
o_angle_d               ?    ? ? ? 'X-RAY DIFFRACTION' ? 
o_angle_d_na            ?    ? ? ? 'X-RAY DIFFRACTION' ? 
o_angle_d_prot          ?    ? ? ? 'X-RAY DIFFRACTION' ? 
o_angle_deg             2.00 ? ? ? 'X-RAY DIFFRACTION' ? 
o_angle_deg_na          ?    ? ? ? 'X-RAY DIFFRACTION' ? 
o_angle_deg_prot        ?    ? ? ? 'X-RAY DIFFRACTION' ? 
o_dihedral_angle_d      ?    ? ? ? 'X-RAY DIFFRACTION' ? 
o_dihedral_angle_d_na   ?    ? ? ? 'X-RAY DIFFRACTION' ? 
o_dihedral_angle_d_prot ?    ? ? ? 'X-RAY DIFFRACTION' ? 
o_improper_angle_d      ?    ? ? ? 'X-RAY DIFFRACTION' ? 
o_improper_angle_d_na   ?    ? ? ? 'X-RAY DIFFRACTION' ? 
o_improper_angle_d_prot ?    ? ? ? 'X-RAY DIFFRACTION' ? 
o_mcbond_it             ?    ? ? ? 'X-RAY DIFFRACTION' ? 
o_mcangle_it            ?    ? ? ? 'X-RAY DIFFRACTION' ? 
o_scbond_it             ?    ? ? ? 'X-RAY DIFFRACTION' ? 
o_scangle_it            ?    ? ? ? 'X-RAY DIFFRACTION' ? 
# 
_refine_ls_shell.pdbx_total_number_of_bins_used   ? 
_refine_ls_shell.d_res_high                       2.6 
_refine_ls_shell.d_res_low                        2.69 
_refine_ls_shell.number_reflns_R_work             ? 
_refine_ls_shell.R_factor_R_work                  0.185 
_refine_ls_shell.percent_reflns_obs               ? 
_refine_ls_shell.R_factor_R_free                  0.268 
_refine_ls_shell.R_factor_R_free_error            ? 
_refine_ls_shell.percent_reflns_R_free            ? 
_refine_ls_shell.number_reflns_R_free             23 
_refine_ls_shell.number_reflns_all                ? 
_refine_ls_shell.R_factor_all                     ? 
_refine_ls_shell.number_reflns_obs                493 
_refine_ls_shell.redundancy_reflns_obs            ? 
_refine_ls_shell.pdbx_refine_id                   'X-RAY DIFFRACTION' 
# 
_struct.entry_id                  3DIH 
_struct.title                     'Crystal structure of ammodytin L' 
_struct.pdbx_model_details        ? 
_struct.pdbx_CASP_flag            ? 
_struct.pdbx_model_type_details   ? 
# 
_struct_keywords.entry_id        3DIH 
_struct_keywords.pdbx_keywords   TOXIN 
_struct_keywords.text            'phospholipase A2 fold, Myotoxin, Secreted, Toxin' 
# 
loop_
_struct_asym.id 
_struct_asym.pdbx_blank_PDB_chainid_flag 
_struct_asym.pdbx_modified 
_struct_asym.entity_id 
_struct_asym.details 
A N N 1 ? 
B N N 2 ? 
# 
_struct_ref.id                         1 
_struct_ref.db_name                    UNP 
_struct_ref.db_code                    PA2L_VIPAA 
_struct_ref.pdbx_db_accession          P17935 
_struct_ref.entity_id                  1 
_struct_ref.pdbx_seq_one_letter_code   
;SVIEFGKMIQEETDKNPLTSYSFYGCHCGLGNKGKPKDATDRCCFVHSCCYAKLSDCSPKTNRYEYHRENGAIVCGSSTP
CKKQICECDRAAAICFRENLKTYNKKYKVYLRFKCKGVSEKC
;
_struct_ref.pdbx_align_begin           17 
_struct_ref.pdbx_db_isoform            ? 
# 
_struct_ref_seq.align_id                      1 
_struct_ref_seq.ref_id                        1 
_struct_ref_seq.pdbx_PDB_id_code              3DIH 
_struct_ref_seq.pdbx_strand_id                A 
_struct_ref_seq.seq_align_beg                 1 
_struct_ref_seq.pdbx_seq_align_beg_ins_code   ? 
_struct_ref_seq.seq_align_end                 122 
_struct_ref_seq.pdbx_seq_align_end_ins_code   ? 
_struct_ref_seq.pdbx_db_accession             P17935 
_struct_ref_seq.db_align_beg                  17 
_struct_ref_seq.pdbx_db_align_beg_ins_code    ? 
_struct_ref_seq.db_align_end                  138 
_struct_ref_seq.pdbx_db_align_end_ins_code    ? 
_struct_ref_seq.pdbx_auth_seq_align_beg       1 
_struct_ref_seq.pdbx_auth_seq_align_end       122 
# 
loop_
_pdbx_struct_assembly.id 
_pdbx_struct_assembly.details 
_pdbx_struct_assembly.method_details 
_pdbx_struct_assembly.oligomeric_details 
_pdbx_struct_assembly.oligomeric_count 
1 author_defined_assembly   ?    monomeric 1 
2 software_defined_assembly PISA dimeric   2 
# 
loop_
_pdbx_struct_assembly_prop.biol_id 
_pdbx_struct_assembly_prop.type 
_pdbx_struct_assembly_prop.value 
_pdbx_struct_assembly_prop.details 
2 'ABSA (A^2)' 1600  ? 
2 MORE         -19   ? 
2 'SSA (A^2)'  12980 ? 
# 
loop_
_pdbx_struct_assembly_gen.assembly_id 
_pdbx_struct_assembly_gen.oper_expression 
_pdbx_struct_assembly_gen.asym_id_list 
1 1   A,B 
2 1,2 A,B 
# 
loop_
_pdbx_struct_oper_list.id 
_pdbx_struct_oper_list.type 
_pdbx_struct_oper_list.name 
_pdbx_struct_oper_list.symmetry_operation 
_pdbx_struct_oper_list.matrix[1][1] 
_pdbx_struct_oper_list.matrix[1][2] 
_pdbx_struct_oper_list.matrix[1][3] 
_pdbx_struct_oper_list.vector[1] 
_pdbx_struct_oper_list.matrix[2][1] 
_pdbx_struct_oper_list.matrix[2][2] 
_pdbx_struct_oper_list.matrix[2][3] 
_pdbx_struct_oper_list.vector[2] 
_pdbx_struct_oper_list.matrix[3][1] 
_pdbx_struct_oper_list.matrix[3][2] 
_pdbx_struct_oper_list.matrix[3][3] 
_pdbx_struct_oper_list.vector[3] 
1 'identity operation'         1_555  x,y,z                  1.0000000000  0.0000000000  0.0000000000 0.0000000000  0.0000000000  1.0000000000  0.0000000000  0.0000000000  0.0000000000 0.0000000000  1.0000000000 0.0000000000  
2 'crystal symmetry operation' 18_654 -x+4/3,-x+y+2/3,-z-1/3 -0.0985410053 -0.2642939052 0.9593948103 14.8610116949 -0.2642939052 -0.9225130941 -0.2812797948 15.3382515873 0.9593948103 -0.2812797948 0.0210540994 -9.7382080374 
# 
_struct_biol.id        1 
_struct_biol.details   
;this can sometimes form a homodimer, but the depositors don't know what is biologically active form.
;
# 
loop_
_struct_conf.conf_type_id 
_struct_conf.id 
_struct_conf.pdbx_PDB_helix_id 
_struct_conf.beg_label_comp_id 
_struct_conf.beg_label_asym_id 
_struct_conf.beg_label_seq_id 
_struct_conf.pdbx_beg_PDB_ins_code 
_struct_conf.end_label_comp_id 
_struct_conf.end_label_asym_id 
_struct_conf.end_label_seq_id 
_struct_conf.pdbx_end_PDB_ins_code 
_struct_conf.beg_auth_comp_id 
_struct_conf.beg_auth_asym_id 
_struct_conf.beg_auth_seq_id 
_struct_conf.end_auth_comp_id 
_struct_conf.end_auth_asym_id 
_struct_conf.end_auth_seq_id 
_struct_conf.pdbx_PDB_helix_class 
_struct_conf.details 
_struct_conf.pdbx_PDB_helix_length 
HELX_P HELX_P1 1 SER A 1   ? ASP A 14  ? SER A 1   ASP A 14  1 ? 14 
HELX_P HELX_P2 2 ASN A 16  ? SER A 22  ? ASN A 16  SER A 22  1 ? 7  
HELX_P HELX_P3 3 ASP A 38  ? LYS A 53  ? ASP A 38  LYS A 53  1 ? 16 
HELX_P HELX_P4 4 LEU A 54  ? SER A 58  ? LEU A 54  SER A 58  5 ? 5  
HELX_P HELX_P5 5 THR A 79  ? ASN A 99  ? THR A 79  ASN A 99  1 ? 21 
HELX_P HELX_P6 6 LEU A 100 ? TYR A 103 ? LEU A 100 TYR A 103 5 ? 4  
HELX_P HELX_P7 7 ASN A 104 ? LYS A 108 ? ASN A 104 LYS A 108 5 ? 5  
HELX_P HELX_P8 8 LEU A 111 ? CYS A 115 ? LEU A 111 CYS A 115 5 ? 5  
# 
_struct_conf_type.id          HELX_P 
_struct_conf_type.criteria    ? 
_struct_conf_type.reference   ? 
# 
loop_
_struct_conn.id 
_struct_conn.conn_type_id 
_struct_conn.pdbx_leaving_atom_flag 
_struct_conn.pdbx_PDB_id 
_struct_conn.ptnr1_label_asym_id 
_struct_conn.ptnr1_label_comp_id 
_struct_conn.ptnr1_label_seq_id 
_struct_conn.ptnr1_label_atom_id 
_struct_conn.pdbx_ptnr1_label_alt_id 
_struct_conn.pdbx_ptnr1_PDB_ins_code 
_struct_conn.pdbx_ptnr1_standard_comp_id 
_struct_conn.ptnr1_symmetry 
_struct_conn.ptnr2_label_asym_id 
_struct_conn.ptnr2_label_comp_id 
_struct_conn.ptnr2_label_seq_id 
_struct_conn.ptnr2_label_atom_id 
_struct_conn.pdbx_ptnr2_label_alt_id 
_struct_conn.pdbx_ptnr2_PDB_ins_code 
_struct_conn.ptnr1_auth_asym_id 
_struct_conn.ptnr1_auth_comp_id 
_struct_conn.ptnr1_auth_seq_id 
_struct_conn.ptnr2_auth_asym_id 
_struct_conn.ptnr2_auth_comp_id 
_struct_conn.ptnr2_auth_seq_id 
_struct_conn.ptnr2_symmetry 
_struct_conn.pdbx_ptnr3_label_atom_id 
_struct_conn.pdbx_ptnr3_label_seq_id 
_struct_conn.pdbx_ptnr3_label_comp_id 
_struct_conn.pdbx_ptnr3_label_asym_id 
_struct_conn.pdbx_ptnr3_label_alt_id 
_struct_conn.pdbx_ptnr3_PDB_ins_code 
_struct_conn.details 
_struct_conn.pdbx_dist_value 
_struct_conn.pdbx_value_order 
_struct_conn.pdbx_role 
disulf1 disulf ? ? A CYS 26 SG ? ? ? 1_555 A CYS 115 SG ? ? A CYS 26 A CYS 115 1_555 ? ? ? ? ? ? ? 2.036 ? ? 
disulf2 disulf ? ? A CYS 28 SG ? ? ? 1_555 A CYS 44  SG ? ? A CYS 28 A CYS 44  1_555 ? ? ? ? ? ? ? 2.034 ? ? 
disulf3 disulf ? ? A CYS 43 SG ? ? ? 1_555 A CYS 95  SG ? ? A CYS 43 A CYS 95  1_555 ? ? ? ? ? ? ? 2.019 ? ? 
disulf4 disulf ? ? A CYS 49 SG ? ? ? 1_555 A CYS 122 SG ? ? A CYS 49 A CYS 122 1_555 ? ? ? ? ? ? ? 2.038 ? ? 
disulf5 disulf ? ? A CYS 50 SG ? ? ? 1_555 A CYS 88  SG ? ? A CYS 50 A CYS 88  1_555 ? ? ? ? ? ? ? 2.026 ? ? 
disulf6 disulf ? ? A CYS 57 SG ? ? ? 1_555 A CYS 81  SG ? ? A CYS 57 A CYS 81  1_555 ? ? ? ? ? ? ? 2.021 ? ? 
disulf7 disulf ? ? A CYS 75 SG ? ? ? 1_555 A CYS 86  SG ? ? A CYS 75 A CYS 86  1_555 ? ? ? ? ? ? ? 2.037 ? ? 
# 
_struct_conn_type.id          disulf 
_struct_conn_type.criteria    ? 
_struct_conn_type.reference   ? 
# 
loop_
_pdbx_modification_feature.ordinal 
_pdbx_modification_feature.label_comp_id 
_pdbx_modification_feature.label_asym_id 
_pdbx_modification_feature.label_seq_id 
_pdbx_modification_feature.label_alt_id 
_pdbx_modification_feature.modified_residue_label_comp_id 
_pdbx_modification_feature.modified_residue_label_asym_id 
_pdbx_modification_feature.modified_residue_label_seq_id 
_pdbx_modification_feature.modified_residue_label_alt_id 
_pdbx_modification_feature.auth_comp_id 
_pdbx_modification_feature.auth_asym_id 
_pdbx_modification_feature.auth_seq_id 
_pdbx_modification_feature.PDB_ins_code 
_pdbx_modification_feature.symmetry 
_pdbx_modification_feature.modified_residue_auth_comp_id 
_pdbx_modification_feature.modified_residue_auth_asym_id 
_pdbx_modification_feature.modified_residue_auth_seq_id 
_pdbx_modification_feature.modified_residue_PDB_ins_code 
_pdbx_modification_feature.modified_residue_symmetry 
_pdbx_modification_feature.comp_id_linking_atom 
_pdbx_modification_feature.modified_residue_id_linking_atom 
_pdbx_modification_feature.modified_residue_id 
_pdbx_modification_feature.ref_pcm_id 
_pdbx_modification_feature.ref_comp_id 
_pdbx_modification_feature.type 
_pdbx_modification_feature.category 
1 CYS A 26 ? CYS A 115 ? CYS A 26 ? 1_555 CYS A 115 ? 1_555 SG SG . . . None 'Disulfide bridge' 
2 CYS A 28 ? CYS A 44  ? CYS A 28 ? 1_555 CYS A 44  ? 1_555 SG SG . . . None 'Disulfide bridge' 
3 CYS A 43 ? CYS A 95  ? CYS A 43 ? 1_555 CYS A 95  ? 1_555 SG SG . . . None 'Disulfide bridge' 
4 CYS A 49 ? CYS A 122 ? CYS A 49 ? 1_555 CYS A 122 ? 1_555 SG SG . . . None 'Disulfide bridge' 
5 CYS A 50 ? CYS A 88  ? CYS A 50 ? 1_555 CYS A 88  ? 1_555 SG SG . . . None 'Disulfide bridge' 
6 CYS A 57 ? CYS A 81  ? CYS A 57 ? 1_555 CYS A 81  ? 1_555 SG SG . . . None 'Disulfide bridge' 
7 CYS A 75 ? CYS A 86  ? CYS A 75 ? 1_555 CYS A 86  ? 1_555 SG SG . . . None 'Disulfide bridge' 
# 
_struct_sheet.id               A 
_struct_sheet.type             ? 
_struct_sheet.number_strands   2 
_struct_sheet.details          ? 
# 
_struct_sheet_order.sheet_id     A 
_struct_sheet_order.range_id_1   1 
_struct_sheet_order.range_id_2   2 
_struct_sheet_order.offset       ? 
_struct_sheet_order.sense        anti-parallel 
# 
loop_
_struct_sheet_range.sheet_id 
_struct_sheet_range.id 
_struct_sheet_range.beg_label_comp_id 
_struct_sheet_range.beg_label_asym_id 
_struct_sheet_range.beg_label_seq_id 
_struct_sheet_range.pdbx_beg_PDB_ins_code 
_struct_sheet_range.end_label_comp_id 
_struct_sheet_range.end_label_asym_id 
_struct_sheet_range.end_label_seq_id 
_struct_sheet_range.pdbx_end_PDB_ins_code 
_struct_sheet_range.beg_auth_comp_id 
_struct_sheet_range.beg_auth_asym_id 
_struct_sheet_range.beg_auth_seq_id 
_struct_sheet_range.end_auth_comp_id 
_struct_sheet_range.end_auth_asym_id 
_struct_sheet_range.end_auth_seq_id 
A 1 TYR A 66 ? GLU A 69 ? TYR A 66 GLU A 69 
A 2 ALA A 72 ? CYS A 75 ? ALA A 72 CYS A 75 
# 
_pdbx_struct_sheet_hbond.sheet_id                A 
_pdbx_struct_sheet_hbond.range_id_1              1 
_pdbx_struct_sheet_hbond.range_id_2              2 
_pdbx_struct_sheet_hbond.range_1_label_atom_id   N 
_pdbx_struct_sheet_hbond.range_1_label_comp_id   HIS 
_pdbx_struct_sheet_hbond.range_1_label_asym_id   A 
_pdbx_struct_sheet_hbond.range_1_label_seq_id    67 
_pdbx_struct_sheet_hbond.range_1_PDB_ins_code    ? 
_pdbx_struct_sheet_hbond.range_1_auth_atom_id    N 
_pdbx_struct_sheet_hbond.range_1_auth_comp_id    HIS 
_pdbx_struct_sheet_hbond.range_1_auth_asym_id    A 
_pdbx_struct_sheet_hbond.range_1_auth_seq_id     67 
_pdbx_struct_sheet_hbond.range_2_label_atom_id   O 
_pdbx_struct_sheet_hbond.range_2_label_comp_id   VAL 
_pdbx_struct_sheet_hbond.range_2_label_asym_id   A 
_pdbx_struct_sheet_hbond.range_2_label_seq_id    74 
_pdbx_struct_sheet_hbond.range_2_PDB_ins_code    ? 
_pdbx_struct_sheet_hbond.range_2_auth_atom_id    O 
_pdbx_struct_sheet_hbond.range_2_auth_comp_id    VAL 
_pdbx_struct_sheet_hbond.range_2_auth_asym_id    A 
_pdbx_struct_sheet_hbond.range_2_auth_seq_id     74 
# 
_pdbx_entry_details.entry_id                   3DIH 
_pdbx_entry_details.compound_details           ? 
_pdbx_entry_details.source_details             ? 
_pdbx_entry_details.nonpolymer_details         ? 
_pdbx_entry_details.sequence_details           
;THE 55TH RESIDUE IS SER IN THIS ENTRY AGAINST PRO IN 
PA2L_VIPAA. THIS IS A MINOR VARIANT.
;
_pdbx_entry_details.has_ligand_of_interest     ? 
_pdbx_entry_details.has_protein_modification   Y 
# 
loop_
_pdbx_validate_torsion.id 
_pdbx_validate_torsion.PDB_model_num 
_pdbx_validate_torsion.auth_comp_id 
_pdbx_validate_torsion.auth_asym_id 
_pdbx_validate_torsion.auth_seq_id 
_pdbx_validate_torsion.PDB_ins_code 
_pdbx_validate_torsion.label_alt_id 
_pdbx_validate_torsion.phi 
_pdbx_validate_torsion.psi 
1 1 ASN A 32  ? ? -150.05 1.00    
2 1 PRO A 59  ? ? -39.68  -39.92  
3 1 GLU A 120 ? ? -66.95  -179.80 
# 
loop_
_chem_comp_atom.comp_id 
_chem_comp_atom.atom_id 
_chem_comp_atom.type_symbol 
_chem_comp_atom.pdbx_aromatic_flag 
_chem_comp_atom.pdbx_stereo_config 
_chem_comp_atom.pdbx_ordinal 
ALA N    N N N 1   
ALA CA   C N S 2   
ALA C    C N N 3   
ALA O    O N N 4   
ALA CB   C N N 5   
ALA OXT  O N N 6   
ALA H    H N N 7   
ALA H2   H N N 8   
ALA HA   H N N 9   
ALA HB1  H N N 10  
ALA HB2  H N N 11  
ALA HB3  H N N 12  
ALA HXT  H N N 13  
ARG N    N N N 14  
ARG CA   C N S 15  
ARG C    C N N 16  
ARG O    O N N 17  
ARG CB   C N N 18  
ARG CG   C N N 19  
ARG CD   C N N 20  
ARG NE   N N N 21  
ARG CZ   C N N 22  
ARG NH1  N N N 23  
ARG NH2  N N N 24  
ARG OXT  O N N 25  
ARG H    H N N 26  
ARG H2   H N N 27  
ARG HA   H N N 28  
ARG HB2  H N N 29  
ARG HB3  H N N 30  
ARG HG2  H N N 31  
ARG HG3  H N N 32  
ARG HD2  H N N 33  
ARG HD3  H N N 34  
ARG HE   H N N 35  
ARG HH11 H N N 36  
ARG HH12 H N N 37  
ARG HH21 H N N 38  
ARG HH22 H N N 39  
ARG HXT  H N N 40  
ASN N    N N N 41  
ASN CA   C N S 42  
ASN C    C N N 43  
ASN O    O N N 44  
ASN CB   C N N 45  
ASN CG   C N N 46  
ASN OD1  O N N 47  
ASN ND2  N N N 48  
ASN OXT  O N N 49  
ASN H    H N N 50  
ASN H2   H N N 51  
ASN HA   H N N 52  
ASN HB2  H N N 53  
ASN HB3  H N N 54  
ASN HD21 H N N 55  
ASN HD22 H N N 56  
ASN HXT  H N N 57  
ASP N    N N N 58  
ASP CA   C N S 59  
ASP C    C N N 60  
ASP O    O N N 61  
ASP CB   C N N 62  
ASP CG   C N N 63  
ASP OD1  O N N 64  
ASP OD2  O N N 65  
ASP OXT  O N N 66  
ASP H    H N N 67  
ASP H2   H N N 68  
ASP HA   H N N 69  
ASP HB2  H N N 70  
ASP HB3  H N N 71  
ASP HD2  H N N 72  
ASP HXT  H N N 73  
CYS N    N N N 74  
CYS CA   C N R 75  
CYS C    C N N 76  
CYS O    O N N 77  
CYS CB   C N N 78  
CYS SG   S N N 79  
CYS OXT  O N N 80  
CYS H    H N N 81  
CYS H2   H N N 82  
CYS HA   H N N 83  
CYS HB2  H N N 84  
CYS HB3  H N N 85  
CYS HG   H N N 86  
CYS HXT  H N N 87  
GLN N    N N N 88  
GLN CA   C N S 89  
GLN C    C N N 90  
GLN O    O N N 91  
GLN CB   C N N 92  
GLN CG   C N N 93  
GLN CD   C N N 94  
GLN OE1  O N N 95  
GLN NE2  N N N 96  
GLN OXT  O N N 97  
GLN H    H N N 98  
GLN H2   H N N 99  
GLN HA   H N N 100 
GLN HB2  H N N 101 
GLN HB3  H N N 102 
GLN HG2  H N N 103 
GLN HG3  H N N 104 
GLN HE21 H N N 105 
GLN HE22 H N N 106 
GLN HXT  H N N 107 
GLU N    N N N 108 
GLU CA   C N S 109 
GLU C    C N N 110 
GLU O    O N N 111 
GLU CB   C N N 112 
GLU CG   C N N 113 
GLU CD   C N N 114 
GLU OE1  O N N 115 
GLU OE2  O N N 116 
GLU OXT  O N N 117 
GLU H    H N N 118 
GLU H2   H N N 119 
GLU HA   H N N 120 
GLU HB2  H N N 121 
GLU HB3  H N N 122 
GLU HG2  H N N 123 
GLU HG3  H N N 124 
GLU HE2  H N N 125 
GLU HXT  H N N 126 
GLY N    N N N 127 
GLY CA   C N N 128 
GLY C    C N N 129 
GLY O    O N N 130 
GLY OXT  O N N 131 
GLY H    H N N 132 
GLY H2   H N N 133 
GLY HA2  H N N 134 
GLY HA3  H N N 135 
GLY HXT  H N N 136 
HIS N    N N N 137 
HIS CA   C N S 138 
HIS C    C N N 139 
HIS O    O N N 140 
HIS CB   C N N 141 
HIS CG   C Y N 142 
HIS ND1  N Y N 143 
HIS CD2  C Y N 144 
HIS CE1  C Y N 145 
HIS NE2  N Y N 146 
HIS OXT  O N N 147 
HIS H    H N N 148 
HIS H2   H N N 149 
HIS HA   H N N 150 
HIS HB2  H N N 151 
HIS HB3  H N N 152 
HIS HD1  H N N 153 
HIS HD2  H N N 154 
HIS HE1  H N N 155 
HIS HE2  H N N 156 
HIS HXT  H N N 157 
HOH O    O N N 158 
HOH H1   H N N 159 
HOH H2   H N N 160 
ILE N    N N N 161 
ILE CA   C N S 162 
ILE C    C N N 163 
ILE O    O N N 164 
ILE CB   C N S 165 
ILE CG1  C N N 166 
ILE CG2  C N N 167 
ILE CD1  C N N 168 
ILE OXT  O N N 169 
ILE H    H N N 170 
ILE H2   H N N 171 
ILE HA   H N N 172 
ILE HB   H N N 173 
ILE HG12 H N N 174 
ILE HG13 H N N 175 
ILE HG21 H N N 176 
ILE HG22 H N N 177 
ILE HG23 H N N 178 
ILE HD11 H N N 179 
ILE HD12 H N N 180 
ILE HD13 H N N 181 
ILE HXT  H N N 182 
LEU N    N N N 183 
LEU CA   C N S 184 
LEU C    C N N 185 
LEU O    O N N 186 
LEU CB   C N N 187 
LEU CG   C N N 188 
LEU CD1  C N N 189 
LEU CD2  C N N 190 
LEU OXT  O N N 191 
LEU H    H N N 192 
LEU H2   H N N 193 
LEU HA   H N N 194 
LEU HB2  H N N 195 
LEU HB3  H N N 196 
LEU HG   H N N 197 
LEU HD11 H N N 198 
LEU HD12 H N N 199 
LEU HD13 H N N 200 
LEU HD21 H N N 201 
LEU HD22 H N N 202 
LEU HD23 H N N 203 
LEU HXT  H N N 204 
LYS N    N N N 205 
LYS CA   C N S 206 
LYS C    C N N 207 
LYS O    O N N 208 
LYS CB   C N N 209 
LYS CG   C N N 210 
LYS CD   C N N 211 
LYS CE   C N N 212 
LYS NZ   N N N 213 
LYS OXT  O N N 214 
LYS H    H N N 215 
LYS H2   H N N 216 
LYS HA   H N N 217 
LYS HB2  H N N 218 
LYS HB3  H N N 219 
LYS HG2  H N N 220 
LYS HG3  H N N 221 
LYS HD2  H N N 222 
LYS HD3  H N N 223 
LYS HE2  H N N 224 
LYS HE3  H N N 225 
LYS HZ1  H N N 226 
LYS HZ2  H N N 227 
LYS HZ3  H N N 228 
LYS HXT  H N N 229 
MET N    N N N 230 
MET CA   C N S 231 
MET C    C N N 232 
MET O    O N N 233 
MET CB   C N N 234 
MET CG   C N N 235 
MET SD   S N N 236 
MET CE   C N N 237 
MET OXT  O N N 238 
MET H    H N N 239 
MET H2   H N N 240 
MET HA   H N N 241 
MET HB2  H N N 242 
MET HB3  H N N 243 
MET HG2  H N N 244 
MET HG3  H N N 245 
MET HE1  H N N 246 
MET HE2  H N N 247 
MET HE3  H N N 248 
MET HXT  H N N 249 
PHE N    N N N 250 
PHE CA   C N S 251 
PHE C    C N N 252 
PHE O    O N N 253 
PHE CB   C N N 254 
PHE CG   C Y N 255 
PHE CD1  C Y N 256 
PHE CD2  C Y N 257 
PHE CE1  C Y N 258 
PHE CE2  C Y N 259 
PHE CZ   C Y N 260 
PHE OXT  O N N 261 
PHE H    H N N 262 
PHE H2   H N N 263 
PHE HA   H N N 264 
PHE HB2  H N N 265 
PHE HB3  H N N 266 
PHE HD1  H N N 267 
PHE HD2  H N N 268 
PHE HE1  H N N 269 
PHE HE2  H N N 270 
PHE HZ   H N N 271 
PHE HXT  H N N 272 
PRO N    N N N 273 
PRO CA   C N S 274 
PRO C    C N N 275 
PRO O    O N N 276 
PRO CB   C N N 277 
PRO CG   C N N 278 
PRO CD   C N N 279 
PRO OXT  O N N 280 
PRO H    H N N 281 
PRO HA   H N N 282 
PRO HB2  H N N 283 
PRO HB3  H N N 284 
PRO HG2  H N N 285 
PRO HG3  H N N 286 
PRO HD2  H N N 287 
PRO HD3  H N N 288 
PRO HXT  H N N 289 
SER N    N N N 290 
SER CA   C N S 291 
SER C    C N N 292 
SER O    O N N 293 
SER CB   C N N 294 
SER OG   O N N 295 
SER OXT  O N N 296 
SER H    H N N 297 
SER H2   H N N 298 
SER HA   H N N 299 
SER HB2  H N N 300 
SER HB3  H N N 301 
SER HG   H N N 302 
SER HXT  H N N 303 
THR N    N N N 304 
THR CA   C N S 305 
THR C    C N N 306 
THR O    O N N 307 
THR CB   C N R 308 
THR OG1  O N N 309 
THR CG2  C N N 310 
THR OXT  O N N 311 
THR H    H N N 312 
THR H2   H N N 313 
THR HA   H N N 314 
THR HB   H N N 315 
THR HG1  H N N 316 
THR HG21 H N N 317 
THR HG22 H N N 318 
THR HG23 H N N 319 
THR HXT  H N N 320 
TYR N    N N N 321 
TYR CA   C N S 322 
TYR C    C N N 323 
TYR O    O N N 324 
TYR CB   C N N 325 
TYR CG   C Y N 326 
TYR CD1  C Y N 327 
TYR CD2  C Y N 328 
TYR CE1  C Y N 329 
TYR CE2  C Y N 330 
TYR CZ   C Y N 331 
TYR OH   O N N 332 
TYR OXT  O N N 333 
TYR H    H N N 334 
TYR H2   H N N 335 
TYR HA   H N N 336 
TYR HB2  H N N 337 
TYR HB3  H N N 338 
TYR HD1  H N N 339 
TYR HD2  H N N 340 
TYR HE1  H N N 341 
TYR HE2  H N N 342 
TYR HH   H N N 343 
TYR HXT  H N N 344 
VAL N    N N N 345 
VAL CA   C N S 346 
VAL C    C N N 347 
VAL O    O N N 348 
VAL CB   C N N 349 
VAL CG1  C N N 350 
VAL CG2  C N N 351 
VAL OXT  O N N 352 
VAL H    H N N 353 
VAL H2   H N N 354 
VAL HA   H N N 355 
VAL HB   H N N 356 
VAL HG11 H N N 357 
VAL HG12 H N N 358 
VAL HG13 H N N 359 
VAL HG21 H N N 360 
VAL HG22 H N N 361 
VAL HG23 H N N 362 
VAL HXT  H N N 363 
# 
loop_
_chem_comp_bond.comp_id 
_chem_comp_bond.atom_id_1 
_chem_comp_bond.atom_id_2 
_chem_comp_bond.value_order 
_chem_comp_bond.pdbx_aromatic_flag 
_chem_comp_bond.pdbx_stereo_config 
_chem_comp_bond.pdbx_ordinal 
ALA N   CA   sing N N 1   
ALA N   H    sing N N 2   
ALA N   H2   sing N N 3   
ALA CA  C    sing N N 4   
ALA CA  CB   sing N N 5   
ALA CA  HA   sing N N 6   
ALA C   O    doub N N 7   
ALA C   OXT  sing N N 8   
ALA CB  HB1  sing N N 9   
ALA CB  HB2  sing N N 10  
ALA CB  HB3  sing N N 11  
ALA OXT HXT  sing N N 12  
ARG N   CA   sing N N 13  
ARG N   H    sing N N 14  
ARG N   H2   sing N N 15  
ARG CA  C    sing N N 16  
ARG CA  CB   sing N N 17  
ARG CA  HA   sing N N 18  
ARG C   O    doub N N 19  
ARG C   OXT  sing N N 20  
ARG CB  CG   sing N N 21  
ARG CB  HB2  sing N N 22  
ARG CB  HB3  sing N N 23  
ARG CG  CD   sing N N 24  
ARG CG  HG2  sing N N 25  
ARG CG  HG3  sing N N 26  
ARG CD  NE   sing N N 27  
ARG CD  HD2  sing N N 28  
ARG CD  HD3  sing N N 29  
ARG NE  CZ   sing N N 30  
ARG NE  HE   sing N N 31  
ARG CZ  NH1  sing N N 32  
ARG CZ  NH2  doub N N 33  
ARG NH1 HH11 sing N N 34  
ARG NH1 HH12 sing N N 35  
ARG NH2 HH21 sing N N 36  
ARG NH2 HH22 sing N N 37  
ARG OXT HXT  sing N N 38  
ASN N   CA   sing N N 39  
ASN N   H    sing N N 40  
ASN N   H2   sing N N 41  
ASN CA  C    sing N N 42  
ASN CA  CB   sing N N 43  
ASN CA  HA   sing N N 44  
ASN C   O    doub N N 45  
ASN C   OXT  sing N N 46  
ASN CB  CG   sing N N 47  
ASN CB  HB2  sing N N 48  
ASN CB  HB3  sing N N 49  
ASN CG  OD1  doub N N 50  
ASN CG  ND2  sing N N 51  
ASN ND2 HD21 sing N N 52  
ASN ND2 HD22 sing N N 53  
ASN OXT HXT  sing N N 54  
ASP N   CA   sing N N 55  
ASP N   H    sing N N 56  
ASP N   H2   sing N N 57  
ASP CA  C    sing N N 58  
ASP CA  CB   sing N N 59  
ASP CA  HA   sing N N 60  
ASP C   O    doub N N 61  
ASP C   OXT  sing N N 62  
ASP CB  CG   sing N N 63  
ASP CB  HB2  sing N N 64  
ASP CB  HB3  sing N N 65  
ASP CG  OD1  doub N N 66  
ASP CG  OD2  sing N N 67  
ASP OD2 HD2  sing N N 68  
ASP OXT HXT  sing N N 69  
CYS N   CA   sing N N 70  
CYS N   H    sing N N 71  
CYS N   H2   sing N N 72  
CYS CA  C    sing N N 73  
CYS CA  CB   sing N N 74  
CYS CA  HA   sing N N 75  
CYS C   O    doub N N 76  
CYS C   OXT  sing N N 77  
CYS CB  SG   sing N N 78  
CYS CB  HB2  sing N N 79  
CYS CB  HB3  sing N N 80  
CYS SG  HG   sing N N 81  
CYS OXT HXT  sing N N 82  
GLN N   CA   sing N N 83  
GLN N   H    sing N N 84  
GLN N   H2   sing N N 85  
GLN CA  C    sing N N 86  
GLN CA  CB   sing N N 87  
GLN CA  HA   sing N N 88  
GLN C   O    doub N N 89  
GLN C   OXT  sing N N 90  
GLN CB  CG   sing N N 91  
GLN CB  HB2  sing N N 92  
GLN CB  HB3  sing N N 93  
GLN CG  CD   sing N N 94  
GLN CG  HG2  sing N N 95  
GLN CG  HG3  sing N N 96  
GLN CD  OE1  doub N N 97  
GLN CD  NE2  sing N N 98  
GLN NE2 HE21 sing N N 99  
GLN NE2 HE22 sing N N 100 
GLN OXT HXT  sing N N 101 
GLU N   CA   sing N N 102 
GLU N   H    sing N N 103 
GLU N   H2   sing N N 104 
GLU CA  C    sing N N 105 
GLU CA  CB   sing N N 106 
GLU CA  HA   sing N N 107 
GLU C   O    doub N N 108 
GLU C   OXT  sing N N 109 
GLU CB  CG   sing N N 110 
GLU CB  HB2  sing N N 111 
GLU CB  HB3  sing N N 112 
GLU CG  CD   sing N N 113 
GLU CG  HG2  sing N N 114 
GLU CG  HG3  sing N N 115 
GLU CD  OE1  doub N N 116 
GLU CD  OE2  sing N N 117 
GLU OE2 HE2  sing N N 118 
GLU OXT HXT  sing N N 119 
GLY N   CA   sing N N 120 
GLY N   H    sing N N 121 
GLY N   H2   sing N N 122 
GLY CA  C    sing N N 123 
GLY CA  HA2  sing N N 124 
GLY CA  HA3  sing N N 125 
GLY C   O    doub N N 126 
GLY C   OXT  sing N N 127 
GLY OXT HXT  sing N N 128 
HIS N   CA   sing N N 129 
HIS N   H    sing N N 130 
HIS N   H2   sing N N 131 
HIS CA  C    sing N N 132 
HIS CA  CB   sing N N 133 
HIS CA  HA   sing N N 134 
HIS C   O    doub N N 135 
HIS C   OXT  sing N N 136 
HIS CB  CG   sing N N 137 
HIS CB  HB2  sing N N 138 
HIS CB  HB3  sing N N 139 
HIS CG  ND1  sing Y N 140 
HIS CG  CD2  doub Y N 141 
HIS ND1 CE1  doub Y N 142 
HIS ND1 HD1  sing N N 143 
HIS CD2 NE2  sing Y N 144 
HIS CD2 HD2  sing N N 145 
HIS CE1 NE2  sing Y N 146 
HIS CE1 HE1  sing N N 147 
HIS NE2 HE2  sing N N 148 
HIS OXT HXT  sing N N 149 
HOH O   H1   sing N N 150 
HOH O   H2   sing N N 151 
ILE N   CA   sing N N 152 
ILE N   H    sing N N 153 
ILE N   H2   sing N N 154 
ILE CA  C    sing N N 155 
ILE CA  CB   sing N N 156 
ILE CA  HA   sing N N 157 
ILE C   O    doub N N 158 
ILE C   OXT  sing N N 159 
ILE CB  CG1  sing N N 160 
ILE CB  CG2  sing N N 161 
ILE CB  HB   sing N N 162 
ILE CG1 CD1  sing N N 163 
ILE CG1 HG12 sing N N 164 
ILE CG1 HG13 sing N N 165 
ILE CG2 HG21 sing N N 166 
ILE CG2 HG22 sing N N 167 
ILE CG2 HG23 sing N N 168 
ILE CD1 HD11 sing N N 169 
ILE CD1 HD12 sing N N 170 
ILE CD1 HD13 sing N N 171 
ILE OXT HXT  sing N N 172 
LEU N   CA   sing N N 173 
LEU N   H    sing N N 174 
LEU N   H2   sing N N 175 
LEU CA  C    sing N N 176 
LEU CA  CB   sing N N 177 
LEU CA  HA   sing N N 178 
LEU C   O    doub N N 179 
LEU C   OXT  sing N N 180 
LEU CB  CG   sing N N 181 
LEU CB  HB2  sing N N 182 
LEU CB  HB3  sing N N 183 
LEU CG  CD1  sing N N 184 
LEU CG  CD2  sing N N 185 
LEU CG  HG   sing N N 186 
LEU CD1 HD11 sing N N 187 
LEU CD1 HD12 sing N N 188 
LEU CD1 HD13 sing N N 189 
LEU CD2 HD21 sing N N 190 
LEU CD2 HD22 sing N N 191 
LEU CD2 HD23 sing N N 192 
LEU OXT HXT  sing N N 193 
LYS N   CA   sing N N 194 
LYS N   H    sing N N 195 
LYS N   H2   sing N N 196 
LYS CA  C    sing N N 197 
LYS CA  CB   sing N N 198 
LYS CA  HA   sing N N 199 
LYS C   O    doub N N 200 
LYS C   OXT  sing N N 201 
LYS CB  CG   sing N N 202 
LYS CB  HB2  sing N N 203 
LYS CB  HB3  sing N N 204 
LYS CG  CD   sing N N 205 
LYS CG  HG2  sing N N 206 
LYS CG  HG3  sing N N 207 
LYS CD  CE   sing N N 208 
LYS CD  HD2  sing N N 209 
LYS CD  HD3  sing N N 210 
LYS CE  NZ   sing N N 211 
LYS CE  HE2  sing N N 212 
LYS CE  HE3  sing N N 213 
LYS NZ  HZ1  sing N N 214 
LYS NZ  HZ2  sing N N 215 
LYS NZ  HZ3  sing N N 216 
LYS OXT HXT  sing N N 217 
MET N   CA   sing N N 218 
MET N   H    sing N N 219 
MET N   H2   sing N N 220 
MET CA  C    sing N N 221 
MET CA  CB   sing N N 222 
MET CA  HA   sing N N 223 
MET C   O    doub N N 224 
MET C   OXT  sing N N 225 
MET CB  CG   sing N N 226 
MET CB  HB2  sing N N 227 
MET CB  HB3  sing N N 228 
MET CG  SD   sing N N 229 
MET CG  HG2  sing N N 230 
MET CG  HG3  sing N N 231 
MET SD  CE   sing N N 232 
MET CE  HE1  sing N N 233 
MET CE  HE2  sing N N 234 
MET CE  HE3  sing N N 235 
MET OXT HXT  sing N N 236 
PHE N   CA   sing N N 237 
PHE N   H    sing N N 238 
PHE N   H2   sing N N 239 
PHE CA  C    sing N N 240 
PHE CA  CB   sing N N 241 
PHE CA  HA   sing N N 242 
PHE C   O    doub N N 243 
PHE C   OXT  sing N N 244 
PHE CB  CG   sing N N 245 
PHE CB  HB2  sing N N 246 
PHE CB  HB3  sing N N 247 
PHE CG  CD1  doub Y N 248 
PHE CG  CD2  sing Y N 249 
PHE CD1 CE1  sing Y N 250 
PHE CD1 HD1  sing N N 251 
PHE CD2 CE2  doub Y N 252 
PHE CD2 HD2  sing N N 253 
PHE CE1 CZ   doub Y N 254 
PHE CE1 HE1  sing N N 255 
PHE CE2 CZ   sing Y N 256 
PHE CE2 HE2  sing N N 257 
PHE CZ  HZ   sing N N 258 
PHE OXT HXT  sing N N 259 
PRO N   CA   sing N N 260 
PRO N   CD   sing N N 261 
PRO N   H    sing N N 262 
PRO CA  C    sing N N 263 
PRO CA  CB   sing N N 264 
PRO CA  HA   sing N N 265 
PRO C   O    doub N N 266 
PRO C   OXT  sing N N 267 
PRO CB  CG   sing N N 268 
PRO CB  HB2  sing N N 269 
PRO CB  HB3  sing N N 270 
PRO CG  CD   sing N N 271 
PRO CG  HG2  sing N N 272 
PRO CG  HG3  sing N N 273 
PRO CD  HD2  sing N N 274 
PRO CD  HD3  sing N N 275 
PRO OXT HXT  sing N N 276 
SER N   CA   sing N N 277 
SER N   H    sing N N 278 
SER N   H2   sing N N 279 
SER CA  C    sing N N 280 
SER CA  CB   sing N N 281 
SER CA  HA   sing N N 282 
SER C   O    doub N N 283 
SER C   OXT  sing N N 284 
SER CB  OG   sing N N 285 
SER CB  HB2  sing N N 286 
SER CB  HB3  sing N N 287 
SER OG  HG   sing N N 288 
SER OXT HXT  sing N N 289 
THR N   CA   sing N N 290 
THR N   H    sing N N 291 
THR N   H2   sing N N 292 
THR CA  C    sing N N 293 
THR CA  CB   sing N N 294 
THR CA  HA   sing N N 295 
THR C   O    doub N N 296 
THR C   OXT  sing N N 297 
THR CB  OG1  sing N N 298 
THR CB  CG2  sing N N 299 
THR CB  HB   sing N N 300 
THR OG1 HG1  sing N N 301 
THR CG2 HG21 sing N N 302 
THR CG2 HG22 sing N N 303 
THR CG2 HG23 sing N N 304 
THR OXT HXT  sing N N 305 
TYR N   CA   sing N N 306 
TYR N   H    sing N N 307 
TYR N   H2   sing N N 308 
TYR CA  C    sing N N 309 
TYR CA  CB   sing N N 310 
TYR CA  HA   sing N N 311 
TYR C   O    doub N N 312 
TYR C   OXT  sing N N 313 
TYR CB  CG   sing N N 314 
TYR CB  HB2  sing N N 315 
TYR CB  HB3  sing N N 316 
TYR CG  CD1  doub Y N 317 
TYR CG  CD2  sing Y N 318 
TYR CD1 CE1  sing Y N 319 
TYR CD1 HD1  sing N N 320 
TYR CD2 CE2  doub Y N 321 
TYR CD2 HD2  sing N N 322 
TYR CE1 CZ   doub Y N 323 
TYR CE1 HE1  sing N N 324 
TYR CE2 CZ   sing Y N 325 
TYR CE2 HE2  sing N N 326 
TYR CZ  OH   sing N N 327 
TYR OH  HH   sing N N 328 
TYR OXT HXT  sing N N 329 
VAL N   CA   sing N N 330 
VAL N   H    sing N N 331 
VAL N   H2   sing N N 332 
VAL CA  C    sing N N 333 
VAL CA  CB   sing N N 334 
VAL CA  HA   sing N N 335 
VAL C   O    doub N N 336 
VAL C   OXT  sing N N 337 
VAL CB  CG1  sing N N 338 
VAL CB  CG2  sing N N 339 
VAL CB  HB   sing N N 340 
VAL CG1 HG11 sing N N 341 
VAL CG1 HG12 sing N N 342 
VAL CG1 HG13 sing N N 343 
VAL CG2 HG21 sing N N 344 
VAL CG2 HG22 sing N N 345 
VAL CG2 HG23 sing N N 346 
VAL OXT HXT  sing N N 347 
# 
_atom_sites.entry_id                    3DIH 
_atom_sites.fract_transf_matrix[1][1]   0.00334536 
_atom_sites.fract_transf_matrix[1][2]   -0.00734421 
_atom_sites.fract_transf_matrix[1][3]   -0.00516704 
_atom_sites.fract_transf_matrix[2][1]   0.00724460 
_atom_sites.fract_transf_matrix[2][2]   -0.00530582 
_atom_sites.fract_transf_matrix[2][3]   0.00334634 
_atom_sites.fract_transf_matrix[3][1]   -0.01035199 
_atom_sites.fract_transf_matrix[3][2]   -0.00968223 
_atom_sites.fract_transf_matrix[3][3]   0.00705960 
_atom_sites.fract_transf_vector[1]      0.672987 
_atom_sites.fract_transf_vector[2]      0.157794 
_atom_sites.fract_transf_vector[3]      0.018885 
# 
loop_
_atom_type.symbol 
C 
N 
O 
S 
# 
loop_
_atom_site.group_PDB 
_atom_site.id 
_atom_site.type_symbol 
_atom_site.label_atom_id 
_atom_site.label_alt_id 
_atom_site.label_comp_id 
_atom_site.label_asym_id 
_atom_site.label_entity_id 
_atom_site.label_seq_id 
_atom_site.pdbx_PDB_ins_code 
_atom_site.Cartn_x 
_atom_site.Cartn_y 
_atom_site.Cartn_z 
_atom_site.occupancy 
_atom_site.B_iso_or_equiv 
_atom_site.pdbx_formal_charge 
_atom_site.auth_seq_id 
_atom_site.auth_comp_id 
_atom_site.auth_asym_id 
_atom_site.auth_atom_id 
_atom_site.pdbx_PDB_model_num 
ATOM   1    N N   . SER A 1 1   ? -2.127  10.272  5.326   1.00 20.54 ? 1   SER A N   1 
ATOM   2    C CA  . SER A 1 1   ? -1.854  10.717  3.990   1.00 18.23 ? 1   SER A CA  1 
ATOM   3    C C   . SER A 1 1   ? -0.701  9.867   3.466   1.00 20.27 ? 1   SER A C   1 
ATOM   4    O O   . SER A 1 1   ? -0.170  9.017   4.184   1.00 20.40 ? 1   SER A O   1 
ATOM   5    C CB  . SER A 1 1   ? -1.405  12.157  4.051   1.00 18.08 ? 1   SER A CB  1 
ATOM   6    O OG  . SER A 1 1   ? -0.021  12.220  4.337   1.00 19.14 ? 1   SER A OG  1 
ATOM   7    N N   . VAL A 1 2   ? -0.238  10.206  2.266   1.00 17.42 ? 2   VAL A N   1 
ATOM   8    C CA  . VAL A 1 2   ? 0.899   9.551   1.617   1.00 15.55 ? 2   VAL A CA  1 
ATOM   9    C C   . VAL A 1 2   ? 2.209   9.741   2.438   1.00 17.64 ? 2   VAL A C   1 
ATOM   10   O O   . VAL A 1 2   ? 3.150   8.982   2.283   1.00 16.65 ? 2   VAL A O   1 
ATOM   11   C CB  . VAL A 1 2   ? 1.108   10.137  0.153   1.00 15.32 ? 2   VAL A CB  1 
ATOM   12   C CG1 . VAL A 1 2   ? 1.705   11.564  0.217   1.00 7.09  ? 2   VAL A CG1 1 
ATOM   13   C CG2 . VAL A 1 2   ? 1.932   9.178   -0.702  1.00 9.87  ? 2   VAL A CG2 1 
ATOM   14   N N   . ILE A 1 3   ? 2.282   10.753  3.291   1.00 18.53 ? 3   ILE A N   1 
ATOM   15   C CA  . ILE A 1 3   ? 3.477   10.920  4.086   1.00 20.68 ? 3   ILE A CA  1 
ATOM   16   C C   . ILE A 1 3   ? 3.580   9.793   5.109   1.00 21.98 ? 3   ILE A C   1 
ATOM   17   O O   . ILE A 1 3   ? 4.645   9.141   5.210   1.00 23.40 ? 3   ILE A O   1 
ATOM   18   C CB  . ILE A 1 3   ? 3.495   12.259  4.813   1.00 22.47 ? 3   ILE A CB  1 
ATOM   19   C CG1 . ILE A 1 3   ? 3.446   13.377  3.790   1.00 19.89 ? 3   ILE A CG1 1 
ATOM   20   C CG2 . ILE A 1 3   ? 4.792   12.408  5.653   1.00 16.19 ? 3   ILE A CG2 1 
ATOM   21   C CD1 . ILE A 1 3   ? 3.173   14.728  4.468   1.00 23.51 ? 3   ILE A CD1 1 
ATOM   22   N N   . GLU A 1 4   ? 2.471   9.525   5.811   1.00 18.92 ? 4   GLU A N   1 
ATOM   23   C CA  . GLU A 1 4   ? 2.428   8.459   6.816   1.00 19.00 ? 4   GLU A CA  1 
ATOM   24   C C   . GLU A 1 4   ? 2.607   7.053   6.189   1.00 19.43 ? 4   GLU A C   1 
ATOM   25   O O   . GLU A 1 4   ? 3.370   6.198   6.682   1.00 19.18 ? 4   GLU A O   1 
ATOM   26   C CB  . GLU A 1 4   ? 1.113   8.505   7.586   1.00 18.90 ? 4   GLU A CB  1 
ATOM   27   C CG  . GLU A 1 4   ? 0.962   9.645   8.617   1.00 19.81 ? 4   GLU A CG  1 
ATOM   28   C CD  . GLU A 1 4   ? 0.666   11.059  8.027   1.00 22.56 ? 4   GLU A CD  1 
ATOM   29   O OE1 . GLU A 1 4   ? 1.000   12.054  8.708   1.00 24.68 ? 4   GLU A OE1 1 
ATOM   30   O OE2 . GLU A 1 4   ? 0.090   11.208  6.918   1.00 23.60 ? 4   GLU A OE2 1 
ATOM   31   N N   . PHE A 1 5   ? 1.947   6.832   5.064   1.00 17.80 ? 5   PHE A N   1 
ATOM   32   C CA  . PHE A 1 5   ? 2.022   5.555   4.407   1.00 16.21 ? 5   PHE A CA  1 
ATOM   33   C C   . PHE A 1 5   ? 3.508   5.361   4.096   1.00 18.03 ? 5   PHE A C   1 
ATOM   34   O O   . PHE A 1 5   ? 4.082   4.308   4.404   1.00 13.89 ? 5   PHE A O   1 
ATOM   35   C CB  . PHE A 1 5   ? 1.183   5.590   3.102   1.00 15.83 ? 5   PHE A CB  1 
ATOM   36   C CG  . PHE A 1 5   ? 1.158   4.303   2.361   1.00 11.70 ? 5   PHE A CG  1 
ATOM   37   C CD1 . PHE A 1 5   ? 1.218   4.289   1.005   1.00 14.20 ? 5   PHE A CD1 1 
ATOM   38   C CD2 . PHE A 1 5   ? 1.028   3.096   3.027   1.00 17.32 ? 5   PHE A CD2 1 
ATOM   39   C CE1 . PHE A 1 5   ? 1.139   3.061   0.263   1.00 15.17 ? 5   PHE A CE1 1 
ATOM   40   C CE2 . PHE A 1 5   ? 0.947   1.844   2.312   1.00 16.78 ? 5   PHE A CE2 1 
ATOM   41   C CZ  . PHE A 1 5   ? 0.997   1.832   0.947   1.00 15.73 ? 5   PHE A CZ  1 
ATOM   42   N N   . GLY A 1 6   ? 4.111   6.415   3.530   1.00 14.68 ? 6   GLY A N   1 
ATOM   43   C CA  . GLY A 1 6   ? 5.500   6.360   3.131   1.00 15.71 ? 6   GLY A CA  1 
ATOM   44   C C   . GLY A 1 6   ? 6.425   5.990   4.259   1.00 19.00 ? 6   GLY A C   1 
ATOM   45   O O   . GLY A 1 6   ? 7.348   5.220   4.044   1.00 19.63 ? 6   GLY A O   1 
ATOM   46   N N   . LYS A 1 7   ? 6.212   6.580   5.443   1.00 21.70 ? 7   LYS A N   1 
ATOM   47   C CA  . LYS A 1 7   ? 7.023   6.291   6.606   1.00 20.21 ? 7   LYS A CA  1 
ATOM   48   C C   . LYS A 1 7   ? 6.875   4.829   6.932   1.00 18.65 ? 7   LYS A C   1 
ATOM   49   O O   . LYS A 1 7   ? 7.871   4.098   7.086   1.00 16.29 ? 7   LYS A O   1 
ATOM   50   C CB  . LYS A 1 7   ? 6.536   7.098   7.811   1.00 26.85 ? 7   LYS A CB  1 
ATOM   51   C CG  . LYS A 1 7   ? 7.125   8.527   7.929   1.00 30.67 ? 7   LYS A CG  1 
ATOM   52   C CD  . LYS A 1 7   ? 7.023   9.115   9.415   1.00 35.90 ? 7   LYS A CD  1 
ATOM   53   C CE  . LYS A 1 7   ? 8.076   8.553   10.459  1.00 34.30 ? 7   LYS A CE  1 
ATOM   54   N NZ  . LYS A 1 7   ? 7.444   7.690   11.551  1.00 36.58 ? 7   LYS A NZ  1 
ATOM   55   N N   . MET A 1 8   ? 5.616   4.432   7.080   1.00 16.13 ? 8   MET A N   1 
ATOM   56   C CA  . MET A 1 8   ? 5.265   3.082   7.418   1.00 17.75 ? 8   MET A CA  1 
ATOM   57   C C   . MET A 1 8   ? 5.948   2.027   6.559   1.00 19.15 ? 8   MET A C   1 
ATOM   58   O O   . MET A 1 8   ? 6.474   1.041   7.071   1.00 18.87 ? 8   MET A O   1 
ATOM   59   C CB  . MET A 1 8   ? 3.774   2.915   7.283   1.00 17.55 ? 8   MET A CB  1 
ATOM   60   C CG  . MET A 1 8   ? 3.035   3.221   8.542   1.00 20.11 ? 8   MET A CG  1 
ATOM   61   S SD  . MET A 1 8   ? 1.308   2.730   8.265   1.00 17.86 ? 8   MET A SD  1 
ATOM   62   C CE  . MET A 1 8   ? 0.466   3.768   9.475   1.00 19.60 ? 8   MET A CE  1 
ATOM   63   N N   . ILE A 1 9   ? 5.987   2.251   5.255   1.00 15.85 ? 9   ILE A N   1 
ATOM   64   C CA  . ILE A 1 9   ? 6.591   1.266   4.386   1.00 18.12 ? 9   ILE A CA  1 
ATOM   65   C C   . ILE A 1 9   ? 8.077   1.030   4.664   1.00 19.70 ? 9   ILE A C   1 
ATOM   66   O O   . ILE A 1 9   ? 8.579   -0.084  4.637   1.00 15.06 ? 9   ILE A O   1 
ATOM   67   C CB  . ILE A 1 9   ? 6.368   1.615   2.887   1.00 16.78 ? 9   ILE A CB  1 
ATOM   68   C CG1 . ILE A 1 9   ? 4.835   1.660   2.623   1.00 18.10 ? 9   ILE A CG1 1 
ATOM   69   C CG2 . ILE A 1 9   ? 7.101   0.564   2.004   1.00 6.58  ? 9   ILE A CG2 1 
ATOM   70   C CD1 . ILE A 1 9   ? 4.406   2.027   1.243   1.00 16.89 ? 9   ILE A CD1 1 
ATOM   71   N N   . GLN A 1 10  ? 8.776   2.129   4.830   1.00 22.64 ? 10  GLN A N   1 
ATOM   72   C CA  . GLN A 1 10  ? 10.164  2.125   5.113   1.00 23.96 ? 10  GLN A CA  1 
ATOM   73   C C   . GLN A 1 10  ? 10.432  1.485   6.465   1.00 22.83 ? 10  GLN A C   1 
ATOM   74   O O   . GLN A 1 10  ? 11.407  0.742   6.617   1.00 26.66 ? 10  GLN A O   1 
ATOM   75   C CB  . GLN A 1 10  ? 10.566  3.549   5.166   1.00 29.93 ? 10  GLN A CB  1 
ATOM   76   C CG  . GLN A 1 10  ? 11.520  3.856   4.161   1.00 35.47 ? 10  GLN A CG  1 
ATOM   77   C CD  . GLN A 1 10  ? 12.746  4.208   4.791   1.00 36.03 ? 10  GLN A CD  1 
ATOM   78   O OE1 . GLN A 1 10  ? 13.404  3.353   5.364   1.00 37.46 ? 10  GLN A OE1 1 
ATOM   79   N NE2 . GLN A 1 10  ? 13.046  5.502   4.812   1.00 42.44 ? 10  GLN A NE2 1 
ATOM   80   N N   . GLU A 1 11  ? 9.618   1.816   7.469   1.00 20.28 ? 11  GLU A N   1 
ATOM   81   C CA  . GLU A 1 11  ? 9.801   1.198   8.784   1.00 18.79 ? 11  GLU A CA  1 
ATOM   82   C C   . GLU A 1 11  ? 9.563   -0.307  8.729   1.00 16.19 ? 11  GLU A C   1 
ATOM   83   O O   . GLU A 1 11  ? 10.399  -1.053  9.163   1.00 16.02 ? 11  GLU A O   1 
ATOM   84   C CB  . GLU A 1 11  ? 8.904   1.830   9.819   1.00 18.39 ? 11  GLU A CB  1 
ATOM   85   C CG  . GLU A 1 11  ? 9.129   3.311   9.979   1.00 20.86 ? 11  GLU A CG  1 
ATOM   86   C CD  . GLU A 1 11  ? 8.193   3.962   11.011  1.00 21.82 ? 11  GLU A CD  1 
ATOM   87   O OE1 . GLU A 1 11  ? 8.600   5.002   11.553  1.00 24.47 ? 11  GLU A OE1 1 
ATOM   88   O OE2 . GLU A 1 11  ? 7.067   3.464   11.293  1.00 20.18 ? 11  GLU A OE2 1 
ATOM   89   N N   . GLU A 1 12  ? 8.489   -0.753  8.079   1.00 18.29 ? 12  GLU A N   1 
ATOM   90   C CA  . GLU A 1 12  ? 8.184   -2.167  7.998   1.00 18.42 ? 12  GLU A CA  1 
ATOM   91   C C   . GLU A 1 12  ? 9.048   -3.026  7.084   1.00 21.04 ? 12  GLU A C   1 
ATOM   92   O O   . GLU A 1 12  ? 9.274   -4.199  7.374   1.00 22.41 ? 12  GLU A O   1 
ATOM   93   C CB  . GLU A 1 12  ? 6.739   -2.374  7.583   1.00 17.47 ? 12  GLU A CB  1 
ATOM   94   C CG  . GLU A 1 12  ? 5.706   -1.967  8.661   1.00 21.89 ? 12  GLU A CG  1 
ATOM   95   C CD  . GLU A 1 12  ? 6.094   -2.413  10.047  1.00 23.02 ? 12  GLU A CD  1 
ATOM   96   O OE1 . GLU A 1 12  ? 6.560   -1.597  10.870  1.00 23.41 ? 12  GLU A OE1 1 
ATOM   97   O OE2 . GLU A 1 12  ? 5.938   -3.613  10.322  1.00 29.31 ? 12  GLU A OE2 1 
ATOM   98   N N   . THR A 1 13  ? 9.585   -2.463  6.012   1.00 18.40 ? 13  THR A N   1 
ATOM   99   C CA  . THR A 1 13  ? 10.283  -3.310  5.062   1.00 19.65 ? 13  THR A CA  1 
ATOM   100  C C   . THR A 1 13  ? 11.736  -2.980  4.877   1.00 23.77 ? 13  THR A C   1 
ATOM   101  O O   . THR A 1 13  ? 12.458  -3.698  4.187   1.00 22.48 ? 13  THR A O   1 
ATOM   102  C CB  . THR A 1 13  ? 9.680   -3.148  3.675   1.00 15.69 ? 13  THR A CB  1 
ATOM   103  O OG1 . THR A 1 13  ? 9.934   -1.797  3.200   1.00 12.93 ? 13  THR A OG1 1 
ATOM   104  C CG2 . THR A 1 13  ? 8.208   -3.473  3.689   1.00 13.32 ? 13  THR A CG2 1 
ATOM   105  N N   . ASP A 1 14  ? 12.138  -1.842  5.399   1.00 25.59 ? 14  ASP A N   1 
ATOM   106  C CA  . ASP A 1 14  ? 13.485  -1.403  5.166   1.00 28.10 ? 14  ASP A CA  1 
ATOM   107  C C   . ASP A 1 14  ? 13.829  -1.093  3.729   1.00 24.44 ? 14  ASP A C   1 
ATOM   108  O O   . ASP A 1 14  ? 14.989  -1.056  3.377   1.00 24.91 ? 14  ASP A O   1 
ATOM   109  C CB  . ASP A 1 14  ? 14.430  -2.439  5.667   1.00 33.60 ? 14  ASP A CB  1 
ATOM   110  C CG  . ASP A 1 14  ? 14.956  -2.064  6.930   1.00 35.33 ? 14  ASP A CG  1 
ATOM   111  O OD1 . ASP A 1 14  ? 15.886  -1.218  6.855   1.00 36.91 ? 14  ASP A OD1 1 
ATOM   112  O OD2 . ASP A 1 14  ? 14.367  -2.521  7.961   1.00 40.24 ? 14  ASP A OD2 1 
ATOM   113  N N   . LYS A 1 15  ? 12.835  -0.883  2.879   1.00 26.45 ? 15  LYS A N   1 
ATOM   114  C CA  . LYS A 1 15  ? 13.130  -0.558  1.496   1.00 23.61 ? 15  LYS A CA  1 
ATOM   115  C C   . LYS A 1 15  ? 12.832  0.897   1.133   1.00 21.28 ? 15  LYS A C   1 
ATOM   116  O O   . LYS A 1 15  ? 12.033  1.553   1.784   1.00 19.55 ? 15  LYS A O   1 
ATOM   117  C CB  . LYS A 1 15  ? 12.385  -1.520  0.600   1.00 26.33 ? 15  LYS A CB  1 
ATOM   118  C CG  . LYS A 1 15  ? 12.995  -2.885  0.566   1.00 25.23 ? 15  LYS A CG  1 
ATOM   119  C CD  . LYS A 1 15  ? 12.121  -3.721  -0.298  1.00 31.12 ? 15  LYS A CD  1 
ATOM   120  C CE  . LYS A 1 15  ? 12.628  -5.124  -0.448  1.00 31.43 ? 15  LYS A CE  1 
ATOM   121  N NZ  . LYS A 1 15  ? 13.937  -5.117  -1.122  1.00 39.49 ? 15  LYS A NZ  1 
ATOM   122  N N   . ASN A 1 16  ? 13.542  1.448   0.163   1.00 21.15 ? 16  ASN A N   1 
ATOM   123  C CA  . ASN A 1 16  ? 13.208  2.798   -0.267  1.00 22.15 ? 16  ASN A CA  1 
ATOM   124  C C   . ASN A 1 16  ? 11.802  2.655   -0.939  1.00 22.78 ? 16  ASN A C   1 
ATOM   125  O O   . ASN A 1 16  ? 11.667  2.026   -1.980  1.00 23.56 ? 16  ASN A O   1 
ATOM   126  C CB  . ASN A 1 16  ? 14.217  3.251   -1.294  1.00 20.70 ? 16  ASN A CB  1 
ATOM   127  C CG  . ASN A 1 16  ? 13.868  4.595   -1.920  1.00 24.95 ? 16  ASN A CG  1 
ATOM   128  O OD1 . ASN A 1 16  ? 12.680  4.912   -2.288  1.00 21.28 ? 16  ASN A OD1 1 
ATOM   129  N ND2 . ASN A 1 16  ? 14.917  5.407   -2.085  1.00 23.27 ? 16  ASN A ND2 1 
ATOM   130  N N   . PRO A 1 17  ? 10.751  3.232   -0.342  1.00 22.63 ? 17  PRO A N   1 
ATOM   131  C CA  . PRO A 1 17  ? 9.395   3.131   -0.917  1.00 20.95 ? 17  PRO A CA  1 
ATOM   132  C C   . PRO A 1 17  ? 9.216   3.631   -2.367  1.00 21.65 ? 17  PRO A C   1 
ATOM   133  O O   . PRO A 1 17  ? 8.452   3.030   -3.146  1.00 19.41 ? 17  PRO A O   1 
ATOM   134  C CB  . PRO A 1 17  ? 8.544   3.933   0.050   1.00 18.96 ? 17  PRO A CB  1 
ATOM   135  C CG  . PRO A 1 17  ? 9.377   4.054   1.274   1.00 20.66 ? 17  PRO A CG  1 
ATOM   136  C CD  . PRO A 1 17  ? 10.781  4.198   0.767   1.00 20.39 ? 17  PRO A CD  1 
ATOM   137  N N   . LEU A 1 18  ? 9.889   4.711   -2.753  1.00 20.87 ? 18  LEU A N   1 
ATOM   138  C CA  . LEU A 1 18  ? 9.749   5.173   -4.142  1.00 22.90 ? 18  LEU A CA  1 
ATOM   139  C C   . LEU A 1 18  ? 10.278  4.107   -5.138  1.00 25.11 ? 18  LEU A C   1 
ATOM   140  O O   . LEU A 1 18  ? 9.561   3.662   -6.046  1.00 27.11 ? 18  LEU A O   1 
ATOM   141  C CB  . LEU A 1 18  ? 10.536  6.461   -4.384  1.00 19.86 ? 18  LEU A CB  1 
ATOM   142  C CG  . LEU A 1 18  ? 10.537  6.977   -5.826  1.00 19.94 ? 18  LEU A CG  1 
ATOM   143  C CD1 . LEU A 1 18  ? 9.105   7.382   -6.200  1.00 19.21 ? 18  LEU A CD1 1 
ATOM   144  C CD2 . LEU A 1 18  ? 11.496  8.169   -5.929  1.00 10.44 ? 18  LEU A CD2 1 
ATOM   145  N N   . THR A 1 19  ? 11.501  3.647   -4.925  1.00 20.37 ? 19  THR A N   1 
ATOM   146  C CA  . THR A 1 19  ? 12.077  2.714   -5.879  1.00 22.34 ? 19  THR A CA  1 
ATOM   147  C C   . THR A 1 19  ? 11.513  1.314   -5.808  1.00 23.06 ? 19  THR A C   1 
ATOM   148  O O   . THR A 1 19  ? 11.427  0.635   -6.836  1.00 24.10 ? 19  THR A O   1 
ATOM   149  C CB  . THR A 1 19  ? 13.597  2.580   -5.715  1.00 19.95 ? 19  THR A CB  1 
ATOM   150  O OG1 . THR A 1 19  ? 13.860  2.032   -4.427  1.00 21.47 ? 19  THR A OG1 1 
ATOM   151  C CG2 . THR A 1 19  ? 14.330  3.963   -5.819  1.00 21.92 ? 19  THR A CG2 1 
ATOM   152  N N   . SER A 1 20  ? 11.154  0.886   -4.602  1.00 20.26 ? 20  SER A N   1 
ATOM   153  C CA  . SER A 1 20  ? 10.703  -0.472  -4.358  1.00 21.85 ? 20  SER A CA  1 
ATOM   154  C C   . SER A 1 20  ? 9.203   -0.714  -4.375  1.00 23.97 ? 20  SER A C   1 
ATOM   155  O O   . SER A 1 20  ? 8.763   -1.828  -4.656  1.00 23.13 ? 20  SER A O   1 
ATOM   156  C CB  . SER A 1 20  ? 11.284  -0.990  -3.033  1.00 23.95 ? 20  SER A CB  1 
ATOM   157  O OG  . SER A 1 20  ? 12.700  -1.094  -3.084  1.00 24.92 ? 20  SER A OG  1 
ATOM   158  N N   . TYR A 1 21  ? 8.406   0.321   -4.157  1.00 21.88 ? 21  TYR A N   1 
ATOM   159  C CA  . TYR A 1 21  ? 7.004   0.064   -4.114  1.00 20.78 ? 21  TYR A CA  1 
ATOM   160  C C   . TYR A 1 21  ? 6.135   0.973   -4.898  1.00 24.15 ? 21  TYR A C   1 
ATOM   161  O O   . TYR A 1 21  ? 4.936   0.777   -4.896  1.00 26.29 ? 21  TYR A O   1 
ATOM   162  C CB  . TYR A 1 21  ? 6.522   0.041   -2.664  1.00 18.65 ? 21  TYR A CB  1 
ATOM   163  C CG  . TYR A 1 21  ? 7.042   -1.148  -1.894  1.00 17.95 ? 21  TYR A CG  1 
ATOM   164  C CD1 . TYR A 1 21  ? 8.192   -1.060  -1.115  1.00 17.73 ? 21  TYR A CD1 1 
ATOM   165  C CD2 . TYR A 1 21  ? 6.394   -2.366  -1.964  1.00 17.19 ? 21  TYR A CD2 1 
ATOM   166  C CE1 . TYR A 1 21  ? 8.677   -2.179  -0.427  1.00 15.99 ? 21  TYR A CE1 1 
ATOM   167  C CE2 . TYR A 1 21  ? 6.867   -3.494  -1.286  1.00 17.71 ? 21  TYR A CE2 1 
ATOM   168  C CZ  . TYR A 1 21  ? 8.009   -3.401  -0.524  1.00 17.06 ? 21  TYR A CZ  1 
ATOM   169  O OH  . TYR A 1 21  ? 8.506   -4.541  0.075   1.00 11.04 ? 21  TYR A OH  1 
ATOM   170  N N   . SER A 1 22  ? 6.685   1.941   -5.619  1.00 23.30 ? 22  SER A N   1 
ATOM   171  C CA  . SER A 1 22  ? 5.785   2.846   -6.318  1.00 23.30 ? 22  SER A CA  1 
ATOM   172  C C   . SER A 1 22  ? 5.583   2.575   -7.825  1.00 24.91 ? 22  SER A C   1 
ATOM   173  O O   . SER A 1 22  ? 4.750   3.219   -8.504  1.00 28.19 ? 22  SER A O   1 
ATOM   174  C CB  . SER A 1 22  ? 6.222   4.276   -6.021  1.00 23.65 ? 22  SER A CB  1 
ATOM   175  O OG  . SER A 1 22  ? 6.351   4.421   -4.618  1.00 22.46 ? 22  SER A OG  1 
ATOM   176  N N   . PHE A 1 23  ? 6.321   1.590   -8.323  1.00 20.57 ? 23  PHE A N   1 
ATOM   177  C CA  . PHE A 1 23  ? 6.267   1.233   -9.723  1.00 20.47 ? 23  PHE A CA  1 
ATOM   178  C C   . PHE A 1 23  ? 6.194   -0.280  -9.895  1.00 18.64 ? 23  PHE A C   1 
ATOM   179  O O   . PHE A 1 23  ? 6.231   -0.803  -11.020 1.00 16.66 ? 23  PHE A O   1 
ATOM   180  C CB  . PHE A 1 23  ? 7.532   1.759   -10.414 1.00 21.02 ? 23  PHE A CB  1 
ATOM   181  C CG  . PHE A 1 23  ? 7.667   3.222   -10.351 1.00 20.52 ? 23  PHE A CG  1 
ATOM   182  C CD1 . PHE A 1 23  ? 6.788   4.043   -11.087 1.00 20.28 ? 23  PHE A CD1 1 
ATOM   183  C CD2 . PHE A 1 23  ? 8.597   3.805   -9.490  1.00 18.26 ? 23  PHE A CD2 1 
ATOM   184  C CE1 . PHE A 1 23  ? 6.832   5.444   -10.953 1.00 19.76 ? 23  PHE A CE1 1 
ATOM   185  C CE2 . PHE A 1 23  ? 8.649   5.196   -9.350  1.00 18.26 ? 23  PHE A CE2 1 
ATOM   186  C CZ  . PHE A 1 23  ? 7.764   6.012   -10.082 1.00 19.23 ? 23  PHE A CZ  1 
ATOM   187  N N   . TYR A 1 24  ? 6.045   -0.962  -8.772  1.00 16.88 ? 24  TYR A N   1 
ATOM   188  C CA  . TYR A 1 24  ? 6.032   -2.421  -8.742  1.00 16.56 ? 24  TYR A CA  1 
ATOM   189  C C   . TYR A 1 24  ? 4.834   -3.074  -9.398  1.00 14.72 ? 24  TYR A C   1 
ATOM   190  O O   . TYR A 1 24  ? 3.722   -2.661  -9.124  1.00 12.05 ? 24  TYR A O   1 
ATOM   191  C CB  . TYR A 1 24  ? 6.127   -2.900  -7.285  1.00 18.36 ? 24  TYR A CB  1 
ATOM   192  C CG  . TYR A 1 24  ? 6.496   -4.356  -7.121  1.00 17.32 ? 24  TYR A CG  1 
ATOM   193  C CD1 . TYR A 1 24  ? 7.821   -4.745  -6.838  1.00 18.81 ? 24  TYR A CD1 1 
ATOM   194  C CD2 . TYR A 1 24  ? 5.524   -5.344  -7.238  1.00 16.35 ? 24  TYR A CD2 1 
ATOM   195  C CE1 . TYR A 1 24  ? 8.159   -6.100  -6.681  1.00 19.34 ? 24  TYR A CE1 1 
ATOM   196  C CE2 . TYR A 1 24  ? 5.844   -6.677  -7.076  1.00 19.37 ? 24  TYR A CE2 1 
ATOM   197  C CZ  . TYR A 1 24  ? 7.147   -7.054  -6.800  1.00 18.40 ? 24  TYR A CZ  1 
ATOM   198  O OH  . TYR A 1 24  ? 7.367   -8.383  -6.625  1.00 20.80 ? 24  TYR A OH  1 
ATOM   199  N N   . GLY A 1 25  ? 5.068   -4.157  -10.171 1.00 15.33 ? 25  GLY A N   1 
ATOM   200  C CA  . GLY A 1 25  ? 3.973   -4.877  -10.823 1.00 13.28 ? 25  GLY A CA  1 
ATOM   201  C C   . GLY A 1 25  ? 2.882   -4.035  -11.495 1.00 15.36 ? 25  GLY A C   1 
ATOM   202  O O   . GLY A 1 25  ? 3.170   -2.954  -12.048 1.00 10.06 ? 25  GLY A O   1 
ATOM   203  N N   . CYS A 1 26  ? 1.630   -4.475  -11.375 1.00 14.24 ? 26  CYS A N   1 
ATOM   204  C CA  . CYS A 1 26  ? 0.517   -3.791  -12.008 1.00 18.19 ? 26  CYS A CA  1 
ATOM   205  C C   . CYS A 1 26  ? -0.326  -2.849  -11.156 1.00 23.12 ? 26  CYS A C   1 
ATOM   206  O O   . CYS A 1 26  ? -1.022  -1.970  -11.708 1.00 21.83 ? 26  CYS A O   1 
ATOM   207  C CB  . CYS A 1 26  ? -0.410  -4.819  -12.624 1.00 17.89 ? 26  CYS A CB  1 
ATOM   208  S SG  . CYS A 1 26  ? 0.352   -5.695  -14.017 1.00 20.70 ? 26  CYS A SG  1 
ATOM   209  N N   . HIS A 1 27  ? -0.283  -3.039  -9.827  1.00 26.60 ? 27  HIS A N   1 
ATOM   210  C CA  . HIS A 1 27  ? -1.109  -2.275  -8.882  1.00 25.35 ? 27  HIS A CA  1 
ATOM   211  C C   . HIS A 1 27  ? -0.523  -1.345  -7.840  1.00 25.69 ? 27  HIS A C   1 
ATOM   212  O O   . HIS A 1 27  ? -1.295  -0.674  -7.151  1.00 33.02 ? 27  HIS A O   1 
ATOM   213  C CB  . HIS A 1 27  ? -2.081  -3.208  -8.213  1.00 24.89 ? 27  HIS A CB  1 
ATOM   214  C CG  . HIS A 1 27  ? -3.092  -3.740  -9.157  1.00 27.45 ? 27  HIS A CG  1 
ATOM   215  N ND1 . HIS A 1 27  ? -4.251  -3.059  -9.456  1.00 29.40 ? 27  HIS A ND1 1 
ATOM   216  C CD2 . HIS A 1 27  ? -3.125  -4.877  -9.887  1.00 26.27 ? 27  HIS A CD2 1 
ATOM   217  C CE1 . HIS A 1 27  ? -4.965  -3.755  -10.319 1.00 25.38 ? 27  HIS A CE1 1 
ATOM   218  N NE2 . HIS A 1 27  ? -4.304  -4.858  -10.598 1.00 26.30 ? 27  HIS A NE2 1 
ATOM   219  N N   . CYS A 1 28  ? 0.807   -1.266  -7.732  1.00 21.81 ? 28  CYS A N   1 
ATOM   220  C CA  . CYS A 1 28  ? 1.447   -0.368  -6.773  1.00 18.77 ? 28  CYS A CA  1 
ATOM   221  C C   . CYS A 1 28  ? 1.515   1.025   -7.376  1.00 22.46 ? 28  CYS A C   1 
ATOM   222  O O   . CYS A 1 28  ? 1.683   1.181   -8.593  1.00 20.50 ? 28  CYS A O   1 
ATOM   223  C CB  . CYS A 1 28  ? 2.848   -0.869  -6.461  1.00 16.12 ? 28  CYS A CB  1 
ATOM   224  S SG  . CYS A 1 28  ? 2.793   -2.505  -5.665  1.00 14.29 ? 28  CYS A SG  1 
ATOM   225  N N   . GLY A 1 29  ? 1.377   2.042   -6.530  1.00 21.93 ? 29  GLY A N   1 
ATOM   226  C CA  . GLY A 1 29  ? 1.438   3.407   -7.007  1.00 22.05 ? 29  GLY A CA  1 
ATOM   227  C C   . GLY A 1 29  ? 0.165   3.718   -7.766  1.00 22.40 ? 29  GLY A C   1 
ATOM   228  O O   . GLY A 1 29  ? -0.912  3.476   -7.254  1.00 24.25 ? 29  GLY A O   1 
ATOM   229  N N   . LEU A 1 30  ? 0.312   4.202   -8.998  1.00 23.96 ? 30  LEU A N   1 
ATOM   230  C CA  . LEU A 1 30  ? -0.777  4.581   -9.881  1.00 24.76 ? 30  LEU A CA  1 
ATOM   231  C C   . LEU A 1 30  ? -1.419  3.442   -10.643 1.00 27.52 ? 30  LEU A C   1 
ATOM   232  O O   . LEU A 1 30  ? -2.565  3.564   -11.037 1.00 32.12 ? 30  LEU A O   1 
ATOM   233  C CB  . LEU A 1 30  ? -0.291  5.644   -10.894 1.00 19.21 ? 30  LEU A CB  1 
ATOM   234  C CG  . LEU A 1 30  ? -0.373  7.136   -10.511 1.00 19.77 ? 30  LEU A CG  1 
ATOM   235  C CD1 . LEU A 1 30  ? -0.760  7.335   -9.074  1.00 21.66 ? 30  LEU A CD1 1 
ATOM   236  C CD2 . LEU A 1 30  ? 0.966   7.799   -10.700 1.00 18.91 ? 30  LEU A CD2 1 
ATOM   237  N N   . GLY A 1 31  ? -0.698  2.339   -10.849 1.00 29.05 ? 31  GLY A N   1 
ATOM   238  C CA  . GLY A 1 31  ? -1.238  1.235   -11.620 1.00 28.91 ? 31  GLY A CA  1 
ATOM   239  C C   . GLY A 1 31  ? -2.594  0.804   -11.120 1.00 30.57 ? 31  GLY A C   1 
ATOM   240  O O   . GLY A 1 31  ? -2.852  0.925   -9.915  1.00 33.57 ? 31  GLY A O   1 
ATOM   241  N N   . ASN A 1 32  ? -3.484  0.404   -12.023 1.00 31.74 ? 32  ASN A N   1 
ATOM   242  C CA  . ASN A 1 32  ? -4.786  -0.094  -11.598 1.00 35.47 ? 32  ASN A CA  1 
ATOM   243  C C   . ASN A 1 32  ? -5.476  -1.128  -12.459 1.00 32.13 ? 32  ASN A C   1 
ATOM   244  O O   . ASN A 1 32  ? -6.575  -1.549  -12.117 1.00 37.04 ? 32  ASN A O   1 
ATOM   245  C CB  . ASN A 1 32  ? -5.771  1.010   -11.246 1.00 42.09 ? 32  ASN A CB  1 
ATOM   246  C CG  . ASN A 1 32  ? -6.046  1.885   -12.388 1.00 45.66 ? 32  ASN A CG  1 
ATOM   247  O OD1 . ASN A 1 32  ? -5.394  1.786   -13.452 1.00 50.70 ? 32  ASN A OD1 1 
ATOM   248  N ND2 . ASN A 1 32  ? -6.997  2.786   -12.208 1.00 51.38 ? 32  ASN A ND2 1 
ATOM   249  N N   . LYS A 1 33  ? -4.873  -1.563  -13.556 1.00 30.41 ? 33  LYS A N   1 
ATOM   250  C CA  . LYS A 1 33  ? -5.525  -2.612  -14.287 1.00 29.59 ? 33  LYS A CA  1 
ATOM   251  C C   . LYS A 1 33  ? -4.665  -3.864  -14.466 1.00 28.76 ? 33  LYS A C   1 
ATOM   252  O O   . LYS A 1 33  ? -3.429  -3.814  -14.367 1.00 31.08 ? 33  LYS A O   1 
ATOM   253  C CB  . LYS A 1 33  ? -6.165  -2.104  -15.582 1.00 29.87 ? 33  LYS A CB  1 
ATOM   254  C CG  . LYS A 1 33  ? -5.301  -1.279  -16.465 1.00 32.30 ? 33  LYS A CG  1 
ATOM   255  C CD  . LYS A 1 33  ? -6.106  -0.703  -17.627 0.00 25.85 ? 33  LYS A CD  1 
ATOM   256  C CE  . LYS A 1 33  ? -6.254  0.809   -17.514 0.00 32.66 ? 33  LYS A CE  1 
ATOM   257  N NZ  . LYS A 1 33  ? -7.417  1.346   -18.287 0.00 18.52 ? 33  LYS A NZ  1 
ATOM   258  N N   . GLY A 1 34  ? -5.338  -5.009  -14.571 1.00 25.42 ? 34  GLY A N   1 
ATOM   259  C CA  . GLY A 1 34  ? -4.648  -6.266  -14.770 1.00 22.71 ? 34  GLY A CA  1 
ATOM   260  C C   . GLY A 1 34  ? -4.676  -7.189  -13.584 1.00 25.21 ? 34  GLY A C   1 
ATOM   261  O O   . GLY A 1 34  ? -5.132  -6.836  -12.489 1.00 21.52 ? 34  GLY A O   1 
ATOM   262  N N   . LYS A 1 35  ? -4.297  -8.430  -13.841 1.00 27.33 ? 35  LYS A N   1 
ATOM   263  C CA  . LYS A 1 35  ? -4.178  -9.400  -12.784 1.00 26.56 ? 35  LYS A CA  1 
ATOM   264  C C   . LYS A 1 35  ? -2.833  -9.018  -12.108 1.00 28.61 ? 35  LYS A C   1 
ATOM   265  O O   . LYS A 1 35  ? -1.855  -8.668  -12.803 1.00 26.96 ? 35  LYS A O   1 
ATOM   266  C CB  . LYS A 1 35  ? -4.080  -10.820 -13.355 1.00 24.46 ? 35  LYS A CB  1 
ATOM   267  C CG  . LYS A 1 35  ? -4.255  -11.896 -12.273 1.00 27.90 ? 35  LYS A CG  1 
ATOM   268  C CD  . LYS A 1 35  ? -4.134  -13.361 -12.760 1.00 30.76 ? 35  LYS A CD  1 
ATOM   269  C CE  . LYS A 1 35  ? -4.211  -14.340 -11.603 0.00 22.54 ? 35  LYS A CE  1 
ATOM   270  N NZ  . LYS A 1 35  ? -3.998  -15.735 -12.076 0.00 19.12 ? 35  LYS A NZ  1 
ATOM   271  N N   . PRO A 1 36  ? -2.785  -9.044  -10.757 1.00 27.84 ? 36  PRO A N   1 
ATOM   272  C CA  . PRO A 1 36  ? -1.591  -8.720  -9.967  1.00 26.74 ? 36  PRO A CA  1 
ATOM   273  C C   . PRO A 1 36  ? -0.545  -9.770  -10.261 1.00 25.40 ? 36  PRO A C   1 
ATOM   274  O O   . PRO A 1 36  ? -0.879  -10.956 -10.393 1.00 26.22 ? 36  PRO A O   1 
ATOM   275  C CB  . PRO A 1 36  ? -2.091  -8.866  -8.516  1.00 27.63 ? 36  PRO A CB  1 
ATOM   276  C CG  . PRO A 1 36  ? -3.485  -8.437  -8.605  1.00 28.86 ? 36  PRO A CG  1 
ATOM   277  C CD  . PRO A 1 36  ? -3.976  -9.105  -9.895  1.00 28.31 ? 36  PRO A CD  1 
ATOM   278  N N   . LYS A 1 37  ? 0.723   -9.366  -10.244 1.00 25.99 ? 37  LYS A N   1 
ATOM   279  C CA  . LYS A 1 37  ? 1.839   -10.267 -10.532 1.00 25.11 ? 37  LYS A CA  1 
ATOM   280  C C   . LYS A 1 37  ? 2.218   -11.238 -9.442  1.00 22.81 ? 37  LYS A C   1 
ATOM   281  O O   . LYS A 1 37  ? 2.666   -12.328 -9.714  1.00 27.69 ? 37  LYS A O   1 
ATOM   282  C CB  . LYS A 1 37  ? 3.054   -9.475  -10.996 1.00 25.65 ? 37  LYS A CB  1 
ATOM   283  C CG  . LYS A 1 37  ? 2.624   -8.435  -12.018 1.00 29.93 ? 37  LYS A CG  1 
ATOM   284  C CD  . LYS A 1 37  ? 2.898   -8.768  -13.455 1.00 29.22 ? 37  LYS A CD  1 
ATOM   285  C CE  . LYS A 1 37  ? 2.221   -10.043 -13.960 1.00 33.59 ? 37  LYS A CE  1 
ATOM   286  N NZ  . LYS A 1 37  ? 3.206   -10.884 -14.753 1.00 31.50 ? 37  LYS A NZ  1 
ATOM   287  N N   . ASP A 1 38  ? 2.057   -10.851 -8.202  1.00 22.97 ? 38  ASP A N   1 
ATOM   288  C CA  . ASP A 1 38  ? 2.423   -11.739 -7.115  1.00 22.62 ? 38  ASP A CA  1 
ATOM   289  C C   . ASP A 1 38  ? 1.794   -11.181 -5.841  1.00 22.03 ? 38  ASP A C   1 
ATOM   290  O O   . ASP A 1 38  ? 1.037   -10.198 -5.887  1.00 23.41 ? 38  ASP A O   1 
ATOM   291  C CB  . ASP A 1 38  ? 3.966   -11.812 -7.010  1.00 20.56 ? 38  ASP A CB  1 
ATOM   292  C CG  . ASP A 1 38  ? 4.649   -10.432 -6.759  1.00 21.82 ? 38  ASP A CG  1 
ATOM   293  O OD1 . ASP A 1 38  ? 5.902   -10.387 -6.789  1.00 15.32 ? 38  ASP A OD1 1 
ATOM   294  O OD2 . ASP A 1 38  ? 3.961   -9.408  -6.488  1.00 20.48 ? 38  ASP A OD2 1 
ATOM   295  N N   . ALA A 1 39  ? 2.114   -11.791 -4.711  1.00 19.73 ? 39  ALA A N   1 
ATOM   296  C CA  . ALA A 1 39  ? 1.621   -11.325 -3.408  1.00 18.52 ? 39  ALA A CA  1 
ATOM   297  C C   . ALA A 1 39  ? 1.861   -9.850  -3.135  1.00 16.63 ? 39  ALA A C   1 
ATOM   298  O O   . ALA A 1 39  ? 0.963   -9.151  -2.645  1.00 16.92 ? 39  ALA A O   1 
ATOM   299  C CB  . ALA A 1 39  ? 2.259   -12.125 -2.282  1.00 13.49 ? 39  ALA A CB  1 
ATOM   300  N N   . THR A 1 40  ? 3.049   -9.362  -3.474  1.00 15.87 ? 40  THR A N   1 
ATOM   301  C CA  . THR A 1 40  ? 3.358   -7.979  -3.170  1.00 16.98 ? 40  THR A CA  1 
ATOM   302  C C   . THR A 1 40  ? 2.418   -7.027  -3.926  1.00 18.46 ? 40  THR A C   1 
ATOM   303  O O   . THR A 1 40  ? 1.902   -6.025  -3.363  1.00 17.31 ? 40  THR A O   1 
ATOM   304  C CB  . THR A 1 40  ? 4.832   -7.646  -3.489  1.00 17.91 ? 40  THR A CB  1 
ATOM   305  O OG1 . THR A 1 40  ? 5.637   -8.088  -2.418  1.00 13.88 ? 40  THR A OG1 1 
ATOM   306  C CG2 . THR A 1 40  ? 5.061   -6.109  -3.619  1.00 18.33 ? 40  THR A CG2 1 
ATOM   307  N N   . ASP A 1 41  ? 2.219   -7.355  -5.193  1.00 17.39 ? 41  ASP A N   1 
ATOM   308  C CA  . ASP A 1 41  ? 1.375   -6.582  -6.083  1.00 18.89 ? 41  ASP A CA  1 
ATOM   309  C C   . ASP A 1 41  ? -0.037  -6.636  -5.565  1.00 18.96 ? 41  ASP A C   1 
ATOM   310  O O   . ASP A 1 41  ? -0.773  -5.653  -5.647  1.00 20.04 ? 41  ASP A O   1 
ATOM   311  C CB  . ASP A 1 41  ? 1.437   -7.180  -7.486  1.00 19.65 ? 41  ASP A CB  1 
ATOM   312  C CG  . ASP A 1 41  ? 1.064   -6.198  -8.550  1.00 20.37 ? 41  ASP A CG  1 
ATOM   313  O OD1 . ASP A 1 41  ? 0.771   -6.661  -9.678  1.00 21.45 ? 41  ASP A OD1 1 
ATOM   314  O OD2 . ASP A 1 41  ? 1.043   -4.977  -8.260  1.00 16.20 ? 41  ASP A OD2 1 
ATOM   315  N N   . ARG A 1 42  ? -0.370  -7.746  -4.916  1.00 19.97 ? 42  ARG A N   1 
ATOM   316  C CA  . ARG A 1 42  ? -1.691  -7.901  -4.383  1.00 20.78 ? 42  ARG A CA  1 
ATOM   317  C C   . ARG A 1 42  ? -1.903  -7.021  -3.152  1.00 18.90 ? 42  ARG A C   1 
ATOM   318  O O   . ARG A 1 42  ? -2.992  -6.502  -2.937  1.00 18.45 ? 42  ARG A O   1 
ATOM   319  C CB  . ARG A 1 42  ? -1.964  -9.337  -4.121  1.00 25.02 ? 42  ARG A CB  1 
ATOM   320  C CG  . ARG A 1 42  ? -3.384  -9.509  -4.074  1.00 34.65 ? 42  ARG A CG  1 
ATOM   321  C CD  . ARG A 1 42  ? -3.872  -10.932 -4.504  1.00 43.11 ? 42  ARG A CD  1 
ATOM   322  N NE  . ARG A 1 42  ? -4.940  -11.361 -3.566  1.00 50.26 ? 42  ARG A NE  1 
ATOM   323  C CZ  . ARG A 1 42  ? -6.082  -10.679 -3.323  1.00 51.29 ? 42  ARG A CZ  1 
ATOM   324  N NH1 . ARG A 1 42  ? -6.966  -11.136 -2.441  1.00 52.36 ? 42  ARG A NH1 1 
ATOM   325  N NH2 . ARG A 1 42  ? -6.399  -9.573  -4.002  1.00 55.25 ? 42  ARG A NH2 1 
ATOM   326  N N   . CYS A 1 43  ? -0.844  -6.806  -2.368  1.00 18.68 ? 43  CYS A N   1 
ATOM   327  C CA  . CYS A 1 43  ? -0.919  -5.894  -1.217  1.00 16.73 ? 43  CYS A CA  1 
ATOM   328  C C   . CYS A 1 43  ? -1.313  -4.529  -1.764  1.00 19.45 ? 43  CYS A C   1 
ATOM   329  O O   . CYS A 1 43  ? -2.173  -3.851  -1.195  1.00 19.35 ? 43  CYS A O   1 
ATOM   330  C CB  . CYS A 1 43  ? 0.430   -5.777  -0.534  1.00 14.03 ? 43  CYS A CB  1 
ATOM   331  S SG  . CYS A 1 43  ? 1.057   -7.337  0.211   1.00 14.84 ? 43  CYS A SG  1 
ATOM   332  N N   . CYS A 1 44  ? -0.791  -4.197  -2.954  1.00 19.48 ? 44  CYS A N   1 
ATOM   333  C CA  . CYS A 1 44  ? -1.070  -2.913  -3.594  1.00 18.31 ? 44  CYS A CA  1 
ATOM   334  C C   . CYS A 1 44  ? -2.496  -2.822  -4.042  1.00 20.01 ? 44  CYS A C   1 
ATOM   335  O O   . CYS A 1 44  ? -3.175  -1.806  -3.839  1.00 15.15 ? 44  CYS A O   1 
ATOM   336  C CB  . CYS A 1 44  ? -0.119  -2.677  -4.749  1.00 15.37 ? 44  CYS A CB  1 
ATOM   337  S SG  . CYS A 1 44  ? 1.526   -2.133  -4.119  1.00 16.19 ? 44  CYS A SG  1 
ATOM   338  N N   . PHE A 1 45  ? -2.958  -3.913  -4.628  1.00 21.04 ? 45  PHE A N   1 
ATOM   339  C CA  . PHE A 1 45  ? -4.322  -3.969  -5.086  1.00 20.62 ? 45  PHE A CA  1 
ATOM   340  C C   . PHE A 1 45  ? -5.309  -3.859  -3.908  1.00 19.69 ? 45  PHE A C   1 
ATOM   341  O O   . PHE A 1 45  ? -6.280  -3.107  -4.043  1.00 20.29 ? 45  PHE A O   1 
ATOM   342  C CB  . PHE A 1 45  ? -4.617  -5.240  -5.899  1.00 19.86 ? 45  PHE A CB  1 
ATOM   343  C CG  . PHE A 1 45  ? -6.111  -5.575  -5.994  1.00 21.50 ? 45  PHE A CG  1 
ATOM   344  C CD1 . PHE A 1 45  ? -6.927  -5.002  -7.002  1.00 20.15 ? 45  PHE A CD1 1 
ATOM   345  C CD2 . PHE A 1 45  ? -6.713  -6.462  -5.069  1.00 21.19 ? 45  PHE A CD2 1 
ATOM   346  C CE1 . PHE A 1 45  ? -8.312  -5.314  -7.081  1.00 20.71 ? 45  PHE A CE1 1 
ATOM   347  C CE2 . PHE A 1 45  ? -8.113  -6.771  -5.152  1.00 20.55 ? 45  PHE A CE2 1 
ATOM   348  C CZ  . PHE A 1 45  ? -8.896  -6.198  -6.156  1.00 20.38 ? 45  PHE A CZ  1 
ATOM   349  N N   . VAL A 1 46  ? -5.097  -4.555  -2.772  1.00 15.16 ? 46  VAL A N   1 
ATOM   350  C CA  . VAL A 1 46  ? -6.102  -4.389  -1.717  1.00 16.66 ? 46  VAL A CA  1 
ATOM   351  C C   . VAL A 1 46  ? -6.026  -3.016  -1.041  1.00 18.58 ? 46  VAL A C   1 
ATOM   352  O O   . VAL A 1 46  ? -7.050  -2.433  -0.669  1.00 18.45 ? 46  VAL A O   1 
ATOM   353  C CB  . VAL A 1 46  ? -6.254  -5.572  -0.698  1.00 14.94 ? 46  VAL A CB  1 
ATOM   354  C CG1 . VAL A 1 46  ? -5.511  -6.801  -1.142  1.00 9.46  ? 46  VAL A CG1 1 
ATOM   355  C CG2 . VAL A 1 46  ? -5.943  -5.128  0.698   1.00 15.11 ? 46  VAL A CG2 1 
ATOM   356  N N   . HIS A 1 47  ? -4.828  -2.449  -1.019  1.00 17.55 ? 47  HIS A N   1 
ATOM   357  C CA  . HIS A 1 47  ? -4.652  -1.121  -0.470  1.00 19.76 ? 47  HIS A CA  1 
ATOM   358  C C   . HIS A 1 47  ? -5.440  -0.096  -1.348  1.00 22.33 ? 47  HIS A C   1 
ATOM   359  O O   . HIS A 1 47  ? -6.077  0.843   -0.818  1.00 16.65 ? 47  HIS A O   1 
ATOM   360  C CB  . HIS A 1 47  ? -3.162  -0.787  -0.391  1.00 16.92 ? 47  HIS A CB  1 
ATOM   361  C CG  . HIS A 1 47  ? -2.874  0.611   0.026   1.00 15.09 ? 47  HIS A CG  1 
ATOM   362  N ND1 . HIS A 1 47  ? -2.914  1.012   1.346   1.00 17.19 ? 47  HIS A ND1 1 
ATOM   363  C CD2 . HIS A 1 47  ? -2.604  1.719   -0.700  1.00 14.90 ? 47  HIS A CD2 1 
ATOM   364  C CE1 . HIS A 1 47  ? -2.686  2.309   1.418   1.00 17.36 ? 47  HIS A CE1 1 
ATOM   365  N NE2 . HIS A 1 47  ? -2.502  2.763   0.190   1.00 14.68 ? 47  HIS A NE2 1 
ATOM   366  N N   . SER A 1 48  ? -5.470  -0.311  -2.663  1.00 22.39 ? 48  SER A N   1 
ATOM   367  C CA  . SER A 1 48  ? -6.221  0.612   -3.521  1.00 24.39 ? 48  SER A CA  1 
ATOM   368  C C   . SER A 1 48  ? -7.710  0.469   -3.264  1.00 23.43 ? 48  SER A C   1 
ATOM   369  O O   . SER A 1 48  ? -8.413  1.485   -3.097  1.00 24.76 ? 48  SER A O   1 
ATOM   370  C CB  . SER A 1 48  ? -5.884  0.416   -4.986  1.00 24.45 ? 48  SER A CB  1 
ATOM   371  O OG  . SER A 1 48  ? -4.475  0.569   -5.143  1.00 31.77 ? 48  SER A OG  1 
ATOM   372  N N   . CYS A 1 49  ? -8.159  -0.774  -3.095  1.00 20.29 ? 49  CYS A N   1 
ATOM   373  C CA  . CYS A 1 49  ? -9.558  -1.009  -2.795  1.00 22.85 ? 49  CYS A CA  1 
ATOM   374  C C   . CYS A 1 49  ? -9.858  -0.297  -1.485  1.00 21.43 ? 49  CYS A C   1 
ATOM   375  O O   . CYS A 1 49  ? -10.810 0.474   -1.397  1.00 22.95 ? 49  CYS A O   1 
ATOM   376  C CB  . CYS A 1 49  ? -9.869  -2.520  -2.651  1.00 26.83 ? 49  CYS A CB  1 
ATOM   377  S SG  . CYS A 1 49  ? -9.757  -3.502  -4.207  1.00 28.47 ? 49  CYS A SG  1 
ATOM   378  N N   . CYS A 1 50  ? -8.970  -0.459  -0.510  1.00 18.56 ? 50  CYS A N   1 
ATOM   379  C CA  . CYS A 1 50  ? -9.180  0.153   0.770   1.00 17.56 ? 50  CYS A CA  1 
ATOM   380  C C   . CYS A 1 50  ? -9.331  1.676   0.598   1.00 20.59 ? 50  CYS A C   1 
ATOM   381  O O   . CYS A 1 50  ? -10.203 2.275   1.191   1.00 18.03 ? 50  CYS A O   1 
ATOM   382  C CB  . CYS A 1 50  ? -8.017  -0.208  1.685   1.00 18.16 ? 50  CYS A CB  1 
ATOM   383  S SG  . CYS A 1 50  ? -8.377  0.102   3.437   1.00 14.76 ? 50  CYS A SG  1 
ATOM   384  N N   . TYR A 1 51  ? -8.502  2.308   -0.225  1.00 21.58 ? 51  TYR A N   1 
ATOM   385  C CA  . TYR A 1 51  ? -8.644  3.744   -0.456  1.00 24.87 ? 51  TYR A CA  1 
ATOM   386  C C   . TYR A 1 51  ? -9.904  4.144   -1.257  1.00 28.51 ? 51  TYR A C   1 
ATOM   387  O O   . TYR A 1 51  ? -10.390 5.285   -1.156  1.00 29.92 ? 51  TYR A O   1 
ATOM   388  C CB  . TYR A 1 51  ? -7.442  4.304   -1.187  1.00 19.72 ? 51  TYR A CB  1 
ATOM   389  C CG  . TYR A 1 51  ? -6.270  4.691   -0.334  1.00 22.37 ? 51  TYR A CG  1 
ATOM   390  C CD1 . TYR A 1 51  ? -6.173  4.349   1.032   1.00 19.89 ? 51  TYR A CD1 1 
ATOM   391  C CD2 . TYR A 1 51  ? -5.254  5.464   -0.898  1.00 21.45 ? 51  TYR A CD2 1 
ATOM   392  C CE1 . TYR A 1 51  ? -5.084  4.802   1.788   1.00 19.72 ? 51  TYR A CE1 1 
ATOM   393  C CE2 . TYR A 1 51  ? -4.189  5.898   -0.173  1.00 21.69 ? 51  TYR A CE2 1 
ATOM   394  C CZ  . TYR A 1 51  ? -4.106  5.578   1.154   1.00 19.08 ? 51  TYR A CZ  1 
ATOM   395  O OH  . TYR A 1 51  ? -3.018  6.097   1.750   1.00 17.81 ? 51  TYR A OH  1 
ATOM   396  N N   . ALA A 1 52  ? -10.359 3.259   -2.132  1.00 28.89 ? 52  ALA A N   1 
ATOM   397  C CA  . ALA A 1 52  ? -11.562 3.521   -2.935  1.00 29.52 ? 52  ALA A CA  1 
ATOM   398  C C   . ALA A 1 52  ? -12.801 3.705   -2.027  1.00 29.75 ? 52  ALA A C   1 
ATOM   399  O O   . ALA A 1 52  ? -13.542 4.693   -2.146  1.00 32.85 ? 52  ALA A O   1 
ATOM   400  C CB  . ALA A 1 52  ? -11.766 2.408   -3.877  1.00 25.56 ? 52  ALA A CB  1 
ATOM   401  N N   . LYS A 1 53  ? -12.950 2.797   -1.073  1.00 27.04 ? 53  LYS A N   1 
ATOM   402  C CA  . LYS A 1 53  ? -14.008 2.844   -0.062  1.00 28.77 ? 53  LYS A CA  1 
ATOM   403  C C   . LYS A 1 53  ? -14.042 4.166   0.728   1.00 27.57 ? 53  LYS A C   1 
ATOM   404  O O   . LYS A 1 53  ? -15.084 4.518   1.316   1.00 27.38 ? 53  LYS A O   1 
ATOM   405  C CB  . LYS A 1 53  ? -13.710 1.774   0.986   1.00 30.39 ? 53  LYS A CB  1 
ATOM   406  C CG  . LYS A 1 53  ? -14.713 0.681   1.165   1.00 35.35 ? 53  LYS A CG  1 
ATOM   407  C CD  . LYS A 1 53  ? -15.192 0.578   2.650   1.00 38.51 ? 53  LYS A CD  1 
ATOM   408  C CE  . LYS A 1 53  ? -16.590 1.183   2.788   0.00 29.93 ? 53  LYS A CE  1 
ATOM   409  N NZ  . LYS A 1 53  ? -16.996 1.988   1.586   0.00 17.48 ? 53  LYS A NZ  1 
ATOM   410  N N   . LEU A 1 54  ? -12.875 4.820   0.828   1.00 25.49 ? 54  LEU A N   1 
ATOM   411  C CA  . LEU A 1 54  ? -12.705 6.023   1.630   1.00 24.93 ? 54  LEU A CA  1 
ATOM   412  C C   . LEU A 1 54  ? -12.441 7.254   0.845   1.00 26.61 ? 54  LEU A C   1 
ATOM   413  O O   . LEU A 1 54  ? -11.746 8.182   1.299   1.00 27.77 ? 54  LEU A O   1 
ATOM   414  C CB  . LEU A 1 54  ? -11.586 5.821   2.640   1.00 21.69 ? 54  LEU A CB  1 
ATOM   415  C CG  . LEU A 1 54  ? -11.799 4.562   3.484   1.00 22.36 ? 54  LEU A CG  1 
ATOM   416  C CD1 . LEU A 1 54  ? -10.499 4.054   4.074   1.00 15.66 ? 54  LEU A CD1 1 
ATOM   417  C CD2 . LEU A 1 54  ? -12.814 4.855   4.587   1.00 24.46 ? 54  LEU A CD2 1 
ATOM   418  N N   . SER A 1 55  ? -13.056 7.289   -0.316  1.00 30.29 ? 55  SER A N   1 
ATOM   419  C CA  . SER A 1 55  ? -12.928 8.401   -1.230  1.00 32.51 ? 55  SER A CA  1 
ATOM   420  C C   . SER A 1 55  ? -13.277 9.772   -0.622  1.00 32.90 ? 55  SER A C   1 
ATOM   421  O O   . SER A 1 55  ? -12.622 10.793  -0.921  1.00 31.94 ? 55  SER A O   1 
ATOM   422  C CB  . SER A 1 55  ? -13.816 8.125   -2.417  1.00 33.77 ? 55  SER A CB  1 
ATOM   423  O OG  . SER A 1 55  ? -13.511 9.065   -3.409  1.00 39.14 ? 55  SER A OG  1 
ATOM   424  N N   . ASP A 1 56  ? -14.306 9.806   0.223   1.00 33.34 ? 56  ASP A N   1 
ATOM   425  C CA  . ASP A 1 56  ? -14.678 11.063  0.860   1.00 34.13 ? 56  ASP A CA  1 
ATOM   426  C C   . ASP A 1 56  ? -13.762 11.449  1.983   1.00 31.43 ? 56  ASP A C   1 
ATOM   427  O O   . ASP A 1 56  ? -14.074 12.371  2.712   1.00 34.56 ? 56  ASP A O   1 
ATOM   428  C CB  . ASP A 1 56  ? -16.096 11.013  1.391   1.00 36.61 ? 56  ASP A CB  1 
ATOM   429  C CG  . ASP A 1 56  ? -17.083 10.781  0.308   1.00 38.48 ? 56  ASP A CG  1 
ATOM   430  O OD1 . ASP A 1 56  ? -17.943 9.887   0.472   1.00 40.26 ? 56  ASP A OD1 1 
ATOM   431  O OD2 . ASP A 1 56  ? -16.961 11.460  -0.740  1.00 41.06 ? 56  ASP A OD2 1 
ATOM   432  N N   . CYS A 1 57  ? -12.670 10.704  2.166   1.00 30.93 ? 57  CYS A N   1 
ATOM   433  C CA  . CYS A 1 57  ? -11.700 10.986  3.242   1.00 28.75 ? 57  CYS A CA  1 
ATOM   434  C C   . CYS A 1 57  ? -10.378 11.626  2.782   1.00 29.77 ? 57  CYS A C   1 
ATOM   435  O O   . CYS A 1 57  ? -9.539  11.909  3.623   1.00 32.33 ? 57  CYS A O   1 
ATOM   436  C CB  . CYS A 1 57  ? -11.382 9.712   4.050   1.00 22.85 ? 57  CYS A CB  1 
ATOM   437  S SG  . CYS A 1 57  ? -12.762 9.050   5.053   1.00 17.24 ? 57  CYS A SG  1 
ATOM   438  N N   . SER A 1 58  ? -10.184 11.819  1.477   1.00 26.91 ? 58  SER A N   1 
ATOM   439  C CA  . SER A 1 58  ? -8.942  12.400  0.937   1.00 29.79 ? 58  SER A CA  1 
ATOM   440  C C   . SER A 1 58  ? -7.679  11.676  1.403   1.00 26.51 ? 58  SER A C   1 
ATOM   441  O O   . SER A 1 58  ? -6.692  12.316  1.752   1.00 28.13 ? 58  SER A O   1 
ATOM   442  C CB  . SER A 1 58  ? -8.818  13.895  1.285   1.00 31.31 ? 58  SER A CB  1 
ATOM   443  O OG  . SER A 1 58  ? -9.762  14.658  0.570   1.00 30.61 ? 58  SER A OG  1 
ATOM   444  N N   . PRO A 1 59  ? -7.683  10.340  1.325   1.00 27.04 ? 59  PRO A N   1 
ATOM   445  C CA  . PRO A 1 59  ? -6.607  9.426   1.718   1.00 24.73 ? 59  PRO A CA  1 
ATOM   446  C C   . PRO A 1 59  ? -5.190  9.911   1.363   1.00 25.66 ? 59  PRO A C   1 
ATOM   447  O O   . PRO A 1 59  ? -4.266  9.720   2.126   1.00 26.81 ? 59  PRO A O   1 
ATOM   448  C CB  . PRO A 1 59  ? -6.932  8.152   0.908   1.00 25.68 ? 59  PRO A CB  1 
ATOM   449  C CG  . PRO A 1 59  ? -8.364  8.270   0.567   1.00 25.95 ? 59  PRO A CG  1 
ATOM   450  C CD  . PRO A 1 59  ? -8.502  9.722   0.262   1.00 27.66 ? 59  PRO A CD  1 
ATOM   451  N N   . LYS A 1 60  ? -4.994  10.514  0.193   1.00 25.41 ? 60  LYS A N   1 
ATOM   452  C CA  . LYS A 1 60  ? -3.653  10.934  -0.185  1.00 26.07 ? 60  LYS A CA  1 
ATOM   453  C C   . LYS A 1 60  ? -3.068  12.097  0.633   1.00 26.18 ? 60  LYS A C   1 
ATOM   454  O O   . LYS A 1 60  ? -1.899  12.091  1.052   1.00 26.34 ? 60  LYS A O   1 
ATOM   455  C CB  . LYS A 1 60  ? -3.632  11.262  -1.672  1.00 25.84 ? 60  LYS A CB  1 
ATOM   456  C CG  . LYS A 1 60  ? -2.468  12.120  -2.119  1.00 29.89 ? 60  LYS A CG  1 
ATOM   457  C CD  . LYS A 1 60  ? -2.311  12.008  -3.602  1.00 33.51 ? 60  LYS A CD  1 
ATOM   458  C CE  . LYS A 1 60  ? -1.363  13.045  -4.171  1.00 37.38 ? 60  LYS A CE  1 
ATOM   459  N NZ  . LYS A 1 60  ? -2.010  13.779  -5.347  1.00 39.37 ? 60  LYS A NZ  1 
ATOM   460  N N   . THR A 1 61  ? -3.910  13.084  0.899   1.00 26.51 ? 61  THR A N   1 
ATOM   461  C CA  . THR A 1 61  ? -3.461  14.280  1.570   1.00 23.29 ? 61  THR A CA  1 
ATOM   462  C C   . THR A 1 61  ? -3.820  14.405  3.025   1.00 21.37 ? 61  THR A C   1 
ATOM   463  O O   . THR A 1 61  ? -3.241  15.219  3.741   1.00 25.47 ? 61  THR A O   1 
ATOM   464  C CB  . THR A 1 61  ? -3.979  15.520  0.794   1.00 22.11 ? 61  THR A CB  1 
ATOM   465  O OG1 . THR A 1 61  ? -5.409  15.611  0.895   1.00 28.55 ? 61  THR A OG1 1 
ATOM   466  C CG2 . THR A 1 61  ? -3.623  15.388  -0.627  1.00 15.31 ? 61  THR A CG2 1 
ATOM   467  N N   . ASN A 1 62  ? -4.766  13.600  3.475   1.00 18.88 ? 62  ASN A N   1 
ATOM   468  C CA  . ASN A 1 62  ? -5.259  13.737  4.844   1.00 18.56 ? 62  ASN A CA  1 
ATOM   469  C C   . ASN A 1 62  ? -4.303  13.236  5.908   1.00 20.75 ? 62  ASN A C   1 
ATOM   470  O O   . ASN A 1 62  ? -4.161  12.015  6.094   1.00 18.35 ? 62  ASN A O   1 
ATOM   471  C CB  . ASN A 1 62  ? -6.606  13.047  4.949   1.00 18.70 ? 62  ASN A CB  1 
ATOM   472  C CG  . ASN A 1 62  ? -7.347  13.411  6.215   1.00 20.75 ? 62  ASN A CG  1 
ATOM   473  O OD1 . ASN A 1 62  ? -6.759  13.923  7.203   1.00 19.63 ? 62  ASN A OD1 1 
ATOM   474  N ND2 . ASN A 1 62  ? -8.648  13.142  6.212   1.00 20.73 ? 62  ASN A ND2 1 
ATOM   475  N N   . ARG A 1 63  ? -3.701  14.164  6.650   1.00 20.65 ? 63  ARG A N   1 
ATOM   476  C CA  . ARG A 1 63  ? -2.694  13.779  7.652   1.00 23.73 ? 63  ARG A CA  1 
ATOM   477  C C   . ARG A 1 63  ? -3.251  13.045  8.841   1.00 23.55 ? 63  ARG A C   1 
ATOM   478  O O   . ARG A 1 63  ? -4.386  13.330  9.252   1.00 25.08 ? 63  ARG A O   1 
ATOM   479  C CB  . ARG A 1 63  ? -1.884  14.991  8.158   1.00 22.24 ? 63  ARG A CB  1 
ATOM   480  C CG  . ARG A 1 63  ? -1.270  15.878  7.088   1.00 25.55 ? 63  ARG A CG  1 
ATOM   481  C CD  . ARG A 1 63  ? -0.301  15.155  6.262   1.00 27.20 ? 63  ARG A CD  1 
ATOM   482  N NE  . ARG A 1 63  ? 0.761   14.657  7.126   1.00 35.98 ? 63  ARG A NE  1 
ATOM   483  C CZ  . ARG A 1 63  ? 1.741   15.420  7.628   1.00 37.38 ? 63  ARG A CZ  1 
ATOM   484  N NH1 . ARG A 1 63  ? 2.666   14.886  8.440   1.00 41.12 ? 63  ARG A NH1 1 
ATOM   485  N NH2 . ARG A 1 63  ? 1.841   16.698  7.264   1.00 38.25 ? 63  ARG A NH2 1 
ATOM   486  N N   . TYR A 1 64  ? -2.473  12.112  9.403   1.00 22.40 ? 64  TYR A N   1 
ATOM   487  C CA  . TYR A 1 64  ? -2.927  11.410  10.622  1.00 24.29 ? 64  TYR A CA  1 
ATOM   488  C C   . TYR A 1 64  ? -1.778  11.002  11.572  1.00 24.03 ? 64  TYR A C   1 
ATOM   489  O O   . TYR A 1 64  ? -0.619  11.013  11.185  1.00 19.25 ? 64  TYR A O   1 
ATOM   490  C CB  . TYR A 1 64  ? -3.818  10.206  10.284  1.00 21.29 ? 64  TYR A CB  1 
ATOM   491  C CG  . TYR A 1 64  ? -3.109  9.069   9.587   1.00 24.34 ? 64  TYR A CG  1 
ATOM   492  C CD1 . TYR A 1 64  ? -2.218  8.220   10.286  1.00 21.50 ? 64  TYR A CD1 1 
ATOM   493  C CD2 . TYR A 1 64  ? -3.324  8.839   8.216   1.00 25.81 ? 64  TYR A CD2 1 
ATOM   494  C CE1 . TYR A 1 64  ? -1.559  7.179   9.644   1.00 24.64 ? 64  TYR A CE1 1 
ATOM   495  C CE2 . TYR A 1 64  ? -2.678  7.786   7.538   1.00 27.01 ? 64  TYR A CE2 1 
ATOM   496  C CZ  . TYR A 1 64  ? -1.791  6.955   8.257   1.00 27.01 ? 64  TYR A CZ  1 
ATOM   497  O OH  . TYR A 1 64  ? -1.178  5.930   7.584   1.00 23.82 ? 64  TYR A OH  1 
ATOM   498  N N   . GLU A 1 65  ? -2.112  10.621  12.795  1.00 24.75 ? 65  GLU A N   1 
ATOM   499  C CA  . GLU A 1 65  ? -1.097  10.192  13.772  1.00 30.41 ? 65  GLU A CA  1 
ATOM   500  C C   . GLU A 1 65  ? -1.079  8.684   13.957  1.00 27.87 ? 65  GLU A C   1 
ATOM   501  O O   . GLU A 1 65  ? -2.121  8.027   13.927  1.00 28.50 ? 65  GLU A O   1 
ATOM   502  C CB  . GLU A 1 65  ? -1.343  10.757  15.175  1.00 36.36 ? 65  GLU A CB  1 
ATOM   503  C CG  . GLU A 1 65  ? -1.860  12.179  15.268  1.00 44.72 ? 65  GLU A CG  1 
ATOM   504  C CD  . GLU A 1 65  ? -0.740  13.162  15.566  1.00 48.48 ? 65  GLU A CD  1 
ATOM   505  O OE1 . GLU A 1 65  ? -0.641  13.644  16.743  1.00 54.17 ? 65  GLU A OE1 1 
ATOM   506  O OE2 . GLU A 1 65  ? 0.069   13.408  14.628  1.00 51.93 ? 65  GLU A OE2 1 
ATOM   507  N N   . TYR A 1 66  ? 0.114   8.141   14.187  1.00 28.24 ? 66  TYR A N   1 
ATOM   508  C CA  . TYR A 1 66  ? 0.252   6.732   14.471  1.00 25.08 ? 66  TYR A CA  1 
ATOM   509  C C   . TYR A 1 66  ? 1.469   6.581   15.327  1.00 26.56 ? 66  TYR A C   1 
ATOM   510  O O   . TYR A 1 66  ? 2.386   7.398   15.261  1.00 22.23 ? 66  TYR A O   1 
ATOM   511  C CB  . TYR A 1 66  ? 0.366   5.881   13.193  1.00 22.38 ? 66  TYR A CB  1 
ATOM   512  C CG  . TYR A 1 66  ? 1.729   5.828   12.576  1.00 17.94 ? 66  TYR A CG  1 
ATOM   513  C CD1 . TYR A 1 66  ? 2.076   6.730   11.573  1.00 18.12 ? 66  TYR A CD1 1 
ATOM   514  C CD2 . TYR A 1 66  ? 2.628   4.823   12.920  1.00 14.80 ? 66  TYR A CD2 1 
ATOM   515  C CE1 . TYR A 1 66  ? 3.273   6.618   10.900  1.00 18.42 ? 66  TYR A CE1 1 
ATOM   516  C CE2 . TYR A 1 66  ? 3.851   4.699   12.271  1.00 14.72 ? 66  TYR A CE2 1 
ATOM   517  C CZ  . TYR A 1 66  ? 4.171   5.586   11.244  1.00 17.88 ? 66  TYR A CZ  1 
ATOM   518  O OH  . TYR A 1 66  ? 5.313   5.426   10.469  1.00 20.39 ? 66  TYR A OH  1 
ATOM   519  N N   . HIS A 1 67  ? 1.511   5.484   16.063  1.00 26.40 ? 67  HIS A N   1 
ATOM   520  C CA  . HIS A 1 67  ? 2.638   5.232   16.953  1.00 27.35 ? 67  HIS A CA  1 
ATOM   521  C C   . HIS A 1 67  ? 2.716   3.693   17.127  1.00 26.87 ? 67  HIS A C   1 
ATOM   522  O O   . HIS A 1 67  ? 1.954   2.941   16.496  1.00 24.16 ? 67  HIS A O   1 
ATOM   523  C CB  . HIS A 1 67  ? 2.393   5.962   18.292  1.00 24.93 ? 67  HIS A CB  1 
ATOM   524  C CG  . HIS A 1 67  ? 1.119   5.545   18.948  1.00 25.60 ? 67  HIS A CG  1 
ATOM   525  N ND1 . HIS A 1 67  ? 1.067   4.588   19.948  1.00 27.14 ? 67  HIS A ND1 1 
ATOM   526  C CD2 . HIS A 1 67  ? -0.166  5.831   18.638  1.00 23.78 ? 67  HIS A CD2 1 
ATOM   527  C CE1 . HIS A 1 67  ? -0.191  4.298   20.218  1.00 24.19 ? 67  HIS A CE1 1 
ATOM   528  N NE2 . HIS A 1 67  ? -0.957  5.039   19.437  1.00 22.79 ? 67  HIS A NE2 1 
ATOM   529  N N   . ARG A 1 68  ? 3.610   3.240   17.993  1.00 24.91 ? 68  ARG A N   1 
ATOM   530  C CA  . ARG A 1 68  ? 3.777   1.814   18.219  1.00 26.22 ? 68  ARG A CA  1 
ATOM   531  C C   . ARG A 1 68  ? 3.551   1.448   19.661  1.00 26.96 ? 68  ARG A C   1 
ATOM   532  O O   . ARG A 1 68  ? 3.550   2.307   20.532  1.00 28.62 ? 68  ARG A O   1 
ATOM   533  C CB  . ARG A 1 68  ? 5.151   1.358   17.758  1.00 21.63 ? 68  ARG A CB  1 
ATOM   534  C CG  . ARG A 1 68  ? 5.357   1.721   16.312  1.00 24.42 ? 68  ARG A CG  1 
ATOM   535  C CD  . ARG A 1 68  ? 6.386   0.877   15.614  1.00 22.58 ? 68  ARG A CD  1 
ATOM   536  N NE  . ARG A 1 68  ? 6.478   1.333   14.242  1.00 19.85 ? 68  ARG A NE  1 
ATOM   537  C CZ  . ARG A 1 68  ? 6.416   0.524   13.192  1.00 24.24 ? 68  ARG A CZ  1 
ATOM   538  N NH1 . ARG A 1 68  ? 6.479   1.036   11.957  1.00 18.53 ? 68  ARG A NH1 1 
ATOM   539  N NH2 . ARG A 1 68  ? 6.244   -0.803  13.374  1.00 24.32 ? 68  ARG A NH2 1 
ATOM   540  N N   . GLU A 1 69  ? 3.119   0.216   19.844  1.00 28.38 ? 69  GLU A N   1 
ATOM   541  C CA  . GLU A 1 69  ? 2.886   -0.348  21.147  1.00 32.35 ? 69  GLU A CA  1 
ATOM   542  C C   . GLU A 1 69  ? 3.589   -1.694  21.066  1.00 34.50 ? 69  GLU A C   1 
ATOM   543  O O   . GLU A 1 69  ? 3.088   -2.634  20.438  1.00 27.64 ? 69  GLU A O   1 
ATOM   544  C CB  . GLU A 1 69  ? 1.402   -0.452  21.420  1.00 31.90 ? 69  GLU A CB  1 
ATOM   545  C CG  . GLU A 1 69  ? 0.782   0.916   21.655  1.00 39.21 ? 69  GLU A CG  1 
ATOM   546  C CD  . GLU A 1 69  ? -0.695  0.891   22.078  1.00 41.18 ? 69  GLU A CD  1 
ATOM   547  O OE1 . GLU A 1 69  ? -1.282  1.980   22.355  1.00 42.94 ? 69  GLU A OE1 1 
ATOM   548  O OE2 . GLU A 1 69  ? -1.288  -0.212  22.100  1.00 46.13 ? 69  GLU A OE2 1 
ATOM   549  N N   . ASN A 1 70  ? 4.857   -1.669  21.511  1.00 42.89 ? 70  ASN A N   1 
ATOM   550  C CA  . ASN A 1 70  ? 5.785   -2.821  21.492  1.00 44.54 ? 70  ASN A CA  1 
ATOM   551  C C   . ASN A 1 70  ? 6.119   -3.253  20.038  1.00 45.90 ? 70  ASN A C   1 
ATOM   552  O O   . ASN A 1 70  ? 6.073   -4.461  19.711  1.00 49.97 ? 70  ASN A O   1 
ATOM   553  C CB  . ASN A 1 70  ? 5.153   -3.988  22.270  1.00 47.95 ? 70  ASN A CB  1 
ATOM   554  C CG  . ASN A 1 70  ? 4.800   -3.602  23.688  1.00 48.67 ? 70  ASN A CG  1 
ATOM   555  O OD1 . ASN A 1 70  ? 5.525   -3.935  24.622  1.00 54.01 ? 70  ASN A OD1 1 
ATOM   556  N ND2 . ASN A 1 70  ? 3.705   -2.875  23.856  1.00 48.07 ? 70  ASN A ND2 1 
ATOM   557  N N   . GLY A 1 71  ? 6.410   -2.288  19.154  1.00 42.88 ? 71  GLY A N   1 
ATOM   558  C CA  . GLY A 1 71  ? 6.660   -2.629  17.748  1.00 40.72 ? 71  GLY A CA  1 
ATOM   559  C C   . GLY A 1 71  ? 5.444   -2.608  16.776  1.00 40.49 ? 71  GLY A C   1 
ATOM   560  O O   . GLY A 1 71  ? 5.628   -2.452  15.540  1.00 41.43 ? 71  GLY A O   1 
ATOM   561  N N   . ALA A 1 72  ? 4.215   -2.790  17.292  1.00 33.98 ? 72  ALA A N   1 
ATOM   562  C CA  . ALA A 1 72  ? 3.020   -2.767  16.429  1.00 32.61 ? 72  ALA A CA  1 
ATOM   563  C C   . ALA A 1 72  ? 2.474   -1.359  16.104  1.00 32.92 ? 72  ALA A C   1 
ATOM   564  O O   . ALA A 1 72  ? 2.399   -0.473  16.984  1.00 31.76 ? 72  ALA A O   1 
ATOM   565  C CB  . ALA A 1 72  ? 1.902   -3.590  17.024  1.00 25.42 ? 72  ALA A CB  1 
ATOM   566  N N   . ILE A 1 73  ? 2.053   -1.174  14.855  1.00 27.93 ? 73  ILE A N   1 
ATOM   567  C CA  . ILE A 1 73  ? 1.471   0.089   14.474  1.00 25.19 ? 73  ILE A CA  1 
ATOM   568  C C   . ILE A 1 73  ? 0.075   0.182   15.070  1.00 24.84 ? 73  ILE A C   1 
ATOM   569  O O   . ILE A 1 73  ? -0.700  -0.766  15.015  1.00 23.24 ? 73  ILE A O   1 
ATOM   570  C CB  . ILE A 1 73  ? 1.356   0.211   12.969  1.00 25.17 ? 73  ILE A CB  1 
ATOM   571  C CG1 . ILE A 1 73  ? 2.777   0.232   12.362  1.00 27.19 ? 73  ILE A CG1 1 
ATOM   572  C CG2 . ILE A 1 73  ? 0.487   1.416   12.608  1.00 16.69 ? 73  ILE A CG2 1 
ATOM   573  C CD1 . ILE A 1 73  ? 2.845   -0.091  10.878  1.00 22.07 ? 73  ILE A CD1 1 
ATOM   574  N N   . VAL A 1 74  ? -0.213  1.306   15.707  1.00 23.04 ? 74  VAL A N   1 
ATOM   575  C CA  . VAL A 1 74  ? -1.526  1.530   16.240  1.00 21.02 ? 74  VAL A CA  1 
ATOM   576  C C   . VAL A 1 74  ? -1.919  2.863   15.616  1.00 24.57 ? 74  VAL A C   1 
ATOM   577  O O   . VAL A 1 74  ? -1.153  3.839   15.662  1.00 24.58 ? 74  VAL A O   1 
ATOM   578  C CB  . VAL A 1 74  ? -1.501  1.687   17.783  1.00 20.40 ? 74  VAL A CB  1 
ATOM   579  C CG1 . VAL A 1 74  ? -2.856  2.258   18.292  1.00 16.43 ? 74  VAL A CG1 1 
ATOM   580  C CG2 . VAL A 1 74  ? -1.208  0.351   18.447  1.00 17.13 ? 74  VAL A CG2 1 
ATOM   581  N N   . CYS A 1 75  ? -3.050  2.879   14.923  1.00 24.50 ? 75  CYS A N   1 
ATOM   582  C CA  . CYS A 1 75  ? -3.551  4.127   14.354  1.00 25.63 ? 75  CYS A CA  1 
ATOM   583  C C   . CYS A 1 75  ? -4.140  4.935   15.509  1.00 33.14 ? 75  CYS A C   1 
ATOM   584  O O   . CYS A 1 75  ? -5.044  4.469   16.254  1.00 32.04 ? 75  CYS A O   1 
ATOM   585  C CB  . CYS A 1 75  ? -4.597  3.831   13.316  1.00 18.22 ? 75  CYS A CB  1 
ATOM   586  S SG  . CYS A 1 75  ? -3.808  3.085   11.873  1.00 14.09 ? 75  CYS A SG  1 
ATOM   587  N N   . GLY A 1 76  ? -3.623  6.140   15.681  1.00 32.59 ? 76  GLY A N   1 
ATOM   588  C CA  . GLY A 1 76  ? -4.083  6.908   16.801  1.00 40.99 ? 76  GLY A CA  1 
ATOM   589  C C   . GLY A 1 76  ? -4.882  8.163   16.578  1.00 42.86 ? 76  GLY A C   1 
ATOM   590  O O   . GLY A 1 76  ? -4.591  9.185   17.213  1.00 47.61 ? 76  GLY A O   1 
ATOM   591  N N   . SER A 1 77  ? -5.878  8.130   15.714  1.00 44.53 ? 77  SER A N   1 
ATOM   592  C CA  . SER A 1 77  ? -6.678  9.340   15.544  1.00 47.38 ? 77  SER A CA  1 
ATOM   593  C C   . SER A 1 77  ? -8.136  9.128   15.916  1.00 47.01 ? 77  SER A C   1 
ATOM   594  O O   . SER A 1 77  ? -8.620  7.988   15.895  1.00 46.72 ? 77  SER A O   1 
ATOM   595  C CB  . SER A 1 77  ? -6.536  9.901   14.127  1.00 47.94 ? 77  SER A CB  1 
ATOM   596  O OG  . SER A 1 77  ? -5.206  10.328  13.884  1.00 47.70 ? 77  SER A OG  1 
ATOM   597  N N   . SER A 1 78  ? -8.803  10.212  16.309  1.00 47.21 ? 78  SER A N   1 
ATOM   598  C CA  . SER A 1 78  ? -10.216 10.137  16.663  1.00 49.33 ? 78  SER A CA  1 
ATOM   599  C C   . SER A 1 78  ? -11.137 10.261  15.437  1.00 46.59 ? 78  SER A C   1 
ATOM   600  O O   . SER A 1 78  ? -12.101 9.502   15.334  1.00 50.94 ? 78  SER A O   1 
ATOM   601  C CB  . SER A 1 78  ? -10.594 11.180  17.739  1.00 52.98 ? 78  SER A CB  1 
ATOM   602  O OG  . SER A 1 78  ? -10.280 12.528  17.363  1.00 56.93 ? 78  SER A OG  1 
ATOM   603  N N   . THR A 1 79  ? -10.854 11.220  14.542  1.00 42.32 ? 79  THR A N   1 
ATOM   604  C CA  . THR A 1 79  ? -11.625 11.431  13.301  1.00 41.25 ? 79  THR A CA  1 
ATOM   605  C C   . THR A 1 79  ? -11.817 10.095  12.568  1.00 36.85 ? 79  THR A C   1 
ATOM   606  O O   . THR A 1 79  ? -10.846 9.471   12.123  1.00 39.57 ? 79  THR A O   1 
ATOM   607  C CB  . THR A 1 79  ? -10.854 12.416  12.434  1.00 43.24 ? 79  THR A CB  1 
ATOM   608  O OG1 . THR A 1 79  ? -10.899 13.662  13.101  1.00 48.55 ? 79  THR A OG1 1 
ATOM   609  C CG2 . THR A 1 79  ? -11.389 12.572  11.030  1.00 40.13 ? 79  THR A CG2 1 
ATOM   610  N N   . PRO A 1 80  ? -13.076 9.663   12.394  1.00 33.42 ? 80  PRO A N   1 
ATOM   611  C CA  . PRO A 1 80  ? -13.307 8.385   11.718  1.00 30.64 ? 80  PRO A CA  1 
ATOM   612  C C   . PRO A 1 80  ? -12.539 8.228   10.430  1.00 28.87 ? 80  PRO A C   1 
ATOM   613  O O   . PRO A 1 80  ? -11.952 7.171   10.195  1.00 29.76 ? 80  PRO A O   1 
ATOM   614  C CB  . PRO A 1 80  ? -14.815 8.366   11.543  1.00 31.10 ? 80  PRO A CB  1 
ATOM   615  C CG  . PRO A 1 80  ? -15.274 9.062   12.816  1.00 29.68 ? 80  PRO A CG  1 
ATOM   616  C CD  . PRO A 1 80  ? -14.348 10.252  12.839  1.00 33.25 ? 80  PRO A CD  1 
ATOM   617  N N   . CYS A 1 81  ? -12.471 9.285   9.624   1.00 24.55 ? 81  CYS A N   1 
ATOM   618  C CA  . CYS A 1 81  ? -11.726 9.195   8.386   1.00 22.01 ? 81  CYS A CA  1 
ATOM   619  C C   . CYS A 1 81  ? -10.251 8.964   8.640   1.00 25.01 ? 81  CYS A C   1 
ATOM   620  O O   . CYS A 1 81  ? -9.626  8.175   7.930   1.00 29.21 ? 81  CYS A O   1 
ATOM   621  C CB  . CYS A 1 81  ? -11.791 10.457  7.597   1.00 17.58 ? 81  CYS A CB  1 
ATOM   622  S SG  . CYS A 1 81  ? -13.092 10.551  6.365   1.00 19.25 ? 81  CYS A SG  1 
ATOM   623  N N   . LYS A 1 82  ? -9.663  9.652   9.620   1.00 21.22 ? 82  LYS A N   1 
ATOM   624  C CA  . LYS A 1 82  ? -8.226  9.487   9.815   1.00 20.06 ? 82  LYS A CA  1 
ATOM   625  C C   . LYS A 1 82  ? -7.905  8.083   10.331  1.00 23.18 ? 82  LYS A C   1 
ATOM   626  O O   . LYS A 1 82  ? -6.878  7.497   9.970   1.00 21.50 ? 82  LYS A O   1 
ATOM   627  C CB  . LYS A 1 82  ? -7.647  10.553  10.748  1.00 19.43 ? 82  LYS A CB  1 
ATOM   628  C CG  . LYS A 1 82  ? -7.499  12.034  10.202  1.00 16.79 ? 82  LYS A CG  1 
ATOM   629  C CD  . LYS A 1 82  ? -7.494  13.037  11.369  1.00 11.75 ? 82  LYS A CD  1 
ATOM   630  C CE  . LYS A 1 82  ? -7.407  14.508  11.000  1.00 14.63 ? 82  LYS A CE  1 
ATOM   631  N NZ  . LYS A 1 82  ? -6.753  14.814  9.676   1.00 20.07 ? 82  LYS A NZ  1 
ATOM   632  N N   . LYS A 1 83  ? -8.812  7.516   11.111  1.00 21.36 ? 83  LYS A N   1 
ATOM   633  C CA  . LYS A 1 83  ? -8.593  6.184   11.628  1.00 25.97 ? 83  LYS A CA  1 
ATOM   634  C C   . LYS A 1 83  ? -8.579  5.154   10.469  1.00 27.94 ? 83  LYS A C   1 
ATOM   635  O O   . LYS A 1 83  ? -7.647  4.311   10.327  1.00 24.34 ? 83  LYS A O   1 
ATOM   636  C CB  . LYS A 1 83  ? -9.718  5.846   12.583  1.00 25.63 ? 83  LYS A CB  1 
ATOM   637  C CG  . LYS A 1 83  ? -9.273  5.233   13.826  1.00 29.08 ? 83  LYS A CG  1 
ATOM   638  C CD  . LYS A 1 83  ? -9.298  3.769   13.675  1.00 32.18 ? 83  LYS A CD  1 
ATOM   639  C CE  . LYS A 1 83  ? -8.061  3.177   14.313  1.00 33.74 ? 83  LYS A CE  1 
ATOM   640  N NZ  . LYS A 1 83  ? -8.507  2.024   15.097  1.00 36.88 ? 83  LYS A NZ  1 
ATOM   641  N N   . GLN A 1 84  ? -9.597  5.286   9.618   1.00 27.04 ? 84  GLN A N   1 
ATOM   642  C CA  . GLN A 1 84  ? -9.779  4.400   8.492   1.00 25.71 ? 84  GLN A CA  1 
ATOM   643  C C   . GLN A 1 84  ? -8.651  4.420   7.451   1.00 24.65 ? 84  GLN A C   1 
ATOM   644  O O   . GLN A 1 84  ? -8.200  3.359   7.022   1.00 20.46 ? 84  GLN A O   1 
ATOM   645  C CB  . GLN A 1 84  ? -11.138 4.677   7.817   1.00 30.67 ? 84  GLN A CB  1 
ATOM   646  C CG  . GLN A 1 84  ? -12.397 4.301   8.640   1.00 28.54 ? 84  GLN A CG  1 
ATOM   647  C CD  . GLN A 1 84  ? -12.230 2.960   9.240   1.00 30.06 ? 84  GLN A CD  1 
ATOM   648  O OE1 . GLN A 1 84  ? -12.178 2.826   10.450  1.00 34.68 ? 84  GLN A OE1 1 
ATOM   649  N NE2 . GLN A 1 84  ? -11.982 1.965   8.406   1.00 31.33 ? 84  GLN A NE2 1 
ATOM   650  N N   . ILE A 1 85  ? -8.159  5.605   7.076   1.00 22.98 ? 85  ILE A N   1 
ATOM   651  C CA  . ILE A 1 85  ? -7.129  5.642   6.049   1.00 22.95 ? 85  ILE A CA  1 
ATOM   652  C C   . ILE A 1 85  ? -5.874  5.051   6.594   1.00 21.77 ? 85  ILE A C   1 
ATOM   653  O O   . ILE A 1 85  ? -5.147  4.358   5.871   1.00 23.70 ? 85  ILE A O   1 
ATOM   654  C CB  . ILE A 1 85  ? -6.866  7.076   5.378   1.00 19.41 ? 85  ILE A CB  1 
ATOM   655  C CG1 . ILE A 1 85  ? -6.463  8.120   6.413   1.00 15.44 ? 85  ILE A CG1 1 
ATOM   656  C CG2 . ILE A 1 85  ? -8.081  7.502   4.524   1.00 15.93 ? 85  ILE A CG2 1 
ATOM   657  C CD1 . ILE A 1 85  ? -6.342  9.544   5.844   1.00 15.81 ? 85  ILE A CD1 1 
ATOM   658  N N   . CYS A 1 86  ? -5.691  5.250   7.895   1.00 21.24 ? 86  CYS A N   1 
ATOM   659  C CA  . CYS A 1 86  ? -4.520  4.741   8.585   1.00 19.75 ? 86  CYS A CA  1 
ATOM   660  C C   . CYS A 1 86  ? -4.571  3.218   8.629   1.00 19.24 ? 86  CYS A C   1 
ATOM   661  O O   . CYS A 1 86  ? -3.551  2.527   8.455   1.00 18.33 ? 86  CYS A O   1 
ATOM   662  C CB  . CYS A 1 86  ? -4.410  5.343   9.980   1.00 17.07 ? 86  CYS A CB  1 
ATOM   663  S SG  . CYS A 1 86  ? -3.003  4.702   10.930  1.00 16.69 ? 86  CYS A SG  1 
ATOM   664  N N   . GLU A 1 87  ? -5.755  2.700   8.881   1.00 17.62 ? 87  GLU A N   1 
ATOM   665  C CA  . GLU A 1 87  ? -5.940  1.272   8.865   1.00 18.77 ? 87  GLU A CA  1 
ATOM   666  C C   . GLU A 1 87  ? -5.544  0.688   7.500   1.00 19.17 ? 87  GLU A C   1 
ATOM   667  O O   . GLU A 1 87  ? -4.815  -0.345  7.442   1.00 20.67 ? 87  GLU A O   1 
ATOM   668  C CB  . GLU A 1 87  ? -7.370  0.951   9.238   1.00 18.88 ? 87  GLU A CB  1 
ATOM   669  C CG  . GLU A 1 87  ? -7.644  1.153   10.714  1.00 25.79 ? 87  GLU A CG  1 
ATOM   670  C CD  . GLU A 1 87  ? -6.686  0.358   11.665  1.00 28.40 ? 87  GLU A CD  1 
ATOM   671  O OE1 . GLU A 1 87  ? -6.586  0.780   12.848  1.00 30.16 ? 87  GLU A OE1 1 
ATOM   672  O OE2 . GLU A 1 87  ? -6.048  -0.666  11.255  1.00 30.08 ? 87  GLU A OE2 1 
ATOM   673  N N   . CYS A 1 88  ? -5.951  1.360   6.411   1.00 15.61 ? 88  CYS A N   1 
ATOM   674  C CA  . CYS A 1 88  ? -5.557  0.933   5.070   1.00 17.81 ? 88  CYS A CA  1 
ATOM   675  C C   . CYS A 1 88  ? -4.033  0.841   4.918   1.00 21.04 ? 88  CYS A C   1 
ATOM   676  O O   . CYS A 1 88  ? -3.491  -0.182  4.431   1.00 20.11 ? 88  CYS A O   1 
ATOM   677  C CB  . CYS A 1 88  ? -6.011  1.933   4.033   1.00 18.59 ? 88  CYS A CB  1 
ATOM   678  S SG  . CYS A 1 88  ? -7.807  2.012   3.798   1.00 16.28 ? 88  CYS A SG  1 
ATOM   679  N N   . ASP A 1 89  ? -3.366  1.962   5.227   1.00 19.86 ? 89  ASP A N   1 
ATOM   680  C CA  . ASP A 1 89  ? -1.907  2.077   5.162   1.00 19.52 ? 89  ASP A CA  1 
ATOM   681  C C   . ASP A 1 89  ? -1.139  1.035   5.975   1.00 20.25 ? 89  ASP A C   1 
ATOM   682  O O   . ASP A 1 89  ? -0.131  0.482   5.509   1.00 13.54 ? 89  ASP A O   1 
ATOM   683  C CB  . ASP A 1 89  ? -1.490  3.460   5.619   1.00 19.49 ? 89  ASP A CB  1 
ATOM   684  C CG  . ASP A 1 89  ? -1.942  4.553   4.661   1.00 22.69 ? 89  ASP A CG  1 
ATOM   685  O OD1 . ASP A 1 89  ? -1.809  5.744   5.037   1.00 20.48 ? 89  ASP A OD1 1 
ATOM   686  O OD2 . ASP A 1 89  ? -2.386  4.232   3.522   1.00 17.43 ? 89  ASP A OD2 1 
ATOM   687  N N   . ARG A 1 90  ? -1.623  0.834   7.204   1.00 20.93 ? 90  ARG A N   1 
ATOM   688  C CA  . ARG A 1 90  ? -1.075  -0.091  8.180   1.00 22.43 ? 90  ARG A CA  1 
ATOM   689  C C   . ARG A 1 90  ? -1.120  -1.503  7.607   1.00 24.11 ? 90  ARG A C   1 
ATOM   690  O O   . ARG A 1 90  ? -0.069  -2.167  7.470   1.00 27.60 ? 90  ARG A O   1 
ATOM   691  C CB  . ARG A 1 90  ? -1.914  -0.027  9.450   1.00 22.79 ? 90  ARG A CB  1 
ATOM   692  C CG  . ARG A 1 90  ? -1.327  -0.697  10.671  1.00 27.58 ? 90  ARG A CG  1 
ATOM   693  C CD  . ARG A 1 90  ? -2.323  -0.776  11.840  1.00 30.18 ? 90  ARG A CD  1 
ATOM   694  N NE  . ARG A 1 90  ? -2.848  -2.129  11.827  1.00 39.26 ? 90  ARG A NE  1 
ATOM   695  C CZ  . ARG A 1 90  ? -2.491  -3.079  12.684  1.00 39.39 ? 90  ARG A CZ  1 
ATOM   696  N NH1 . ARG A 1 90  ? -2.975  -4.304  12.566  1.00 40.18 ? 90  ARG A NH1 1 
ATOM   697  N NH2 . ARG A 1 90  ? -1.745  -2.778  13.728  1.00 47.28 ? 90  ARG A NH2 1 
ATOM   698  N N   . ALA A 1 91  ? -2.323  -1.931  7.204   1.00 21.09 ? 91  ALA A N   1 
ATOM   699  C CA  . ALA A 1 91  ? -2.508  -3.265  6.619   1.00 21.17 ? 91  ALA A CA  1 
ATOM   700  C C   . ALA A 1 91  ? -1.605  -3.455  5.396   1.00 21.06 ? 91  ALA A C   1 
ATOM   701  O O   . ALA A 1 91  ? -1.081  -4.528  5.211   1.00 20.72 ? 91  ALA A O   1 
ATOM   702  C CB  . ALA A 1 91  ? -3.956  -3.483  6.228   1.00 14.89 ? 91  ALA A CB  1 
ATOM   703  N N   . ALA A 1 92  ? -1.358  -2.390  4.635   1.00 18.42 ? 92  ALA A N   1 
ATOM   704  C CA  . ALA A 1 92  ? -0.530  -2.525  3.450   1.00 23.31 ? 92  ALA A CA  1 
ATOM   705  C C   . ALA A 1 92  ? 0.940   -2.750  3.785   1.00 20.79 ? 92  ALA A C   1 
ATOM   706  O O   . ALA A 1 92  ? 1.616   -3.587  3.164   1.00 22.88 ? 92  ALA A O   1 
ATOM   707  C CB  . ALA A 1 92  ? -0.673  -1.305  2.504   1.00 19.70 ? 92  ALA A CB  1 
ATOM   708  N N   . ALA A 1 93  ? 1.432   -1.944  4.714   1.00 17.94 ? 93  ALA A N   1 
ATOM   709  C CA  . ALA A 1 93  ? 2.828   -2.002  5.133   1.00 16.76 ? 93  ALA A CA  1 
ATOM   710  C C   . ALA A 1 93  ? 3.096   -3.399  5.715   1.00 17.20 ? 93  ALA A C   1 
ATOM   711  O O   . ALA A 1 93  ? 4.120   -4.035  5.401   1.00 15.99 ? 93  ALA A O   1 
ATOM   712  C CB  . ALA A 1 93  ? 3.130   -0.899  6.185   1.00 7.82  ? 93  ALA A CB  1 
ATOM   713  N N   . ILE A 1 94  ? 2.191   -3.869  6.577   1.00 15.50 ? 94  ILE A N   1 
ATOM   714  C CA  . ILE A 1 94  ? 2.380   -5.195  7.149   1.00 16.06 ? 94  ILE A CA  1 
ATOM   715  C C   . ILE A 1 94  ? 2.359   -6.227  5.996   1.00 14.71 ? 94  ILE A C   1 
ATOM   716  O O   . ILE A 1 94  ? 3.236   -7.056  5.900   1.00 16.18 ? 94  ILE A O   1 
ATOM   717  C CB  . ILE A 1 94  ? 1.288   -5.539  8.195   1.00 17.21 ? 94  ILE A CB  1 
ATOM   718  C CG1 . ILE A 1 94  ? 1.557   -4.786  9.498   1.00 15.59 ? 94  ILE A CG1 1 
ATOM   719  C CG2 . ILE A 1 94  ? 1.223   -7.076  8.418   1.00 8.27  ? 94  ILE A CG2 1 
ATOM   720  C CD1 . ILE A 1 94  ? 0.255   -4.429  10.204  1.00 16.48 ? 94  ILE A CD1 1 
ATOM   721  N N   . CYS A 1 95  ? 1.405   -6.089  5.089   1.00 13.60 ? 95  CYS A N   1 
ATOM   722  C CA  . CYS A 1 95  ? 1.312   -6.965  3.925   1.00 14.99 ? 95  CYS A CA  1 
ATOM   723  C C   . CYS A 1 95  ? 2.656   -6.991  3.154   1.00 16.50 ? 95  CYS A C   1 
ATOM   724  O O   . CYS A 1 95  ? 3.180   -8.092  2.843   1.00 13.73 ? 95  CYS A O   1 
ATOM   725  C CB  . CYS A 1 95  ? 0.155   -6.529  2.992   1.00 14.32 ? 95  CYS A CB  1 
ATOM   726  S SG  . CYS A 1 95  ? -0.257  -7.742  1.690   1.00 11.87 ? 95  CYS A SG  1 
ATOM   727  N N   . PHE A 1 96  ? 3.227   -5.815  2.879   1.00 13.88 ? 96  PHE A N   1 
ATOM   728  C CA  . PHE A 1 96  ? 4.513   -5.783  2.166   1.00 20.42 ? 96  PHE A CA  1 
ATOM   729  C C   . PHE A 1 96  ? 5.567   -6.564  2.925   1.00 24.03 ? 96  PHE A C   1 
ATOM   730  O O   . PHE A 1 96  ? 6.313   -7.374  2.334   1.00 24.24 ? 96  PHE A O   1 
ATOM   731  C CB  . PHE A 1 96  ? 5.057   -4.358  1.944   1.00 16.94 ? 96  PHE A CB  1 
ATOM   732  C CG  . PHE A 1 96  ? 4.229   -3.525  0.991   1.00 19.52 ? 96  PHE A CG  1 
ATOM   733  C CD1 . PHE A 1 96  ? 3.521   -4.137  -0.059  1.00 15.98 ? 96  PHE A CD1 1 
ATOM   734  C CD2 . PHE A 1 96  ? 4.123   -2.130  1.176   1.00 17.27 ? 96  PHE A CD2 1 
ATOM   735  C CE1 . PHE A 1 96  ? 2.721   -3.393  -0.903  1.00 16.93 ? 96  PHE A CE1 1 
ATOM   736  C CE2 . PHE A 1 96  ? 3.318   -1.346  0.330   1.00 18.52 ? 96  PHE A CE2 1 
ATOM   737  C CZ  . PHE A 1 96  ? 2.607   -1.990  -0.721  1.00 19.19 ? 96  PHE A CZ  1 
ATOM   738  N N   . ARG A 1 97  ? 5.649   -6.303  4.229   1.00 23.59 ? 97  ARG A N   1 
ATOM   739  C CA  . ARG A 1 97  ? 6.657   -6.956  5.024   1.00 25.38 ? 97  ARG A CA  1 
ATOM   740  C C   . ARG A 1 97  ? 6.442   -8.479  5.090   1.00 24.35 ? 97  ARG A C   1 
ATOM   741  O O   . ARG A 1 97  ? 7.400   -9.236  4.912   1.00 23.72 ? 97  ARG A O   1 
ATOM   742  C CB  . ARG A 1 97  ? 6.777   -6.320  6.416   1.00 26.16 ? 97  ARG A CB  1 
ATOM   743  C CG  . ARG A 1 97  ? 7.127   -7.311  7.485   1.00 24.29 ? 97  ARG A CG  1 
ATOM   744  C CD  . ARG A 1 97  ? 7.505   -6.684  8.781   1.00 28.62 ? 97  ARG A CD  1 
ATOM   745  N NE  . ARG A 1 97  ? 6.368   -6.398  9.686   1.00 30.79 ? 97  ARG A NE  1 
ATOM   746  C CZ  . ARG A 1 97  ? 5.492   -7.300  10.134  1.00 31.69 ? 97  ARG A CZ  1 
ATOM   747  N NH1 . ARG A 1 97  ? 5.556   -8.590  9.776   1.00 33.14 ? 97  ARG A NH1 1 
ATOM   748  N NH2 . ARG A 1 97  ? 4.568   -6.912  10.985  1.00 31.55 ? 97  ARG A NH2 1 
ATOM   749  N N   . GLU A 1 98  ? 5.204   -8.920  5.290   1.00 22.02 ? 98  GLU A N   1 
ATOM   750  C CA  . GLU A 1 98  ? 4.927   -10.342 5.365   1.00 24.71 ? 98  GLU A CA  1 
ATOM   751  C C   . GLU A 1 98  ? 5.192   -11.062 4.043   1.00 21.56 ? 98  GLU A C   1 
ATOM   752  O O   . GLU A 1 98  ? 5.346   -12.268 4.012   1.00 25.74 ? 98  GLU A O   1 
ATOM   753  C CB  . GLU A 1 98  ? 3.513   -10.598 5.823   1.00 30.06 ? 98  GLU A CB  1 
ATOM   754  C CG  . GLU A 1 98  ? 3.328   -10.505 7.324   1.00 36.39 ? 98  GLU A CG  1 
ATOM   755  C CD  . GLU A 1 98  ? 1.827   -10.641 7.778   1.00 39.99 ? 98  GLU A CD  1 
ATOM   756  O OE1 . GLU A 1 98  ? 0.923   -10.678 6.895   1.00 39.76 ? 98  GLU A OE1 1 
ATOM   757  O OE2 . GLU A 1 98  ? 1.563   -10.709 9.033   1.00 45.62 ? 98  GLU A OE2 1 
ATOM   758  N N   . ASN A 1 99  ? 5.363   -10.307 2.972   1.00 19.29 ? 99  ASN A N   1 
ATOM   759  C CA  . ASN A 1 99  ? 5.622   -10.913 1.700   1.00 17.81 ? 99  ASN A CA  1 
ATOM   760  C C   . ASN A 1 99  ? 6.966   -10.600 1.075   1.00 17.18 ? 99  ASN A C   1 
ATOM   761  O O   . ASN A 1 99  ? 7.085   -10.764 -0.146  1.00 9.78  ? 99  ASN A O   1 
ATOM   762  C CB  . ASN A 1 99  ? 4.508   -10.584 0.702   1.00 20.60 ? 99  ASN A CB  1 
ATOM   763  C CG  . ASN A 1 99  ? 3.185   -11.217 1.088   1.00 19.73 ? 99  ASN A CG  1 
ATOM   764  O OD1 . ASN A 1 99  ? 2.292   -10.553 1.619   1.00 24.86 ? 99  ASN A OD1 1 
ATOM   765  N ND2 . ASN A 1 99  ? 3.055   -12.498 0.840   1.00 18.63 ? 99  ASN A ND2 1 
ATOM   766  N N   . LEU A 1 100 ? 7.936   -10.114 1.869   1.00 16.59 ? 100 LEU A N   1 
ATOM   767  C CA  . LEU A 1 100 ? 9.295   -9.844  1.367   1.00 18.01 ? 100 LEU A CA  1 
ATOM   768  C C   . LEU A 1 100 ? 9.940   -11.139 0.807   1.00 21.88 ? 100 LEU A C   1 
ATOM   769  O O   . LEU A 1 100 ? 10.777  -11.107 -0.089  1.00 19.43 ? 100 LEU A O   1 
ATOM   770  C CB  . LEU A 1 100 ? 10.176  -9.332  2.492   1.00 16.62 ? 100 LEU A CB  1 
ATOM   771  C CG  . LEU A 1 100 ? 9.978   -7.869  2.863   1.00 20.22 ? 100 LEU A CG  1 
ATOM   772  C CD1 . LEU A 1 100 ? 10.846  -7.460  4.097   1.00 14.92 ? 100 LEU A CD1 1 
ATOM   773  C CD2 . LEU A 1 100 ? 10.334  -7.056  1.646   1.00 19.26 ? 100 LEU A CD2 1 
ATOM   774  N N   . LYS A 1 101 ? 9.576   -12.287 1.348   1.00 22.19 ? 101 LYS A N   1 
ATOM   775  C CA  . LYS A 1 101 ? 10.161  -13.506 0.848   1.00 27.17 ? 101 LYS A CA  1 
ATOM   776  C C   . LYS A 1 101 ? 9.927   -13.724 -0.659  1.00 26.85 ? 101 LYS A C   1 
ATOM   777  O O   . LYS A 1 101 ? 10.738  -14.405 -1.316  1.00 31.41 ? 101 LYS A O   1 
ATOM   778  C CB  . LYS A 1 101 ? 9.714   -14.735 1.665   1.00 28.88 ? 101 LYS A CB  1 
ATOM   779  C CG  . LYS A 1 101 ? 8.271   -15.085 1.550   1.00 29.26 ? 101 LYS A CG  1 
ATOM   780  C CD  . LYS A 1 101 ? 7.891   -16.062 2.607   1.00 29.53 ? 101 LYS A CD  1 
ATOM   781  C CE  . LYS A 1 101 ? 6.346   -16.073 2.768   1.00 32.78 ? 101 LYS A CE  1 
ATOM   782  N NZ  . LYS A 1 101 ? 5.866   -17.018 3.861   1.00 34.36 ? 101 LYS A NZ  1 
ATOM   783  N N   . THR A 1 102 ? 8.851   -13.162 -1.223  1.00 24.47 ? 102 THR A N   1 
ATOM   784  C CA  . THR A 1 102 ? 8.625   -13.329 -2.663  1.00 20.77 ? 102 THR A CA  1 
ATOM   785  C C   . THR A 1 102 ? 8.757   -12.059 -3.477  1.00 22.96 ? 102 THR A C   1 
ATOM   786  O O   . THR A 1 102 ? 8.363   -12.036 -4.641  1.00 23.42 ? 102 THR A O   1 
ATOM   787  C CB  . THR A 1 102 ? 7.305   -14.033 -2.975  1.00 21.62 ? 102 THR A CB  1 
ATOM   788  O OG1 . THR A 1 102 ? 6.198   -13.234 -2.538  1.00 21.47 ? 102 THR A OG1 1 
ATOM   789  C CG2 . THR A 1 102 ? 7.261   -15.400 -2.253  1.00 20.40 ? 102 THR A CG2 1 
ATOM   790  N N   . TYR A 1 103 ? 9.330   -11.000 -2.881  1.00 22.15 ? 103 TYR A N   1 
ATOM   791  C CA  . TYR A 1 103 ? 9.510   -9.745  -3.592  1.00 22.18 ? 103 TYR A CA  1 
ATOM   792  C C   . TYR A 1 103 ? 10.373  -10.040 -4.817  1.00 21.40 ? 103 TYR A C   1 
ATOM   793  O O   . TYR A 1 103 ? 11.418  -10.687 -4.708  1.00 22.46 ? 103 TYR A O   1 
ATOM   794  C CB  . TYR A 1 103 ? 10.175  -8.729  -2.663  1.00 25.38 ? 103 TYR A CB  1 
ATOM   795  C CG  . TYR A 1 103 ? 10.376  -7.370  -3.272  1.00 24.60 ? 103 TYR A CG  1 
ATOM   796  C CD1 . TYR A 1 103 ? 11.511  -7.088  -4.011  1.00 23.26 ? 103 TYR A CD1 1 
ATOM   797  C CD2 . TYR A 1 103 ? 9.385   -6.377  -3.169  1.00 26.93 ? 103 TYR A CD2 1 
ATOM   798  C CE1 . TYR A 1 103 ? 11.668  -5.845  -4.663  1.00 26.29 ? 103 TYR A CE1 1 
ATOM   799  C CE2 . TYR A 1 103 ? 9.528   -5.134  -3.809  1.00 25.20 ? 103 TYR A CE2 1 
ATOM   800  C CZ  . TYR A 1 103 ? 10.672  -4.875  -4.566  1.00 26.09 ? 103 TYR A CZ  1 
ATOM   801  O OH  . TYR A 1 103 ? 10.796  -3.688  -5.282  1.00 28.66 ? 103 TYR A OH  1 
ATOM   802  N N   . ASN A 1 104 ? 9.936   -9.582  -5.977  1.00 22.07 ? 104 ASN A N   1 
ATOM   803  C CA  . ASN A 1 104 ? 10.643  -9.856  -7.203  1.00 23.11 ? 104 ASN A CA  1 
ATOM   804  C C   . ASN A 1 104 ? 11.168  -8.582  -7.900  1.00 25.67 ? 104 ASN A C   1 
ATOM   805  O O   . ASN A 1 104 ? 10.407  -7.796  -8.479  1.00 25.45 ? 104 ASN A O   1 
ATOM   806  C CB  . ASN A 1 104 ? 9.698   -10.625 -8.129  1.00 29.08 ? 104 ASN A CB  1 
ATOM   807  C CG  . ASN A 1 104 ? 10.435  -11.361 -9.283  1.00 32.28 ? 104 ASN A CG  1 
ATOM   808  O OD1 . ASN A 1 104 ? 11.348  -10.821 -9.937  1.00 31.03 ? 104 ASN A OD1 1 
ATOM   809  N ND2 . ASN A 1 104 ? 10.009  -12.598 -9.542  1.00 35.13 ? 104 ASN A ND2 1 
ATOM   810  N N   . LYS A 1 105 ? 12.493  -8.440  -7.926  1.00 29.06 ? 105 LYS A N   1 
ATOM   811  C CA  . LYS A 1 105 ? 13.145  -7.296  -8.536  1.00 30.29 ? 105 LYS A CA  1 
ATOM   812  C C   . LYS A 1 105 ? 12.765  -7.128  -10.022 1.00 32.97 ? 105 LYS A C   1 
ATOM   813  O O   . LYS A 1 105 ? 12.821  -6.016  -10.563 1.00 33.95 ? 105 LYS A O   1 
ATOM   814  C CB  . LYS A 1 105 ? 14.675  -7.406  -8.372  1.00 30.97 ? 105 LYS A CB  1 
ATOM   815  C CG  . LYS A 1 105 ? 15.224  -6.967  -7.003  1.00 34.71 ? 105 LYS A CG  1 
ATOM   816  C CD  . LYS A 1 105 ? 16.606  -7.525  -6.715  0.00 21.99 ? 105 LYS A CD  1 
ATOM   817  C CE  . LYS A 1 105 ? 17.097  -7.070  -5.346  0.00 28.09 ? 105 LYS A CE  1 
ATOM   818  N NZ  . LYS A 1 105 ? 18.288  -6.177  -5.428  0.00 18.06 ? 105 LYS A NZ  1 
ATOM   819  N N   . LYS A 1 106 ? 12.360  -8.207  -10.681 1.00 31.39 ? 106 LYS A N   1 
ATOM   820  C CA  . LYS A 1 106 ? 12.009  -8.086  -12.069 1.00 34.63 ? 106 LYS A CA  1 
ATOM   821  C C   . LYS A 1 106 ? 10.767  -7.205  -12.279 1.00 33.35 ? 106 LYS A C   1 
ATOM   822  O O   . LYS A 1 106 ? 10.593  -6.577  -13.347 1.00 39.53 ? 106 LYS A O   1 
ATOM   823  C CB  . LYS A 1 106 ? 11.906  -9.485  -12.758 1.00 38.34 ? 106 LYS A CB  1 
ATOM   824  C CG  . LYS A 1 106 ? 10.501  -10.087 -13.032 1.00 36.89 ? 106 LYS A CG  1 
ATOM   825  C CD  . LYS A 1 106 ? 10.509  -11.613 -13.136 0.00 23.08 ? 106 LYS A CD  1 
ATOM   826  C CE  . LYS A 1 106 ? 11.811  -12.169 -13.701 0.00 32.90 ? 106 LYS A CE  1 
ATOM   827  N NZ  . LYS A 1 106 ? 11.846  -13.657 -13.609 0.00 18.51 ? 106 LYS A NZ  1 
ATOM   828  N N   . TYR A 1 107 ? 9.976   -7.066  -11.223 1.00 30.06 ? 107 TYR A N   1 
ATOM   829  C CA  . TYR A 1 107 ? 8.765   -6.259  -11.262 1.00 26.59 ? 107 TYR A CA  1 
ATOM   830  C C   . TYR A 1 107 ? 8.891   -4.822  -10.769 1.00 23.72 ? 107 TYR A C   1 
ATOM   831  O O   . TYR A 1 107 ? 7.938   -4.066  -10.851 1.00 23.11 ? 107 TYR A O   1 
ATOM   832  C CB  . TYR A 1 107 ? 7.730   -6.947  -10.395 1.00 27.79 ? 107 TYR A CB  1 
ATOM   833  C CG  . TYR A 1 107 ? 7.388   -8.325  -10.893 1.00 28.16 ? 107 TYR A CG  1 
ATOM   834  C CD1 . TYR A 1 107 ? 7.432   -8.601  -12.254 1.00 27.30 ? 107 TYR A CD1 1 
ATOM   835  C CD2 . TYR A 1 107 ? 6.964   -9.347  -10.006 1.00 27.06 ? 107 TYR A CD2 1 
ATOM   836  C CE1 . TYR A 1 107 ? 7.055   -9.856  -12.738 1.00 30.66 ? 107 TYR A CE1 1 
ATOM   837  C CE2 . TYR A 1 107 ? 6.580   -10.600 -10.481 1.00 26.89 ? 107 TYR A CE2 1 
ATOM   838  C CZ  . TYR A 1 107 ? 6.623   -10.848 -11.851 1.00 30.64 ? 107 TYR A CZ  1 
ATOM   839  O OH  . TYR A 1 107 ? 6.199   -12.047 -12.397 1.00 36.80 ? 107 TYR A OH  1 
ATOM   840  N N   . LYS A 1 108 ? 10.048  -4.464  -10.235 1.00 23.71 ? 108 LYS A N   1 
ATOM   841  C CA  . LYS A 1 108 ? 10.284  -3.156  -9.621  1.00 25.89 ? 108 LYS A CA  1 
ATOM   842  C C   . LYS A 1 108 ? 9.697   -1.941  -10.360 1.00 26.74 ? 108 LYS A C   1 
ATOM   843  O O   . LYS A 1 108 ? 9.066   -1.066  -9.733  1.00 26.38 ? 108 LYS A O   1 
ATOM   844  C CB  . LYS A 1 108 ? 11.784  -2.955  -9.436  1.00 27.98 ? 108 LYS A CB  1 
ATOM   845  C CG  . LYS A 1 108 ? 12.323  -2.903  -8.027  1.00 29.69 ? 108 LYS A CG  1 
ATOM   846  C CD  . LYS A 1 108 ? 13.672  -2.168  -8.060  1.00 31.20 ? 108 LYS A CD  1 
ATOM   847  C CE  . LYS A 1 108 ? 14.722  -2.819  -7.213  1.00 30.93 ? 108 LYS A CE  1 
ATOM   848  N NZ  . LYS A 1 108 ? 14.335  -2.499  -5.832  1.00 34.96 ? 108 LYS A NZ  1 
ATOM   849  N N   . VAL A 1 109 ? 9.999   -1.847  -11.660 1.00 23.78 ? 109 VAL A N   1 
ATOM   850  C CA  . VAL A 1 109 ? 9.511   -0.777  -12.502 1.00 23.28 ? 109 VAL A CA  1 
ATOM   851  C C   . VAL A 1 109 ? 8.967   -1.453  -13.766 1.00 21.40 ? 109 VAL A C   1 
ATOM   852  O O   . VAL A 1 109 ? 9.366   -1.212  -14.898 1.00 20.76 ? 109 VAL A O   1 
ATOM   853  C CB  . VAL A 1 109 ? 10.613  0.316   -12.731 1.00 22.35 ? 109 VAL A CB  1 
ATOM   854  C CG1 . VAL A 1 109 ? 11.883  -0.346  -13.173 1.00 21.33 ? 109 VAL A CG1 1 
ATOM   855  C CG2 . VAL A 1 109 ? 10.122  1.405   -13.729 1.00 19.94 ? 109 VAL A CG2 1 
ATOM   856  N N   . TYR A 1 110 ? 7.957   -2.252  -13.501 1.00 21.37 ? 110 TYR A N   1 
ATOM   857  C CA  . TYR A 1 110 ? 7.258   -3.058  -14.487 1.00 24.86 ? 110 TYR A CA  1 
ATOM   858  C C   . TYR A 1 110 ? 6.617   -2.307  -15.660 1.00 22.10 ? 110 TYR A C   1 
ATOM   859  O O   . TYR A 1 110 ? 5.897   -1.372  -15.441 1.00 23.36 ? 110 TYR A O   1 
ATOM   860  C CB  . TYR A 1 110 ? 6.185   -3.835  -13.758 1.00 23.98 ? 110 TYR A CB  1 
ATOM   861  C CG  . TYR A 1 110 ? 5.676   -4.947  -14.574 1.00 27.45 ? 110 TYR A CG  1 
ATOM   862  C CD1 . TYR A 1 110 ? 6.512   -5.978  -14.949 1.00 27.02 ? 110 TYR A CD1 1 
ATOM   863  C CD2 . TYR A 1 110 ? 4.329   -5.024  -14.936 1.00 30.75 ? 110 TYR A CD2 1 
ATOM   864  C CE1 . TYR A 1 110 ? 6.021   -7.090  -15.666 1.00 28.89 ? 110 TYR A CE1 1 
ATOM   865  C CE2 . TYR A 1 110 ? 3.815   -6.159  -15.665 1.00 30.17 ? 110 TYR A CE2 1 
ATOM   866  C CZ  . TYR A 1 110 ? 4.676   -7.183  -16.013 1.00 28.60 ? 110 TYR A CZ  1 
ATOM   867  O OH  . TYR A 1 110 ? 4.210   -8.328  -16.614 1.00 29.14 ? 110 TYR A OH  1 
ATOM   868  N N   . LEU A 1 111 ? 6.855   -2.744  -16.895 1.00 24.75 ? 111 LEU A N   1 
ATOM   869  C CA  . LEU A 1 111 ? 6.273   -2.120  -18.095 1.00 21.27 ? 111 LEU A CA  1 
ATOM   870  C C   . LEU A 1 111 ? 4.780   -2.453  -18.127 1.00 24.82 ? 111 LEU A C   1 
ATOM   871  O O   . LEU A 1 111 ? 4.364   -3.567  -18.537 1.00 23.56 ? 111 LEU A O   1 
ATOM   872  C CB  . LEU A 1 111 ? 6.966   -2.679  -19.319 1.00 20.94 ? 111 LEU A CB  1 
ATOM   873  C CG  . LEU A 1 111 ? 8.113   -1.868  -19.901 1.00 22.08 ? 111 LEU A CG  1 
ATOM   874  C CD1 . LEU A 1 111 ? 8.715   -1.008  -18.861 1.00 22.51 ? 111 LEU A CD1 1 
ATOM   875  C CD2 . LEU A 1 111 ? 9.139   -2.797  -20.577 1.00 18.93 ? 111 LEU A CD2 1 
ATOM   876  N N   . ARG A 1 112 ? 3.962   -1.469  -17.743 1.00 25.33 ? 112 ARG A N   1 
ATOM   877  C CA  . ARG A 1 112 ? 2.526   -1.712  -17.610 1.00 23.19 ? 112 ARG A CA  1 
ATOM   878  C C   . ARG A 1 112 ? 1.680   -2.173  -18.754 1.00 24.81 ? 112 ARG A C   1 
ATOM   879  O O   . ARG A 1 112 ? 0.598   -2.709  -18.505 1.00 18.60 ? 112 ARG A O   1 
ATOM   880  C CB  . ARG A 1 112 ? 1.839   -0.601  -16.864 1.00 19.55 ? 112 ARG A CB  1 
ATOM   881  C CG  . ARG A 1 112 ? 1.575   -0.983  -15.385 1.00 22.89 ? 112 ARG A CG  1 
ATOM   882  C CD  . ARG A 1 112 ? 2.099   0.036   -14.424 1.00 21.88 ? 112 ARG A CD  1 
ATOM   883  N NE  . ARG A 1 112 ? 2.350   -0.477  -13.083 1.00 24.53 ? 112 ARG A NE  1 
ATOM   884  C CZ  . ARG A 1 112 ? 2.400   0.291   -11.998 1.00 22.74 ? 112 ARG A CZ  1 
ATOM   885  N NH1 . ARG A 1 112 ? 2.670   -0.258  -10.825 1.00 20.18 ? 112 ARG A NH1 1 
ATOM   886  N NH2 . ARG A 1 112 ? 2.153   1.599   -12.099 1.00 23.32 ? 112 ARG A NH2 1 
ATOM   887  N N   . PHE A 1 113 ? 2.114   -1.951  -20.001 1.00 26.32 ? 113 PHE A N   1 
ATOM   888  C CA  . PHE A 1 113 ? 1.320   -2.479  -21.127 1.00 26.73 ? 113 PHE A CA  1 
ATOM   889  C C   . PHE A 1 113 ? 1.331   -4.034  -21.057 1.00 29.03 ? 113 PHE A C   1 
ATOM   890  O O   . PHE A 1 113 ? 0.463   -4.669  -21.654 1.00 28.64 ? 113 PHE A O   1 
ATOM   891  C CB  . PHE A 1 113 ? 1.831   -2.010  -22.479 1.00 24.64 ? 113 PHE A CB  1 
ATOM   892  C CG  . PHE A 1 113 ? 3.232   -2.479  -22.804 1.00 25.86 ? 113 PHE A CG  1 
ATOM   893  C CD1 . PHE A 1 113 ? 3.456   -3.744  -23.342 1.00 25.17 ? 113 PHE A CD1 1 
ATOM   894  C CD2 . PHE A 1 113 ? 4.328   -1.643  -22.579 1.00 26.73 ? 113 PHE A CD2 1 
ATOM   895  C CE1 . PHE A 1 113 ? 4.753   -4.162  -23.660 1.00 26.74 ? 113 PHE A CE1 1 
ATOM   896  C CE2 . PHE A 1 113 ? 5.658   -2.059  -22.891 1.00 27.07 ? 113 PHE A CE2 1 
ATOM   897  C CZ  . PHE A 1 113 ? 5.864   -3.315  -23.436 1.00 27.50 ? 113 PHE A CZ  1 
ATOM   898  N N   . LYS A 1 114 ? 2.290   -4.635  -20.322 1.00 25.40 ? 114 LYS A N   1 
ATOM   899  C CA  . LYS A 1 114 ? 2.312   -6.091  -20.165 1.00 27.18 ? 114 LYS A CA  1 
ATOM   900  C C   . LYS A 1 114 ? 1.206   -6.628  -19.208 1.00 27.82 ? 114 LYS A C   1 
ATOM   901  O O   . LYS A 1 114 ? 0.908   -7.826  -19.208 1.00 27.91 ? 114 LYS A O   1 
ATOM   902  C CB  . LYS A 1 114 ? 3.710   -6.595  -19.745 1.00 25.19 ? 114 LYS A CB  1 
ATOM   903  C CG  . LYS A 1 114 ? 4.713   -6.608  -20.901 1.00 27.47 ? 114 LYS A CG  1 
ATOM   904  C CD  . LYS A 1 114 ? 6.087   -6.068  -20.574 1.00 27.72 ? 114 LYS A CD  1 
ATOM   905  C CE  . LYS A 1 114 ? 6.964   -7.012  -19.763 1.00 31.18 ? 114 LYS A CE  1 
ATOM   906  N NZ  . LYS A 1 114 ? 8.432   -6.685  -19.885 1.00 29.59 ? 114 LYS A NZ  1 
ATOM   907  N N   . CYS A 1 115 ? 0.558   -5.725  -18.467 1.00 28.18 ? 115 CYS A N   1 
ATOM   908  C CA  . CYS A 1 115 ? -0.475  -6.071  -17.493 1.00 31.65 ? 115 CYS A CA  1 
ATOM   909  C C   . CYS A 1 115 ? -1.738  -6.626  -18.115 1.00 38.23 ? 115 CYS A C   1 
ATOM   910  O O   . CYS A 1 115 ? -2.585  -5.868  -18.565 1.00 42.06 ? 115 CYS A O   1 
ATOM   911  C CB  . CYS A 1 115 ? -0.851  -4.835  -16.680 1.00 25.33 ? 115 CYS A CB  1 
ATOM   912  S SG  . CYS A 1 115 ? 0.395   -4.270  -15.470 1.00 23.43 ? 115 CYS A SG  1 
ATOM   913  N N   . LYS A 1 116 ? -1.925  -7.937  -18.105 1.00 42.89 ? 116 LYS A N   1 
ATOM   914  C CA  . LYS A 1 116 ? -3.142  -8.494  -18.724 1.00 44.80 ? 116 LYS A CA  1 
ATOM   915  C C   . LYS A 1 116 ? -4.145  -9.127  -17.745 1.00 43.09 ? 116 LYS A C   1 
ATOM   916  O O   . LYS A 1 116 ? -3.796  -9.450  -16.625 1.00 47.00 ? 116 LYS A O   1 
ATOM   917  C CB  . LYS A 1 116 ? -2.766  -9.472  -19.852 1.00 48.53 ? 116 LYS A CB  1 
ATOM   918  C CG  . LYS A 1 116 ? -1.531  -10.328 -19.589 1.00 51.41 ? 116 LYS A CG  1 
ATOM   919  C CD  . LYS A 1 116 ? -1.790  -11.531 -18.647 1.00 54.37 ? 116 LYS A CD  1 
ATOM   920  C CE  . LYS A 1 116 ? -0.498  -12.389 -18.411 1.00 55.61 ? 116 LYS A CE  1 
ATOM   921  N NZ  . LYS A 1 116 ? -0.476  -13.709 -19.176 1.00 57.91 ? 116 LYS A NZ  1 
ATOM   922  N N   . GLY A 1 117 ? -5.395  -9.273  -18.157 1.00 41.17 ? 117 GLY A N   1 
ATOM   923  C CA  . GLY A 1 117 ? -6.390  -9.870  -17.282 1.00 39.73 ? 117 GLY A CA  1 
ATOM   924  C C   . GLY A 1 117 ? -7.269  -8.819  -16.612 1.00 40.53 ? 117 GLY A C   1 
ATOM   925  O O   . GLY A 1 117 ? -7.185  -7.647  -16.943 1.00 36.70 ? 117 GLY A O   1 
ATOM   926  N N   . VAL A 1 118 ? -8.172  -9.252  -15.741 1.00 42.12 ? 118 VAL A N   1 
ATOM   927  C CA  . VAL A 1 118 ? -9.027  -8.341  -14.993 1.00 43.86 ? 118 VAL A CA  1 
ATOM   928  C C   . VAL A 1 118 ? -8.692  -8.644  -13.533 1.00 44.08 ? 118 VAL A C   1 
ATOM   929  O O   . VAL A 1 118 ? -8.423  -9.797  -13.154 1.00 43.20 ? 118 VAL A O   1 
ATOM   930  C CB  . VAL A 1 118 ? -10.513 -8.611  -15.255 1.00 45.42 ? 118 VAL A CB  1 
ATOM   931  C CG1 . VAL A 1 118 ? -10.965 -7.853  -16.475 1.00 42.71 ? 118 VAL A CG1 1 
ATOM   932  C CG2 . VAL A 1 118 ? -10.745 -10.136 -15.448 1.00 49.89 ? 118 VAL A CG2 1 
ATOM   933  N N   . SER A 1 119 ? -8.628  -7.610  -12.712 1.00 45.80 ? 119 SER A N   1 
ATOM   934  C CA  . SER A 1 119 ? -8.293  -7.849  -11.317 1.00 43.54 ? 119 SER A CA  1 
ATOM   935  C C   . SER A 1 119 ? -9.546  -8.347  -10.691 1.00 41.42 ? 119 SER A C   1 
ATOM   936  O O   . SER A 1 119 ? -10.621 -8.304  -11.296 1.00 37.90 ? 119 SER A O   1 
ATOM   937  C CB  . SER A 1 119 ? -7.898  -6.558  -10.621 1.00 46.37 ? 119 SER A CB  1 
ATOM   938  O OG  . SER A 1 119 ? -8.968  -5.614  -10.679 1.00 47.85 ? 119 SER A OG  1 
ATOM   939  N N   . GLU A 1 120 ? -9.409  -8.797  -9.464  1.00 40.17 ? 120 GLU A N   1 
ATOM   940  C CA  . GLU A 1 120 ? -10.562 -9.213  -8.748  1.00 39.76 ? 120 GLU A CA  1 
ATOM   941  C C   . GLU A 1 120 ? -11.408 -7.995  -8.494  1.00 35.25 ? 120 GLU A C   1 
ATOM   942  O O   . GLU A 1 120 ? -11.094 -6.874  -8.883  1.00 30.03 ? 120 GLU A O   1 
ATOM   943  C CB  . GLU A 1 120 ? -10.187 -9.825  -7.426  1.00 45.32 ? 120 GLU A CB  1 
ATOM   944  C CG  . GLU A 1 120 ? -9.302  -10.989 -7.586  1.00 50.58 ? 120 GLU A CG  1 
ATOM   945  C CD  . GLU A 1 120 ? -8.311  -11.071 -6.447  1.00 54.95 ? 120 GLU A CD  1 
ATOM   946  O OE1 . GLU A 1 120 ? -7.057  -11.038 -6.727  1.00 54.38 ? 120 GLU A OE1 1 
ATOM   947  O OE2 . GLU A 1 120 ? -8.817  -11.137 -5.280  1.00 55.29 ? 120 GLU A OE2 1 
ATOM   948  N N   . LYS A 1 121 ? -12.509 -8.265  -7.828  1.00 37.39 ? 121 LYS A N   1 
ATOM   949  C CA  . LYS A 1 121 ? -13.483 -7.277  -7.445  1.00 37.85 ? 121 LYS A CA  1 
ATOM   950  C C   . LYS A 1 121 ? -12.923 -6.788  -6.093  1.00 37.03 ? 121 LYS A C   1 
ATOM   951  O O   . LYS A 1 121 ? -12.152 -7.495  -5.455  1.00 34.97 ? 121 LYS A O   1 
ATOM   952  C CB  . LYS A 1 121 ? -14.813 -8.028  -7.299  1.00 39.65 ? 121 LYS A CB  1 
ATOM   953  C CG  . LYS A 1 121 ? -16.069 -7.233  -7.207  1.00 40.91 ? 121 LYS A CG  1 
ATOM   954  C CD  . LYS A 1 121 ? -17.107 -8.022  -6.433  1.00 43.69 ? 121 LYS A CD  1 
ATOM   955  C CE  . LYS A 1 121 ? -17.757 -7.159  -5.363  0.00 27.79 ? 121 LYS A CE  1 
ATOM   956  N NZ  . LYS A 1 121 ? -19.097 -7.671  -4.970  0.00 29.98 ? 121 LYS A NZ  1 
ATOM   957  N N   . CYS A 1 122 ? -13.150 -5.527  -5.759  1.00 35.62 ? 122 CYS A N   1 
ATOM   958  C CA  . CYS A 1 122 ? -12.695 -5.016  -4.474  1.00 37.68 ? 122 CYS A CA  1 
ATOM   959  C C   . CYS A 1 122 ? -13.619 -5.572  -3.429  1.00 41.65 ? 122 CYS A C   1 
ATOM   960  O O   . CYS A 1 122 ? -14.849 -5.437  -3.680  1.00 40.96 ? 122 CYS A O   1 
ATOM   961  C CB  . CYS A 1 122 ? -12.741 -3.485  -4.409  1.00 31.63 ? 122 CYS A CB  1 
ATOM   962  S SG  . CYS A 1 122 ? -11.321 -2.738  -5.268  1.00 30.44 ? 122 CYS A SG  1 
ATOM   963  O OXT . CYS A 1 122 ? -13.114 -5.684  -2.282  1.00 44.96 ? 122 CYS A OXT 1 
HETATM 964  O O   . HOH B 2 .   ? -8.913  7.106   -3.586  1.00 39.82 ? 123 HOH A O   1 
HETATM 965  O O   . HOH B 2 .   ? 7.015   -12.747 -7.063  1.00 20.06 ? 124 HOH A O   1 
HETATM 966  O O   . HOH B 2 .   ? 5.882   -15.063 -6.308  1.00 23.52 ? 125 HOH A O   1 
HETATM 967  O O   . HOH B 2 .   ? -9.956  1.304   6.494   1.00 37.29 ? 126 HOH A O   1 
HETATM 968  O O   . HOH B 2 .   ? -4.495  -6.186  14.170  1.00 57.93 ? 127 HOH A O   1 
HETATM 969  O O   . HOH B 2 .   ? 8.879   0.336   -7.395  1.00 13.61 ? 128 HOH A O   1 
HETATM 970  O O   . HOH B 2 .   ? 4.474   17.358  9.814   1.00 34.25 ? 129 HOH A O   1 
HETATM 971  O O   . HOH B 2 .   ? 6.386   -10.278 -17.476 1.00 35.47 ? 130 HOH A O   1 
HETATM 972  O O   . HOH B 2 .   ? 12.493  -5.241  7.647   1.00 39.05 ? 131 HOH A O   1 
HETATM 973  O O   . HOH B 2 .   ? 1.905   9.453   17.487  1.00 36.40 ? 132 HOH A O   1 
HETATM 974  O O   . HOH B 2 .   ? 4.023   -15.195 -8.843  1.00 49.90 ? 133 HOH A O   1 
HETATM 975  O O   . HOH B 2 .   ? -14.248 11.499  9.858   1.00 42.77 ? 134 HOH A O   1 
HETATM 976  O O   . HOH B 2 .   ? -2.019  -7.209  5.921   1.00 40.94 ? 135 HOH A O   1 
HETATM 977  O O   . HOH B 2 .   ? -4.611  0.583   14.795  1.00 20.24 ? 136 HOH A O   1 
HETATM 978  O O   . HOH B 2 .   ? -5.848  -7.064  7.284   1.00 43.91 ? 137 HOH A O   1 
HETATM 979  O O   . HOH B 2 .   ? 11.489  -2.687  -16.912 1.00 55.67 ? 138 HOH A O   1 
HETATM 980  O O   . HOH B 2 .   ? 5.518   16.309  7.661   1.00 31.75 ? 139 HOH A O   1 
HETATM 981  O O   . HOH B 2 .   ? 5.540   -12.417 -16.018 1.00 28.57 ? 140 HOH A O   1 
HETATM 982  O O   . HOH B 2 .   ? 13.735  -8.907  -0.645  1.00 52.92 ? 141 HOH A O   1 
HETATM 983  O O   . HOH B 2 .   ? -7.129  18.298  10.416  1.00 53.69 ? 142 HOH A O   1 
HETATM 984  O O   . HOH B 2 .   ? 2.331   10.410  13.878  1.00 51.13 ? 143 HOH A O   1 
HETATM 985  O O   . HOH B 2 .   ? -10.968 14.031  8.601   1.00 25.58 ? 144 HOH A O   1 
HETATM 986  O O   . HOH B 2 .   ? 6.251   1.064   21.469  1.00 36.51 ? 145 HOH A O   1 
HETATM 987  O O   . HOH B 2 .   ? -0.756  -11.655 2.021   1.00 38.60 ? 146 HOH A O   1 
HETATM 988  O O   . HOH B 2 .   ? 0.547   -13.204 4.528   1.00 59.72 ? 147 HOH A O   1 
HETATM 989  O O   . HOH B 2 .   ? -1.599  -1.691  -14.521 1.00 33.17 ? 148 HOH A O   1 
HETATM 990  O O   . HOH B 2 .   ? -3.461  7.910   4.120   1.00 16.56 ? 149 HOH A O   1 
HETATM 991  O O   . HOH B 2 .   ? 12.973  3.661   11.775  1.00 50.91 ? 150 HOH A O   1 
HETATM 992  O O   . HOH B 2 .   ? 1.913   1.676   -3.513  1.00 33.51 ? 151 HOH A O   1 
HETATM 993  O O   . HOH B 2 .   ? -8.571  17.998  7.926   1.00 52.39 ? 152 HOH A O   1 
HETATM 994  O O   . HOH B 2 .   ? 10.888  3.091   13.647  1.00 77.95 ? 153 HOH A O   1 
HETATM 995  O O   . HOH B 2 .   ? -1.096  -8.819  -15.404 1.00 35.30 ? 154 HOH A O   1 
HETATM 996  O O   . HOH B 2 .   ? 7.050   -7.034  -0.186  1.00 12.13 ? 155 HOH A O   1 
HETATM 997  O O   . HOH B 2 .   ? -0.189  -13.900 -4.849  1.00 29.01 ? 156 HOH A O   1 
HETATM 998  O O   . HOH B 2 .   ? 3.403   3.906   -3.015  1.00 49.70 ? 157 HOH A O   1 
HETATM 999  O O   . HOH B 2 .   ? 1.647   5.568   -3.588  1.00 50.06 ? 158 HOH A O   1 
HETATM 1000 O O   . HOH B 2 .   ? 11.795  -14.668 -3.637  1.00 62.81 ? 159 HOH A O   1 
HETATM 1001 O O   . HOH B 2 .   ? 9.619   -1.792  11.771  1.00 44.26 ? 160 HOH A O   1 
HETATM 1002 O O   . HOH B 2 .   ? 8.344   -12.360 3.767   1.00 45.75 ? 161 HOH A O   1 
HETATM 1003 O O   . HOH B 2 .   ? 5.029   -13.974 -0.351  1.00 30.87 ? 162 HOH A O   1 
HETATM 1004 O O   . HOH B 2 .   ? -3.625  -6.603  3.123   1.00 26.90 ? 163 HOH A O   1 
HETATM 1005 O O   . HOH B 2 .   ? -10.601 -8.617  -3.281  1.00 49.52 ? 164 HOH A O   1 
HETATM 1006 O O   . HOH B 2 .   ? 1.290   18.461  5.101   1.00 44.98 ? 165 HOH A O   1 
HETATM 1007 O O   . HOH B 2 .   ? 14.354  -5.845  2.715   1.00 37.69 ? 166 HOH A O   1 
HETATM 1008 O O   . HOH B 2 .   ? -3.937  0.215   -7.885  1.00 32.25 ? 167 HOH A O   1 
HETATM 1009 O O   . HOH B 2 .   ? 7.081   3.883   14.244  1.00 38.02 ? 168 HOH A O   1 
HETATM 1010 O O   . HOH B 2 .   ? -0.625  -10.160 -0.715  1.00 23.33 ? 169 HOH A O   1 
HETATM 1011 O O   . HOH B 2 .   ? -2.282  -13.530 -1.084  1.00 57.30 ? 170 HOH A O   1 
HETATM 1012 O O   . HOH B 2 .   ? 12.840  4.445   9.029   1.00 77.58 ? 171 HOH A O   1 
HETATM 1013 O O   . HOH B 2 .   ? 14.904  -4.420  12.292  1.00 47.53 ? 172 HOH A O   1 
HETATM 1014 O O   . HOH B 2 .   ? 8.065   3.368   20.200  1.00 71.25 ? 173 HOH A O   1 
HETATM 1015 O O   . HOH B 2 .   ? 5.524   5.225   18.775  1.00 26.38 ? 174 HOH A O   1 
HETATM 1016 O O   . HOH B 2 .   ? 3.186   2.645   23.968  1.00 77.46 ? 175 HOH A O   1 
HETATM 1017 O O   . HOH B 2 .   ? 5.522   0.595   -13.519 1.00 20.06 ? 176 HOH A O   1 
HETATM 1018 O O   . HOH B 2 .   ? -13.532 13.759  8.234   1.00 36.29 ? 177 HOH A O   1 
HETATM 1019 O O   . HOH B 2 .   ? 3.570   -14.380 -4.526  1.00 40.16 ? 178 HOH A O   1 
HETATM 1020 O O   . HOH B 2 .   ? -3.623  -2.055  15.872  1.00 28.16 ? 179 HOH A O   1 
HETATM 1021 O O   . HOH B 2 .   ? -9.747  -6.295  -1.663  1.00 44.57 ? 180 HOH A O   1 
HETATM 1022 O O   . HOH B 2 .   ? 15.530  -0.528  -1.653  1.00 31.15 ? 181 HOH A O   1 
HETATM 1023 O O   . HOH B 2 .   ? -4.988  7.494   12.990  1.00 34.30 ? 182 HOH A O   1 
HETATM 1024 O O   . HOH B 2 .   ? -4.830  6.430   20.130  1.00 47.06 ? 183 HOH A O   1 
HETATM 1025 O O   . HOH B 2 .   ? -6.261  -5.934  4.353   1.00 23.52 ? 184 HOH A O   1 
HETATM 1026 O O   . HOH B 2 .   ? -7.012  11.875  -1.531  1.00 39.63 ? 185 HOH A O   1 
HETATM 1027 O O   . HOH B 2 .   ? -13.669 1.808   14.703  1.00 50.79 ? 186 HOH A O   1 
HETATM 1028 O O   . HOH B 2 .   ? -2.300  -7.088  12.421  1.00 48.61 ? 187 HOH A O   1 
HETATM 1029 O O   . HOH B 2 .   ? -8.702  -0.311  -6.845  1.00 52.62 ? 188 HOH A O   1 
HETATM 1030 O O   . HOH B 2 .   ? 11.449  -3.874  -13.165 1.00 50.00 ? 189 HOH A O   1 
HETATM 1031 O O   . HOH B 2 .   ? 8.753   -4.936  -17.632 1.00 24.82 ? 190 HOH A O   1 
HETATM 1032 O O   . HOH B 2 .   ? 17.380  -3.173  -2.411  1.00 57.53 ? 191 HOH A O   1 
HETATM 1033 O O   . HOH B 2 .   ? 10.731  7.188   6.237   1.00 28.47 ? 192 HOH A O   1 
HETATM 1034 O O   . HOH B 2 .   ? 0.253   7.749   -5.433  1.00 34.17 ? 193 HOH A O   1 
HETATM 1035 O O   . HOH B 2 .   ? -11.156 17.541  2.073   1.00 24.06 ? 194 HOH A O   1 
HETATM 1036 O O   . HOH B 2 .   ? -6.839  -8.418  -8.273  1.00 35.65 ? 195 HOH A O   1 
HETATM 1037 O O   . HOH B 2 .   ? -4.724  -2.179  2.518   1.00 16.89 ? 196 HOH A O   1 
HETATM 1038 O O   . HOH B 2 .   ? -2.969  -4.175  1.657   1.00 15.56 ? 197 HOH A O   1 
HETATM 1039 O O   . HOH B 2 .   ? -3.110  -9.060  -0.216  1.00 55.16 ? 198 HOH A O   1 
HETATM 1040 O O   . HOH B 2 .   ? 3.027   -17.341 2.425   1.00 41.70 ? 199 HOH A O   1 
HETATM 1041 O O   . HOH B 2 .   ? -7.622  -3.023  6.874   1.00 45.13 ? 200 HOH A O   1 
HETATM 1042 O O   . HOH B 2 .   ? 4.939   3.277   -14.160 1.00 37.09 ? 201 HOH A O   1 
HETATM 1043 O O   . HOH B 2 .   ? -4.736  4.777   -9.616  1.00 40.85 ? 202 HOH A O   1 
HETATM 1044 O O   . HOH B 2 .   ? 2.274   -16.175 -2.230  1.00 52.53 ? 203 HOH A O   1 
HETATM 1045 O O   . HOH B 2 .   ? -3.694  -7.177  10.024  1.00 65.61 ? 204 HOH A O   1 
HETATM 1046 O O   . HOH B 2 .   ? 3.488   5.269   -12.648 1.00 38.10 ? 205 HOH A O   1 
HETATM 1047 O O   . HOH B 2 .   ? 16.469  -7.676  -12.055 1.00 47.87 ? 206 HOH A O   1 
HETATM 1048 O O   . HOH B 2 .   ? 3.723   11.789  9.496   1.00 38.91 ? 207 HOH A O   1 
HETATM 1049 O O   . HOH B 2 .   ? -7.644  13.133  15.676  1.00 22.45 ? 208 HOH A O   1 
HETATM 1050 O O   . HOH B 2 .   ? -7.070  -3.469  3.821   1.00 17.56 ? 209 HOH A O   1 
HETATM 1051 O O   . HOH B 2 .   ? 14.166  -6.374  -15.496 1.00 51.58 ? 210 HOH A O   1 
HETATM 1052 O O   . HOH B 2 .   ? 5.514   9.269   -8.074  1.00 41.37 ? 211 HOH A O   1 
HETATM 1053 O O   . HOH B 2 .   ? 16.646  -4.333  0.143   1.00 44.29 ? 212 HOH A O   1 
HETATM 1054 O O   . HOH B 2 .   ? -11.293 -3.858  -8.951  1.00 50.81 ? 213 HOH A O   1 
HETATM 1055 O O   . HOH B 2 .   ? -4.872  16.563  6.622   1.00 51.02 ? 214 HOH A O   1 
HETATM 1056 O O   . HOH B 2 .   ? -2.197  -7.076  -21.987 1.00 42.70 ? 215 HOH A O   1 
HETATM 1057 O O   . HOH B 2 .   ? 0.118   14.073  11.500  1.00 38.50 ? 216 HOH A O   1 
HETATM 1058 O O   . HOH B 2 .   ? -0.755  1.191   -3.792  1.00 48.29 ? 217 HOH A O   1 
HETATM 1059 O O   . HOH B 2 .   ? 5.119   7.348   14.480  1.00 43.09 ? 218 HOH A O   1 
HETATM 1060 O O   . HOH B 2 .   ? -1.772  -12.859 -6.813  1.00 51.77 ? 219 HOH A O   1 
HETATM 1061 O O   . HOH B 2 .   ? 0.985   -15.684 -6.652  1.00 56.96 ? 220 HOH A O   1 
HETATM 1062 O O   . HOH B 2 .   ? 2.571   -4.097  12.880  1.00 55.16 ? 221 HOH A O   1 
HETATM 1063 O O   . HOH B 2 .   ? -20.910 10.513  1.192   1.00 50.37 ? 222 HOH A O   1 
HETATM 1064 O O   . HOH B 2 .   ? 4.289   0.814   -20.337 1.00 69.07 ? 223 HOH A O   1 
HETATM 1065 O O   . HOH B 2 .   ? 2.294   -7.609  12.784  1.00 55.09 ? 224 HOH A O   1 
HETATM 1066 O O   . HOH B 2 .   ? -14.105 0.839   6.010   1.00 54.06 ? 225 HOH A O   1 
HETATM 1067 O O   . HOH B 2 .   ? -8.581  -4.752  -13.148 1.00 60.85 ? 226 HOH A O   1 
# 
